data_1PDN
# 
_entry.id   1PDN 
# 
_audit_conform.dict_name       mmcif_pdbx.dic 
_audit_conform.dict_version    5.386 
_audit_conform.dict_location   http://mmcif.pdb.org/dictionaries/ascii/mmcif_pdbx.dic 
# 
loop_
_database_2.database_id 
_database_2.database_code 
_database_2.pdbx_database_accession 
_database_2.pdbx_DOI 
PDB   1PDN         pdb_00001pdn 10.2210/pdb1pdn/pdb 
RCSB  PDR018       ?            ?                   
WWPDB D_1000175616 ?            ?                   
# 
loop_
_pdbx_audit_revision_history.ordinal 
_pdbx_audit_revision_history.data_content_type 
_pdbx_audit_revision_history.major_revision 
_pdbx_audit_revision_history.minor_revision 
_pdbx_audit_revision_history.revision_date 
1 'Structure model' 1 0 1995-07-31 
2 'Structure model' 1 1 2008-05-22 
3 'Structure model' 1 2 2011-07-13 
4 'Structure model' 1 3 2024-02-14 
# 
_pdbx_audit_revision_details.ordinal             1 
_pdbx_audit_revision_details.revision_ordinal    1 
_pdbx_audit_revision_details.data_content_type   'Structure model' 
_pdbx_audit_revision_details.provider            repository 
_pdbx_audit_revision_details.type                'Initial release' 
_pdbx_audit_revision_details.description         ? 
_pdbx_audit_revision_details.details             ? 
# 
loop_
_pdbx_audit_revision_group.ordinal 
_pdbx_audit_revision_group.revision_ordinal 
_pdbx_audit_revision_group.data_content_type 
_pdbx_audit_revision_group.group 
1 2 'Structure model' 'Version format compliance' 
2 3 'Structure model' 'Version format compliance' 
3 4 'Structure model' 'Data collection'           
4 4 'Structure model' 'Database references'       
# 
loop_
_pdbx_audit_revision_category.ordinal 
_pdbx_audit_revision_category.revision_ordinal 
_pdbx_audit_revision_category.data_content_type 
_pdbx_audit_revision_category.category 
1 4 'Structure model' chem_comp_atom 
2 4 'Structure model' chem_comp_bond 
3 4 'Structure model' database_2     
# 
loop_
_pdbx_audit_revision_item.ordinal 
_pdbx_audit_revision_item.revision_ordinal 
_pdbx_audit_revision_item.data_content_type 
_pdbx_audit_revision_item.item 
1 4 'Structure model' '_database_2.pdbx_DOI'                
2 4 'Structure model' '_database_2.pdbx_database_accession' 
# 
_pdbx_database_status.status_code                     REL 
_pdbx_database_status.entry_id                        1PDN 
_pdbx_database_status.recvd_initial_deposition_date   1995-05-16 
_pdbx_database_status.deposit_site                    BNL 
_pdbx_database_status.process_site                    BNL 
_pdbx_database_status.SG_entry                        . 
_pdbx_database_status.pdb_format_compatible           Y 
_pdbx_database_status.status_code_mr                  ? 
_pdbx_database_status.status_code_sf                  ? 
_pdbx_database_status.status_code_cs                  ? 
_pdbx_database_status.status_code_nmr_data            ? 
_pdbx_database_status.methods_development_category    ? 
# 
loop_
_audit_author.name 
_audit_author.pdbx_ordinal 
'Xu, W.'      1 
'Rould, M.A.' 2 
'Jun, S.'     3 
'Desplan, C.' 4 
'Pabo, C.O.'  5 
# 
_citation.id                        primary 
_citation.title                     
'Crystal structure of a paired domain-DNA complex at 2.5 A resolution reveals structural basis for Pax developmental mutations.' 
_citation.journal_abbrev            'Cell(Cambridge,Mass.)' 
_citation.journal_volume            80 
_citation.page_first                639 
_citation.page_last                 650 
_citation.year                      1995 
_citation.journal_id_ASTM           CELLB5 
_citation.country                   US 
_citation.journal_id_ISSN           0092-8674 
_citation.journal_id_CSD            0998 
_citation.book_publisher            ? 
_citation.pdbx_database_id_PubMed   7867071 
_citation.pdbx_database_id_DOI      '10.1016/0092-8674(95)90518-9' 
# 
loop_
_citation_author.citation_id 
_citation_author.name 
_citation_author.ordinal 
_citation_author.identifier_ORCID 
primary 'Xu, W.'      1 ? 
primary 'Rould, M.A.' 2 ? 
primary 'Jun, S.'     3 ? 
primary 'Desplan, C.' 4 ? 
primary 'Pabo, C.O.'  5 ? 
# 
loop_
_entity.id 
_entity.type 
_entity.src_method 
_entity.pdbx_description 
_entity.formula_weight 
_entity.pdbx_number_of_molecules 
_entity.pdbx_ec 
_entity.pdbx_mutation 
_entity.pdbx_fragment 
_entity.details 
1 polymer syn 
;DNA (5'-D(*AP*AP*CP*GP*TP*CP*AP*CP*GP*GP*TP*TP*GP*AP*C)-3')
;
4593.999  1  ? ? ? ? 
2 polymer syn 
;DNA (5'-D(*TP*TP*GP*TP*CP*AP*AP*CP*CP*GP*TP*GP*AP*CP*G)-3')
;
4584.984  1  ? ? ? ? 
3 polymer man 'PROTEIN (PRD PAIRED)'                                        14204.399 1  ? ? ? ? 
4 water   nat water                                                         18.015    13 ? ? ? ? 
# 
loop_
_entity_poly.entity_id 
_entity_poly.type 
_entity_poly.nstd_linkage 
_entity_poly.nstd_monomer 
_entity_poly.pdbx_seq_one_letter_code 
_entity_poly.pdbx_seq_one_letter_code_can 
_entity_poly.pdbx_strand_id 
_entity_poly.pdbx_target_identifier 
1 polydeoxyribonucleotide no no '(DA)(DA)(DC)(DG)(DT)(DC)(DA)(DC)(DG)(DG)(DT)(DT)(DG)(DA)(DC)' AACGTCACGGTTGAC A ? 
2 polydeoxyribonucleotide no no '(DT)(DT)(DG)(DT)(DC)(DA)(DA)(DC)(DC)(DG)(DT)(DG)(DA)(DC)(DG)' TTGTCAACCGTGACG B ? 
3 'polypeptide(L)'        no no 
;GQGRVNQLGGVFINGRPLPNNIRLKIVEMAADGIRPCVISRQLRVSHGCVSKILNRYQETGSIRPGVIGGSKPRIATPEI
ENRIEEYKRSSPGMFSWEIREKLIREGVCDRSTAPSVSAISRLVRGRD
;
;GQGRVNQLGGVFINGRPLPNNIRLKIVEMAADGIRPCVISRQLRVSHGCVSKILNRYQETGSIRPGVIGGSKPRIATPEI
ENRIEEYKRSSPGMFSWEIREKLIREGVCDRSTAPSVSAISRLVRGRD
;
C ? 
# 
_pdbx_entity_nonpoly.entity_id   4 
_pdbx_entity_nonpoly.name        water 
_pdbx_entity_nonpoly.comp_id     HOH 
# 
loop_
_entity_poly_seq.entity_id 
_entity_poly_seq.num 
_entity_poly_seq.mon_id 
_entity_poly_seq.hetero 
1 1   DA  n 
1 2   DA  n 
1 3   DC  n 
1 4   DG  n 
1 5   DT  n 
1 6   DC  n 
1 7   DA  n 
1 8   DC  n 
1 9   DG  n 
1 10  DG  n 
1 11  DT  n 
1 12  DT  n 
1 13  DG  n 
1 14  DA  n 
1 15  DC  n 
2 1   DT  n 
2 2   DT  n 
2 3   DG  n 
2 4   DT  n 
2 5   DC  n 
2 6   DA  n 
2 7   DA  n 
2 8   DC  n 
2 9   DC  n 
2 10  DG  n 
2 11  DT  n 
2 12  DG  n 
2 13  DA  n 
2 14  DC  n 
2 15  DG  n 
3 1   GLY n 
3 2   GLN n 
3 3   GLY n 
3 4   ARG n 
3 5   VAL n 
3 6   ASN n 
3 7   GLN n 
3 8   LEU n 
3 9   GLY n 
3 10  GLY n 
3 11  VAL n 
3 12  PHE n 
3 13  ILE n 
3 14  ASN n 
3 15  GLY n 
3 16  ARG n 
3 17  PRO n 
3 18  LEU n 
3 19  PRO n 
3 20  ASN n 
3 21  ASN n 
3 22  ILE n 
3 23  ARG n 
3 24  LEU n 
3 25  LYS n 
3 26  ILE n 
3 27  VAL n 
3 28  GLU n 
3 29  MET n 
3 30  ALA n 
3 31  ALA n 
3 32  ASP n 
3 33  GLY n 
3 34  ILE n 
3 35  ARG n 
3 36  PRO n 
3 37  CYS n 
3 38  VAL n 
3 39  ILE n 
3 40  SER n 
3 41  ARG n 
3 42  GLN n 
3 43  LEU n 
3 44  ARG n 
3 45  VAL n 
3 46  SER n 
3 47  HIS n 
3 48  GLY n 
3 49  CYS n 
3 50  VAL n 
3 51  SER n 
3 52  LYS n 
3 53  ILE n 
3 54  LEU n 
3 55  ASN n 
3 56  ARG n 
3 57  TYR n 
3 58  GLN n 
3 59  GLU n 
3 60  THR n 
3 61  GLY n 
3 62  SER n 
3 63  ILE n 
3 64  ARG n 
3 65  PRO n 
3 66  GLY n 
3 67  VAL n 
3 68  ILE n 
3 69  GLY n 
3 70  GLY n 
3 71  SER n 
3 72  LYS n 
3 73  PRO n 
3 74  ARG n 
3 75  ILE n 
3 76  ALA n 
3 77  THR n 
3 78  PRO n 
3 79  GLU n 
3 80  ILE n 
3 81  GLU n 
3 82  ASN n 
3 83  ARG n 
3 84  ILE n 
3 85  GLU n 
3 86  GLU n 
3 87  TYR n 
3 88  LYS n 
3 89  ARG n 
3 90  SER n 
3 91  SER n 
3 92  PRO n 
3 93  GLY n 
3 94  MET n 
3 95  PHE n 
3 96  SER n 
3 97  TRP n 
3 98  GLU n 
3 99  ILE n 
3 100 ARG n 
3 101 GLU n 
3 102 LYS n 
3 103 LEU n 
3 104 ILE n 
3 105 ARG n 
3 106 GLU n 
3 107 GLY n 
3 108 VAL n 
3 109 CYS n 
3 110 ASP n 
3 111 ARG n 
3 112 SER n 
3 113 THR n 
3 114 ALA n 
3 115 PRO n 
3 116 SER n 
3 117 VAL n 
3 118 SER n 
3 119 ALA n 
3 120 ILE n 
3 121 SER n 
3 122 ARG n 
3 123 LEU n 
3 124 VAL n 
3 125 ARG n 
3 126 GLY n 
3 127 ARG n 
3 128 ASP n 
# 
_entity_src_gen.entity_id                          3 
_entity_src_gen.pdbx_src_id                        1 
_entity_src_gen.pdbx_alt_source_flag               sample 
_entity_src_gen.pdbx_seq_type                      ? 
_entity_src_gen.pdbx_beg_seq_num                   ? 
_entity_src_gen.pdbx_end_seq_num                   ? 
_entity_src_gen.gene_src_common_name               'fruit fly' 
_entity_src_gen.gene_src_genus                     Drosophila 
_entity_src_gen.pdbx_gene_src_gene                 PRD 
_entity_src_gen.gene_src_species                   ? 
_entity_src_gen.gene_src_strain                    ? 
_entity_src_gen.gene_src_tissue                    ? 
_entity_src_gen.gene_src_tissue_fraction           ? 
_entity_src_gen.gene_src_details                   ? 
_entity_src_gen.pdbx_gene_src_fragment             ? 
_entity_src_gen.pdbx_gene_src_scientific_name      'Drosophila melanogaster' 
_entity_src_gen.pdbx_gene_src_ncbi_taxonomy_id     7227 
_entity_src_gen.pdbx_gene_src_variant              ? 
_entity_src_gen.pdbx_gene_src_cell_line            ? 
_entity_src_gen.pdbx_gene_src_atcc                 ? 
_entity_src_gen.pdbx_gene_src_organ                ? 
_entity_src_gen.pdbx_gene_src_organelle            ? 
_entity_src_gen.pdbx_gene_src_cell                 ? 
_entity_src_gen.pdbx_gene_src_cellular_location    ? 
_entity_src_gen.host_org_common_name               'BL21(DE3)' 
_entity_src_gen.pdbx_host_org_scientific_name      'BL21(DE3)' 
_entity_src_gen.pdbx_host_org_ncbi_taxonomy_id     ? 
_entity_src_gen.host_org_genus                     ? 
_entity_src_gen.pdbx_host_org_gene                 PRD 
_entity_src_gen.pdbx_host_org_organ                ? 
_entity_src_gen.host_org_species                   ? 
_entity_src_gen.pdbx_host_org_tissue               ? 
_entity_src_gen.pdbx_host_org_tissue_fraction      ? 
_entity_src_gen.pdbx_host_org_strain               ? 
_entity_src_gen.pdbx_host_org_variant              ? 
_entity_src_gen.pdbx_host_org_cell_line            ? 
_entity_src_gen.pdbx_host_org_atcc                 ? 
_entity_src_gen.pdbx_host_org_culture_collection   ? 
_entity_src_gen.pdbx_host_org_cell                 ? 
_entity_src_gen.pdbx_host_org_organelle            ? 
_entity_src_gen.pdbx_host_org_cellular_location    ? 
_entity_src_gen.pdbx_host_org_vector_type          ? 
_entity_src_gen.pdbx_host_org_vector               ? 
_entity_src_gen.host_org_details                   ? 
_entity_src_gen.expression_system_id               ? 
_entity_src_gen.plasmid_name                       PET14BPRDPDB 
_entity_src_gen.plasmid_details                    ? 
_entity_src_gen.pdbx_description                   ? 
# 
loop_
_chem_comp.id 
_chem_comp.type 
_chem_comp.mon_nstd_flag 
_chem_comp.name 
_chem_comp.pdbx_synonyms 
_chem_comp.formula 
_chem_comp.formula_weight 
ALA 'L-peptide linking' y ALANINE                              ? 'C3 H7 N O2'      89.093  
ARG 'L-peptide linking' y ARGININE                             ? 'C6 H15 N4 O2 1'  175.209 
ASN 'L-peptide linking' y ASPARAGINE                           ? 'C4 H8 N2 O3'     132.118 
ASP 'L-peptide linking' y 'ASPARTIC ACID'                      ? 'C4 H7 N O4'      133.103 
CYS 'L-peptide linking' y CYSTEINE                             ? 'C3 H7 N O2 S'    121.158 
DA  'DNA linking'       y "2'-DEOXYADENOSINE-5'-MONOPHOSPHATE" ? 'C10 H14 N5 O6 P' 331.222 
DC  'DNA linking'       y "2'-DEOXYCYTIDINE-5'-MONOPHOSPHATE"  ? 'C9 H14 N3 O7 P'  307.197 
DG  'DNA linking'       y "2'-DEOXYGUANOSINE-5'-MONOPHOSPHATE" ? 'C10 H14 N5 O7 P' 347.221 
DT  'DNA linking'       y "THYMIDINE-5'-MONOPHOSPHATE"         ? 'C10 H15 N2 O8 P' 322.208 
GLN 'L-peptide linking' y GLUTAMINE                            ? 'C5 H10 N2 O3'    146.144 
GLU 'L-peptide linking' y 'GLUTAMIC ACID'                      ? 'C5 H9 N O4'      147.129 
GLY 'peptide linking'   y GLYCINE                              ? 'C2 H5 N O2'      75.067  
HIS 'L-peptide linking' y HISTIDINE                            ? 'C6 H10 N3 O2 1'  156.162 
HOH non-polymer         . WATER                                ? 'H2 O'            18.015  
ILE 'L-peptide linking' y ISOLEUCINE                           ? 'C6 H13 N O2'     131.173 
LEU 'L-peptide linking' y LEUCINE                              ? 'C6 H13 N O2'     131.173 
LYS 'L-peptide linking' y LYSINE                               ? 'C6 H15 N2 O2 1'  147.195 
MET 'L-peptide linking' y METHIONINE                           ? 'C5 H11 N O2 S'   149.211 
PHE 'L-peptide linking' y PHENYLALANINE                        ? 'C9 H11 N O2'     165.189 
PRO 'L-peptide linking' y PROLINE                              ? 'C5 H9 N O2'      115.130 
SER 'L-peptide linking' y SERINE                               ? 'C3 H7 N O3'      105.093 
THR 'L-peptide linking' y THREONINE                            ? 'C4 H9 N O3'      119.119 
TRP 'L-peptide linking' y TRYPTOPHAN                           ? 'C11 H12 N2 O2'   204.225 
TYR 'L-peptide linking' y TYROSINE                             ? 'C9 H11 N O3'     181.189 
VAL 'L-peptide linking' y VALINE                               ? 'C5 H11 N O2'     117.146 
# 
loop_
_pdbx_poly_seq_scheme.asym_id 
_pdbx_poly_seq_scheme.entity_id 
_pdbx_poly_seq_scheme.seq_id 
_pdbx_poly_seq_scheme.mon_id 
_pdbx_poly_seq_scheme.ndb_seq_num 
_pdbx_poly_seq_scheme.pdb_seq_num 
_pdbx_poly_seq_scheme.auth_seq_num 
_pdbx_poly_seq_scheme.pdb_mon_id 
_pdbx_poly_seq_scheme.auth_mon_id 
_pdbx_poly_seq_scheme.pdb_strand_id 
_pdbx_poly_seq_scheme.pdb_ins_code 
_pdbx_poly_seq_scheme.hetero 
A 1 1   DA  1   1   1   DA  A   A . n 
A 1 2   DA  2   2   2   DA  A   A . n 
A 1 3   DC  3   3   3   DC  C   A . n 
A 1 4   DG  4   4   4   DG  G   A . n 
A 1 5   DT  5   5   5   DT  T   A . n 
A 1 6   DC  6   6   6   DC  C   A . n 
A 1 7   DA  7   7   7   DA  A   A . n 
A 1 8   DC  8   8   8   DC  C   A . n 
A 1 9   DG  9   9   9   DG  G   A . n 
A 1 10  DG  10  10  10  DG  G   A . n 
A 1 11  DT  11  11  11  DT  T   A . n 
A 1 12  DT  12  12  12  DT  T   A . n 
A 1 13  DG  13  13  13  DG  G   A . n 
A 1 14  DA  14  14  14  DA  A   A . n 
A 1 15  DC  15  15  15  DC  C   A . n 
B 2 1   DT  1   16  16  DT  T   B . n 
B 2 2   DT  2   17  17  DT  T   B . n 
B 2 3   DG  3   18  18  DG  G   B . n 
B 2 4   DT  4   19  19  DT  T   B . n 
B 2 5   DC  5   20  20  DC  C   B . n 
B 2 6   DA  6   21  21  DA  A   B . n 
B 2 7   DA  7   22  22  DA  A   B . n 
B 2 8   DC  8   23  23  DC  C   B . n 
B 2 9   DC  9   24  24  DC  C   B . n 
B 2 10  DG  10  25  25  DG  G   B . n 
B 2 11  DT  11  26  26  DT  T   B . n 
B 2 12  DG  12  27  27  DG  G   B . n 
B 2 13  DA  13  28  28  DA  A   B . n 
B 2 14  DC  14  29  29  DC  C   B . n 
B 2 15  DG  15  30  30  DG  G   B . n 
C 3 1   GLY 1   1   ?   ?   ?   C . n 
C 3 2   GLN 2   2   2   GLN GLN C . n 
C 3 3   GLY 3   3   3   GLY GLY C . n 
C 3 4   ARG 4   4   4   ARG ARG C . n 
C 3 5   VAL 5   5   5   VAL VAL C . n 
C 3 6   ASN 6   6   6   ASN ASN C . n 
C 3 7   GLN 7   7   7   GLN GLN C . n 
C 3 8   LEU 8   8   8   LEU LEU C . n 
C 3 9   GLY 9   9   9   GLY GLY C . n 
C 3 10  GLY 10  10  10  GLY GLY C . n 
C 3 11  VAL 11  11  11  VAL VAL C . n 
C 3 12  PHE 12  12  12  PHE PHE C . n 
C 3 13  ILE 13  13  13  ILE ILE C . n 
C 3 14  ASN 14  14  14  ASN ASN C . n 
C 3 15  GLY 15  15  15  GLY GLY C . n 
C 3 16  ARG 16  16  16  ARG ARG C . n 
C 3 17  PRO 17  17  17  PRO PRO C . n 
C 3 18  LEU 18  18  18  LEU LEU C . n 
C 3 19  PRO 19  19  19  PRO PRO C . n 
C 3 20  ASN 20  20  20  ASN ASN C . n 
C 3 21  ASN 21  21  21  ASN ASN C . n 
C 3 22  ILE 22  22  22  ILE ILE C . n 
C 3 23  ARG 23  23  23  ARG ARG C . n 
C 3 24  LEU 24  24  24  LEU LEU C . n 
C 3 25  LYS 25  25  25  LYS LYS C . n 
C 3 26  ILE 26  26  26  ILE ILE C . n 
C 3 27  VAL 27  27  27  VAL VAL C . n 
C 3 28  GLU 28  28  28  GLU GLU C . n 
C 3 29  MET 29  29  29  MET MET C . n 
C 3 30  ALA 30  30  30  ALA ALA C . n 
C 3 31  ALA 31  31  31  ALA ALA C . n 
C 3 32  ASP 32  32  32  ASP ASP C . n 
C 3 33  GLY 33  33  33  GLY GLY C . n 
C 3 34  ILE 34  34  34  ILE ILE C . n 
C 3 35  ARG 35  35  35  ARG ARG C . n 
C 3 36  PRO 36  36  36  PRO PRO C . n 
C 3 37  CYS 37  37  37  CYS CYS C . n 
C 3 38  VAL 38  38  38  VAL VAL C . n 
C 3 39  ILE 39  39  39  ILE ILE C . n 
C 3 40  SER 40  40  40  SER SER C . n 
C 3 41  ARG 41  41  41  ARG ARG C . n 
C 3 42  GLN 42  42  42  GLN GLN C . n 
C 3 43  LEU 43  43  43  LEU LEU C . n 
C 3 44  ARG 44  44  44  ARG ARG C . n 
C 3 45  VAL 45  45  45  VAL VAL C . n 
C 3 46  SER 46  46  46  SER SER C . n 
C 3 47  HIS 47  47  47  HIS HIS C . n 
C 3 48  GLY 48  48  48  GLY GLY C . n 
C 3 49  CYS 49  49  49  CYS CYS C . n 
C 3 50  VAL 50  50  50  VAL VAL C . n 
C 3 51  SER 51  51  51  SER SER C . n 
C 3 52  LYS 52  52  52  LYS LYS C . n 
C 3 53  ILE 53  53  53  ILE ILE C . n 
C 3 54  LEU 54  54  54  LEU LEU C . n 
C 3 55  ASN 55  55  55  ASN ASN C . n 
C 3 56  ARG 56  56  56  ARG ARG C . n 
C 3 57  TYR 57  57  57  TYR TYR C . n 
C 3 58  GLN 58  58  58  GLN GLN C . n 
C 3 59  GLU 59  59  59  GLU GLU C . n 
C 3 60  THR 60  60  60  THR THR C . n 
C 3 61  GLY 61  61  61  GLY GLY C . n 
C 3 62  SER 62  62  62  SER SER C . n 
C 3 63  ILE 63  63  63  ILE ILE C . n 
C 3 64  ARG 64  64  64  ARG ARG C . n 
C 3 65  PRO 65  65  65  PRO PRO C . n 
C 3 66  GLY 66  66  66  GLY GLY C . n 
C 3 67  VAL 67  67  67  VAL VAL C . n 
C 3 68  ILE 68  68  68  ILE ILE C . n 
C 3 69  GLY 69  69  69  GLY GLY C . n 
C 3 70  GLY 70  70  70  GLY GLY C . n 
C 3 71  SER 71  71  71  SER SER C . n 
C 3 72  LYS 72  72  72  LYS LYS C . n 
C 3 73  PRO 73  73  73  PRO PRO C . n 
C 3 74  ARG 74  74  74  ARG ARG C . n 
C 3 75  ILE 75  75  75  ILE ILE C . n 
C 3 76  ALA 76  76  76  ALA ALA C . n 
C 3 77  THR 77  77  77  THR THR C . n 
C 3 78  PRO 78  78  78  PRO PRO C . n 
C 3 79  GLU 79  79  79  GLU GLU C . n 
C 3 80  ILE 80  80  80  ILE ILE C . n 
C 3 81  GLU 81  81  81  GLU GLU C . n 
C 3 82  ASN 82  82  82  ASN ASN C . n 
C 3 83  ARG 83  83  83  ARG ARG C . n 
C 3 84  ILE 84  84  84  ILE ILE C . n 
C 3 85  GLU 85  85  85  GLU GLU C . n 
C 3 86  GLU 86  86  86  GLU GLU C . n 
C 3 87  TYR 87  87  87  TYR TYR C . n 
C 3 88  LYS 88  88  88  LYS LYS C . n 
C 3 89  ARG 89  89  89  ARG ARG C . n 
C 3 90  SER 90  90  90  SER SER C . n 
C 3 91  SER 91  91  91  SER SER C . n 
C 3 92  PRO 92  92  92  PRO PRO C . n 
C 3 93  GLY 93  93  93  GLY GLY C . n 
C 3 94  MET 94  94  94  MET MET C . n 
C 3 95  PHE 95  95  95  PHE PHE C . n 
C 3 96  SER 96  96  96  SER SER C . n 
C 3 97  TRP 97  97  97  TRP TRP C . n 
C 3 98  GLU 98  98  98  GLU GLU C . n 
C 3 99  ILE 99  99  99  ILE ILE C . n 
C 3 100 ARG 100 100 100 ARG ARG C . n 
C 3 101 GLU 101 101 101 GLU GLU C . n 
C 3 102 LYS 102 102 102 LYS LYS C . n 
C 3 103 LEU 103 103 103 LEU LEU C . n 
C 3 104 ILE 104 104 104 ILE ILE C . n 
C 3 105 ARG 105 105 105 ARG ARG C . n 
C 3 106 GLU 106 106 106 GLU GLU C . n 
C 3 107 GLY 107 107 107 GLY GLY C . n 
C 3 108 VAL 108 108 108 VAL VAL C . n 
C 3 109 CYS 109 109 109 CYS CYS C . n 
C 3 110 ASP 110 110 110 ASP ASP C . n 
C 3 111 ARG 111 111 111 ARG ARG C . n 
C 3 112 SER 112 112 112 SER SER C . n 
C 3 113 THR 113 113 113 THR THR C . n 
C 3 114 ALA 114 114 114 ALA ALA C . n 
C 3 115 PRO 115 115 115 PRO PRO C . n 
C 3 116 SER 116 116 116 SER SER C . n 
C 3 117 VAL 117 117 117 VAL VAL C . n 
C 3 118 SER 118 118 118 SER SER C . n 
C 3 119 ALA 119 119 119 ALA ALA C . n 
C 3 120 ILE 120 120 120 ILE ILE C . n 
C 3 121 SER 121 121 121 SER SER C . n 
C 3 122 ARG 122 122 122 ARG ARG C . n 
C 3 123 LEU 123 123 123 LEU LEU C . n 
C 3 124 VAL 124 124 124 VAL VAL C . n 
C 3 125 ARG 125 125 ?   ?   ?   C . n 
C 3 126 GLY 126 126 ?   ?   ?   C . n 
C 3 127 ARG 127 127 ?   ?   ?   C . n 
C 3 128 ASP 128 128 ?   ?   ?   C . n 
# 
loop_
_pdbx_nonpoly_scheme.asym_id 
_pdbx_nonpoly_scheme.entity_id 
_pdbx_nonpoly_scheme.mon_id 
_pdbx_nonpoly_scheme.ndb_seq_num 
_pdbx_nonpoly_scheme.pdb_seq_num 
_pdbx_nonpoly_scheme.auth_seq_num 
_pdbx_nonpoly_scheme.pdb_mon_id 
_pdbx_nonpoly_scheme.auth_mon_id 
_pdbx_nonpoly_scheme.pdb_strand_id 
_pdbx_nonpoly_scheme.pdb_ins_code 
D 4 HOH 1 1004 1004 HOH HOH B . 
D 4 HOH 2 1005 1005 HOH HOH B . 
D 4 HOH 3 1006 1006 HOH HOH B . 
D 4 HOH 4 1007 1007 HOH HOH B . 
D 4 HOH 5 1010 1010 HOH HOH B . 
D 4 HOH 6 1012 1012 HOH HOH B . 
D 4 HOH 7 1013 1013 HOH HOH B . 
E 4 HOH 1 1001 1001 HOH HOH C . 
E 4 HOH 2 1002 1002 HOH HOH C . 
E 4 HOH 3 1003 1003 HOH HOH C . 
E 4 HOH 4 1008 1008 HOH HOH C . 
E 4 HOH 5 1009 1009 HOH HOH C . 
E 4 HOH 6 1011 1011 HOH HOH C . 
# 
loop_
_pdbx_unobs_or_zero_occ_atoms.id 
_pdbx_unobs_or_zero_occ_atoms.PDB_model_num 
_pdbx_unobs_or_zero_occ_atoms.polymer_flag 
_pdbx_unobs_or_zero_occ_atoms.occupancy_flag 
_pdbx_unobs_or_zero_occ_atoms.auth_asym_id 
_pdbx_unobs_or_zero_occ_atoms.auth_comp_id 
_pdbx_unobs_or_zero_occ_atoms.auth_seq_id 
_pdbx_unobs_or_zero_occ_atoms.PDB_ins_code 
_pdbx_unobs_or_zero_occ_atoms.auth_atom_id 
_pdbx_unobs_or_zero_occ_atoms.label_alt_id 
_pdbx_unobs_or_zero_occ_atoms.label_asym_id 
_pdbx_unobs_or_zero_occ_atoms.label_comp_id 
_pdbx_unobs_or_zero_occ_atoms.label_seq_id 
_pdbx_unobs_or_zero_occ_atoms.label_atom_id 
1  1 Y 1 C SER 71  ? OG  ? C SER 71  OG  
2  1 Y 1 C LYS 72  ? CG  ? C LYS 72  CG  
3  1 Y 1 C LYS 72  ? CD  ? C LYS 72  CD  
4  1 Y 1 C LYS 72  ? CE  ? C LYS 72  CE  
5  1 Y 1 C LYS 72  ? NZ  ? C LYS 72  NZ  
6  1 Y 1 C PRO 73  ? CG  ? C PRO 73  CG  
7  1 Y 1 C PRO 73  ? CD  ? C PRO 73  CD  
8  1 Y 1 C ILE 75  ? CG1 ? C ILE 75  CG1 
9  1 Y 1 C ILE 75  ? CG2 ? C ILE 75  CG2 
10 1 Y 1 C ILE 75  ? CD1 ? C ILE 75  CD1 
11 1 Y 1 C THR 77  ? OG1 ? C THR 77  OG1 
12 1 Y 1 C THR 77  ? CG2 ? C THR 77  CG2 
13 1 Y 1 C PRO 78  ? CG  ? C PRO 78  CG  
14 1 Y 1 C PRO 78  ? CD  ? C PRO 78  CD  
15 1 Y 1 C GLU 81  ? CG  ? C GLU 81  CG  
16 1 Y 1 C GLU 81  ? CD  ? C GLU 81  CD  
17 1 Y 1 C GLU 81  ? OE1 ? C GLU 81  OE1 
18 1 Y 1 C GLU 81  ? OE2 ? C GLU 81  OE2 
19 1 Y 1 C TYR 87  ? CG  ? C TYR 87  CG  
20 1 Y 1 C TYR 87  ? CD1 ? C TYR 87  CD1 
21 1 Y 1 C TYR 87  ? CD2 ? C TYR 87  CD2 
22 1 Y 1 C TYR 87  ? CE1 ? C TYR 87  CE1 
23 1 Y 1 C TYR 87  ? CE2 ? C TYR 87  CE2 
24 1 Y 1 C TYR 87  ? CZ  ? C TYR 87  CZ  
25 1 Y 1 C TYR 87  ? OH  ? C TYR 87  OH  
26 1 Y 1 C ARG 89  ? CG  ? C ARG 89  CG  
27 1 Y 1 C ARG 89  ? CD  ? C ARG 89  CD  
28 1 Y 1 C ARG 89  ? NE  ? C ARG 89  NE  
29 1 Y 1 C ARG 89  ? CZ  ? C ARG 89  CZ  
30 1 Y 1 C ARG 89  ? NH1 ? C ARG 89  NH1 
31 1 Y 1 C ARG 89  ? NH2 ? C ARG 89  NH2 
32 1 Y 1 C SER 90  ? OG  ? C SER 90  OG  
33 1 Y 1 C SER 91  ? OG  ? C SER 91  OG  
34 1 Y 1 C PRO 92  ? CG  ? C PRO 92  CG  
35 1 Y 1 C PRO 92  ? CD  ? C PRO 92  CD  
36 1 Y 1 C ARG 122 ? CG  ? C ARG 122 CG  
37 1 Y 1 C ARG 122 ? CD  ? C ARG 122 CD  
38 1 Y 1 C ARG 122 ? NE  ? C ARG 122 NE  
39 1 Y 1 C ARG 122 ? CZ  ? C ARG 122 CZ  
40 1 Y 1 C ARG 122 ? NH1 ? C ARG 122 NH1 
41 1 Y 1 C ARG 122 ? NH2 ? C ARG 122 NH2 
42 1 Y 1 C VAL 124 ? CG1 ? C VAL 124 CG1 
43 1 Y 1 C VAL 124 ? CG2 ? C VAL 124 CG2 
# 
loop_
_software.name 
_software.classification 
_software.version 
_software.citation_id 
_software.pdbx_ordinal 
X-PLOR refinement       . ? 1 
DENZO  'data reduction' . ? 2 
# 
_cell.entry_id           1PDN 
_cell.length_a           39.600 
_cell.length_b           68.600 
_cell.length_c           100.500 
_cell.angle_alpha        90.00 
_cell.angle_beta         90.00 
_cell.angle_gamma        90.00 
_cell.Z_PDB              4 
_cell.pdbx_unique_axis   ? 
# 
_symmetry.entry_id                         1PDN 
_symmetry.space_group_name_H-M             'P 21 21 21' 
_symmetry.pdbx_full_space_group_name_H-M   ? 
_symmetry.cell_setting                     ? 
_symmetry.Int_Tables_number                19 
# 
_exptl.entry_id          1PDN 
_exptl.method            'X-RAY DIFFRACTION' 
_exptl.crystals_number   ? 
# 
_exptl_crystal.id                    1 
_exptl_crystal.density_meas          ? 
_exptl_crystal.density_Matthews      3.82 
_exptl_crystal.density_percent_sol   68.0000 
_exptl_crystal.description           ? 
# 
_exptl_crystal_grow.crystal_id      1 
_exptl_crystal_grow.method          'VAPOR DIFFUSION, HANGING DROP' 
_exptl_crystal_grow.temp            ? 
_exptl_crystal_grow.temp_details    ? 
_exptl_crystal_grow.pH              7.00 
_exptl_crystal_grow.pdbx_details    'pH 7.00, VAPOR DIFFUSION, HANGING DROP' 
_exptl_crystal_grow.pdbx_pH_range   ? 
# 
loop_
_exptl_crystal_grow_comp.crystal_id 
_exptl_crystal_grow_comp.id 
_exptl_crystal_grow_comp.sol_id 
_exptl_crystal_grow_comp.name 
_exptl_crystal_grow_comp.volume 
_exptl_crystal_grow_comp.conc 
_exptl_crystal_grow_comp.details 
1 1  1 WATER            ? ? ? 
1 2  1 BIS-TRIS-PROPANE ? ? ? 
1 3  1 'PEG 1000'       ? ? ? 
1 4  1 'NH4 ACETATE'    ? ? ? 
1 5  1 MGCL2            ? ? ? 
1 6  1 EDTA             ? ? ? 
1 7  1 DTT              ? ? ? 
1 8  2 WATER            ? ? ? 
1 9  2 'PEG 1000'       ? ? ? 
1 10 2 DTT              ? ? ? 
# 
_diffrn.id                     1 
_diffrn.ambient_temp           ? 
_diffrn.ambient_temp_details   'ROOM TEMPERATURE' 
_diffrn.crystal_id             1 
# 
_diffrn_detector.diffrn_id              1 
_diffrn_detector.detector               'IMAGE PLATE' 
_diffrn_detector.type                   'RIGAKU RAXIS' 
_diffrn_detector.pdbx_collection_date   1993-02-01 
_diffrn_detector.details                ? 
# 
_diffrn_radiation.diffrn_id                        1 
_diffrn_radiation.wavelength_id                    1 
_diffrn_radiation.pdbx_monochromatic_or_laue_m_l   M 
_diffrn_radiation.monochromator                    ? 
_diffrn_radiation.pdbx_diffrn_protocol             'SINGLE WAVELENGTH' 
_diffrn_radiation.pdbx_scattering_type             x-ray 
# 
_diffrn_radiation_wavelength.id           1 
_diffrn_radiation_wavelength.wavelength   1.5418 
_diffrn_radiation_wavelength.wt           1.0 
# 
_diffrn_source.diffrn_id                   1 
_diffrn_source.source                      ? 
_diffrn_source.type                        ? 
_diffrn_source.pdbx_synchrotron_site       ? 
_diffrn_source.pdbx_synchrotron_beamline   ? 
_diffrn_source.pdbx_wavelength             ? 
_diffrn_source.pdbx_wavelength_list        1.5418 
# 
_reflns.entry_id                     1PDN 
_reflns.observed_criterion_sigma_I   ? 
_reflns.observed_criterion_sigma_F   ? 
_reflns.d_resolution_low             20.000 
_reflns.d_resolution_high            2.500 
_reflns.number_obs                   9285 
_reflns.number_all                   40156 
_reflns.percent_possible_obs         ? 
_reflns.pdbx_Rmerge_I_obs            0.0750000 
_reflns.pdbx_Rsym_value              ? 
_reflns.pdbx_netI_over_sigmaI        ? 
_reflns.B_iso_Wilson_estimate        ? 
_reflns.pdbx_redundancy              4.680 
_reflns.R_free_details               ? 
_reflns.pdbx_diffrn_id               1 
_reflns.pdbx_ordinal                 1 
# 
_refine.entry_id                                 1PDN 
_refine.ls_number_reflns_obs                     9285 
_refine.ls_number_reflns_all                     ? 
_refine.pdbx_ls_sigma_I                          ? 
_refine.pdbx_ls_sigma_F                          0.000 
_refine.pdbx_data_cutoff_high_absF               ? 
_refine.pdbx_data_cutoff_low_absF                ? 
_refine.pdbx_data_cutoff_high_rms_absF           ? 
_refine.ls_d_res_low                             20.000 
_refine.ls_d_res_high                            2.500 
_refine.ls_percent_reflns_obs                    92.500 
_refine.ls_R_factor_obs                          0.2340000 
_refine.ls_R_factor_all                          ? 
_refine.ls_R_factor_R_work                       0.2340000 
_refine.ls_R_factor_R_free                       0.2840000 
_refine.ls_R_factor_R_free_error                 ? 
_refine.ls_R_factor_R_free_error_details         ? 
_refine.ls_percent_reflns_R_free                 10.00 
_refine.ls_number_reflns_R_free                  ? 
_refine.ls_number_parameters                     ? 
_refine.ls_number_restraints                     ? 
_refine.occupancy_min                            ? 
_refine.occupancy_max                            ? 
_refine.B_iso_mean                               ? 
_refine.aniso_B[1][1]                            ? 
_refine.aniso_B[2][2]                            ? 
_refine.aniso_B[3][3]                            ? 
_refine.aniso_B[1][2]                            ? 
_refine.aniso_B[1][3]                            ? 
_refine.aniso_B[2][3]                            ? 
_refine.solvent_model_details                    ? 
_refine.solvent_model_param_ksol                 ? 
_refine.solvent_model_param_bsol                 ? 
_refine.pdbx_ls_cross_valid_method               ? 
_refine.details                                  ? 
_refine.pdbx_starting_model                      ? 
_refine.pdbx_method_to_determine_struct          ? 
_refine.pdbx_isotropic_thermal_model             ? 
_refine.pdbx_stereochemistry_target_values       ? 
_refine.pdbx_stereochem_target_val_spec_case     ? 
_refine.pdbx_R_Free_selection_details            ? 
_refine.pdbx_overall_ESU_R                       ? 
_refine.pdbx_overall_ESU_R_Free                  ? 
_refine.overall_SU_ML                            ? 
_refine.overall_SU_B                             ? 
_refine.ls_redundancy_reflns_obs                 ? 
_refine.pdbx_refine_id                           'X-RAY DIFFRACTION' 
_refine.pdbx_diffrn_id                           1 
_refine.pdbx_TLS_residual_ADP_flag               ? 
_refine.correlation_coeff_Fo_to_Fc               ? 
_refine.correlation_coeff_Fo_to_Fc_free          ? 
_refine.pdbx_solvent_vdw_probe_radii             ? 
_refine.pdbx_solvent_ion_probe_radii             ? 
_refine.pdbx_solvent_shrinkage_radii             ? 
_refine.pdbx_overall_phase_error                 ? 
_refine.overall_SU_R_Cruickshank_DPI             ? 
_refine.pdbx_overall_SU_R_free_Cruickshank_DPI   ? 
_refine.pdbx_overall_SU_R_Blow_DPI               ? 
_refine.pdbx_overall_SU_R_free_Blow_DPI          ? 
# 
_refine_hist.pdbx_refine_id                   'X-RAY DIFFRACTION' 
_refine_hist.cycle_id                         LAST 
_refine_hist.pdbx_number_atoms_protein        912 
_refine_hist.pdbx_number_atoms_nucleic_acid   609 
_refine_hist.pdbx_number_atoms_ligand         0 
_refine_hist.number_atoms_solvent             13 
_refine_hist.number_atoms_total               1534 
_refine_hist.d_res_high                       2.500 
_refine_hist.d_res_low                        20.000 
# 
loop_
_refine_ls_restr.type 
_refine_ls_restr.dev_ideal 
_refine_ls_restr.dev_ideal_target 
_refine_ls_restr.weight 
_refine_ls_restr.number 
_refine_ls_restr.pdbx_refine_id 
_refine_ls_restr.pdbx_restraint_function 
x_bond_d                0.017 ? ? ? 'X-RAY DIFFRACTION' ? 
x_bond_d_na             ?     ? ? ? 'X-RAY DIFFRACTION' ? 
x_bond_d_prot           ?     ? ? ? 'X-RAY DIFFRACTION' ? 
x_angle_d               ?     ? ? ? 'X-RAY DIFFRACTION' ? 
x_angle_d_na            ?     ? ? ? 'X-RAY DIFFRACTION' ? 
x_angle_d_prot          ?     ? ? ? 'X-RAY DIFFRACTION' ? 
x_angle_deg             3.50  ? ? ? 'X-RAY DIFFRACTION' ? 
x_angle_deg_na          ?     ? ? ? 'X-RAY DIFFRACTION' ? 
x_angle_deg_prot        ?     ? ? ? 'X-RAY DIFFRACTION' ? 
x_dihedral_angle_d      28.4  ? ? ? 'X-RAY DIFFRACTION' ? 
x_dihedral_angle_d_na   ?     ? ? ? 'X-RAY DIFFRACTION' ? 
x_dihedral_angle_d_prot ?     ? ? ? 'X-RAY DIFFRACTION' ? 
x_improper_angle_d      0.80  ? ? ? 'X-RAY DIFFRACTION' ? 
x_improper_angle_d_na   ?     ? ? ? 'X-RAY DIFFRACTION' ? 
x_improper_angle_d_prot ?     ? ? ? 'X-RAY DIFFRACTION' ? 
x_mcbond_it             ?     ? ? ? 'X-RAY DIFFRACTION' ? 
x_mcangle_it            ?     ? ? ? 'X-RAY DIFFRACTION' ? 
x_scbond_it             ?     ? ? ? 'X-RAY DIFFRACTION' ? 
x_scangle_it            ?     ? ? ? 'X-RAY DIFFRACTION' ? 
# 
_struct.entry_id                  1PDN 
_struct.title                     
;CRYSTAL STRUCTURE OF A PAIRED DOMAIN-DNA COMPLEX AT 2.5 ANGSTROMS RESOLUTION REVEALS STRUCTURAL BASIS FOR PAX DEVELOPMENTAL MUTATIONS
;
_struct.pdbx_model_details        ? 
_struct.pdbx_CASP_flag            ? 
_struct.pdbx_model_type_details   ? 
# 
_struct_keywords.entry_id        1PDN 
_struct_keywords.pdbx_keywords   'GENE REGULATION/DNA' 
_struct_keywords.text            
'PROTEIN-DNA COMPLEX, DOUBLE HELIX, PAX, PRD, PAIRED DOMAIN, DNA-BINDING PROTEIN, GENE REGULATION-DNA COMPLEX' 
# 
loop_
_struct_asym.id 
_struct_asym.pdbx_blank_PDB_chainid_flag 
_struct_asym.pdbx_modified 
_struct_asym.entity_id 
_struct_asym.details 
A N N 1 ? 
B N N 2 ? 
C N N 3 ? 
D N N 4 ? 
E N N 4 ? 
# 
loop_
_struct_ref.id 
_struct_ref.db_name 
_struct_ref.db_code 
_struct_ref.entity_id 
_struct_ref.pdbx_db_accession 
_struct_ref.pdbx_db_isoform 
_struct_ref.pdbx_seq_one_letter_code 
_struct_ref.pdbx_align_begin 
1 UNP PRD_DROME 3 P06601 ? ? ? 
2 PDB 1PDN      1 1PDN   ? ? ? 
3 PDB 1PDN      2 1PDN   ? ? ? 
# 
loop_
_struct_ref_seq.align_id 
_struct_ref_seq.ref_id 
_struct_ref_seq.pdbx_PDB_id_code 
_struct_ref_seq.pdbx_strand_id 
_struct_ref_seq.seq_align_beg 
_struct_ref_seq.pdbx_seq_align_beg_ins_code 
_struct_ref_seq.seq_align_end 
_struct_ref_seq.pdbx_seq_align_end_ins_code 
_struct_ref_seq.pdbx_db_accession 
_struct_ref_seq.db_align_beg 
_struct_ref_seq.pdbx_db_align_beg_ins_code 
_struct_ref_seq.db_align_end 
_struct_ref_seq.pdbx_db_align_end_ins_code 
_struct_ref_seq.pdbx_auth_seq_align_beg 
_struct_ref_seq.pdbx_auth_seq_align_end 
1 1 1PDN C 1 ? 128 ? P06601 27 ? 154 ? 1  128 
2 2 1PDN A 1 ? 15  ? 1PDN   1  ? 15  ? 1  15  
3 3 1PDN B 1 ? 15  ? 1PDN   16 ? 30  ? 16 30  
# 
_pdbx_struct_assembly.id                   1 
_pdbx_struct_assembly.details              author_defined_assembly 
_pdbx_struct_assembly.method_details       ? 
_pdbx_struct_assembly.oligomeric_details   trimeric 
_pdbx_struct_assembly.oligomeric_count     3 
# 
_pdbx_struct_assembly_gen.assembly_id       1 
_pdbx_struct_assembly_gen.oper_expression   1 
_pdbx_struct_assembly_gen.asym_id_list      A,B,C,D,E 
# 
_pdbx_struct_oper_list.id                   1 
_pdbx_struct_oper_list.type                 'identity operation' 
_pdbx_struct_oper_list.name                 1_555 
_pdbx_struct_oper_list.symmetry_operation   x,y,z 
_pdbx_struct_oper_list.matrix[1][1]         1.0000000000 
_pdbx_struct_oper_list.matrix[1][2]         0.0000000000 
_pdbx_struct_oper_list.matrix[1][3]         0.0000000000 
_pdbx_struct_oper_list.vector[1]            0.0000000000 
_pdbx_struct_oper_list.matrix[2][1]         0.0000000000 
_pdbx_struct_oper_list.matrix[2][2]         1.0000000000 
_pdbx_struct_oper_list.matrix[2][3]         0.0000000000 
_pdbx_struct_oper_list.vector[2]            0.0000000000 
_pdbx_struct_oper_list.matrix[3][1]         0.0000000000 
_pdbx_struct_oper_list.matrix[3][2]         0.0000000000 
_pdbx_struct_oper_list.matrix[3][3]         1.0000000000 
_pdbx_struct_oper_list.vector[3]            0.0000000000 
# 
_struct_biol.id   1 
# 
loop_
_struct_conf.conf_type_id 
_struct_conf.id 
_struct_conf.pdbx_PDB_helix_id 
_struct_conf.beg_label_comp_id 
_struct_conf.beg_label_asym_id 
_struct_conf.beg_label_seq_id 
_struct_conf.pdbx_beg_PDB_ins_code 
_struct_conf.end_label_comp_id 
_struct_conf.end_label_asym_id 
_struct_conf.end_label_seq_id 
_struct_conf.pdbx_end_PDB_ins_code 
_struct_conf.beg_auth_comp_id 
_struct_conf.beg_auth_asym_id 
_struct_conf.beg_auth_seq_id 
_struct_conf.end_auth_comp_id 
_struct_conf.end_auth_asym_id 
_struct_conf.end_auth_seq_id 
_struct_conf.pdbx_PDB_helix_class 
_struct_conf.details 
_struct_conf.pdbx_PDB_helix_length 
HELX_P HELX_P1 1 ASN C 20  ? ASP C 32  ? ASN C 20  ASP C 32  1 ? 13 
HELX_P HELX_P2 2 PRO C 36  ? LEU C 43  ? PRO C 36  LEU C 43  1 ? 8  
HELX_P HELX_P3 3 HIS C 47  ? THR C 60  ? HIS C 47  THR C 60  1 ? 14 
HELX_P HELX_P4 4 ILE C 80  ? GLU C 86  ? ILE C 80  GLU C 86  1 ? 7  
HELX_P HELX_P5 5 SER C 96  ? ARG C 105 ? SER C 96  ARG C 105 1 ? 10 
HELX_P HELX_P6 6 VAL C 117 ? LEU C 123 ? VAL C 117 LEU C 123 1 ? 7  
# 
_struct_conf_type.id          HELX_P 
_struct_conf_type.criteria    ? 
_struct_conf_type.reference   ? 
# 
loop_
_struct_conn.id 
_struct_conn.conn_type_id 
_struct_conn.pdbx_leaving_atom_flag 
_struct_conn.pdbx_PDB_id 
_struct_conn.ptnr1_label_asym_id 
_struct_conn.ptnr1_label_comp_id 
_struct_conn.ptnr1_label_seq_id 
_struct_conn.ptnr1_label_atom_id 
_struct_conn.pdbx_ptnr1_label_alt_id 
_struct_conn.pdbx_ptnr1_PDB_ins_code 
_struct_conn.pdbx_ptnr1_standard_comp_id 
_struct_conn.ptnr1_symmetry 
_struct_conn.ptnr2_label_asym_id 
_struct_conn.ptnr2_label_comp_id 
_struct_conn.ptnr2_label_seq_id 
_struct_conn.ptnr2_label_atom_id 
_struct_conn.pdbx_ptnr2_label_alt_id 
_struct_conn.pdbx_ptnr2_PDB_ins_code 
_struct_conn.ptnr1_auth_asym_id 
_struct_conn.ptnr1_auth_comp_id 
_struct_conn.ptnr1_auth_seq_id 
_struct_conn.ptnr2_auth_asym_id 
_struct_conn.ptnr2_auth_comp_id 
_struct_conn.ptnr2_auth_seq_id 
_struct_conn.ptnr2_symmetry 
_struct_conn.pdbx_ptnr3_label_atom_id 
_struct_conn.pdbx_ptnr3_label_seq_id 
_struct_conn.pdbx_ptnr3_label_comp_id 
_struct_conn.pdbx_ptnr3_label_asym_id 
_struct_conn.pdbx_ptnr3_label_alt_id 
_struct_conn.pdbx_ptnr3_PDB_ins_code 
_struct_conn.details 
_struct_conn.pdbx_dist_value 
_struct_conn.pdbx_value_order 
_struct_conn.pdbx_role 
hydrog1  hydrog ? ? A DC 3  N3 ? ? ? 1_555 B DG 15 N1 ? ? A DC 3  B DG 30 1_555 ? ? ? ? ? ? WATSON-CRICK ? ? ? 
hydrog2  hydrog ? ? A DC 3  N4 ? ? ? 1_555 B DG 15 O6 ? ? A DC 3  B DG 30 1_555 ? ? ? ? ? ? WATSON-CRICK ? ? ? 
hydrog3  hydrog ? ? A DC 3  O2 ? ? ? 1_555 B DG 15 N2 ? ? A DC 3  B DG 30 1_555 ? ? ? ? ? ? WATSON-CRICK ? ? ? 
hydrog4  hydrog ? ? A DG 4  N1 ? ? ? 1_555 B DC 14 N3 ? ? A DG 4  B DC 29 1_555 ? ? ? ? ? ? WATSON-CRICK ? ? ? 
hydrog5  hydrog ? ? A DG 4  N2 ? ? ? 1_555 B DC 14 O2 ? ? A DG 4  B DC 29 1_555 ? ? ? ? ? ? WATSON-CRICK ? ? ? 
hydrog6  hydrog ? ? A DG 4  O6 ? ? ? 1_555 B DC 14 N4 ? ? A DG 4  B DC 29 1_555 ? ? ? ? ? ? WATSON-CRICK ? ? ? 
hydrog7  hydrog ? ? A DT 5  N3 ? ? ? 1_555 B DA 13 N1 ? ? A DT 5  B DA 28 1_555 ? ? ? ? ? ? WATSON-CRICK ? ? ? 
hydrog8  hydrog ? ? A DT 5  O4 ? ? ? 1_555 B DA 13 N6 ? ? A DT 5  B DA 28 1_555 ? ? ? ? ? ? WATSON-CRICK ? ? ? 
hydrog9  hydrog ? ? A DC 6  N3 ? ? ? 1_555 B DG 12 N1 ? ? A DC 6  B DG 27 1_555 ? ? ? ? ? ? WATSON-CRICK ? ? ? 
hydrog10 hydrog ? ? A DC 6  N4 ? ? ? 1_555 B DG 12 O6 ? ? A DC 6  B DG 27 1_555 ? ? ? ? ? ? WATSON-CRICK ? ? ? 
hydrog11 hydrog ? ? A DC 6  O2 ? ? ? 1_555 B DG 12 N2 ? ? A DC 6  B DG 27 1_555 ? ? ? ? ? ? WATSON-CRICK ? ? ? 
hydrog12 hydrog ? ? A DA 7  N1 ? ? ? 1_555 B DT 11 N3 ? ? A DA 7  B DT 26 1_555 ? ? ? ? ? ? WATSON-CRICK ? ? ? 
hydrog13 hydrog ? ? A DA 7  N6 ? ? ? 1_555 B DT 11 O4 ? ? A DA 7  B DT 26 1_555 ? ? ? ? ? ? WATSON-CRICK ? ? ? 
hydrog14 hydrog ? ? A DC 8  N3 ? ? ? 1_555 B DG 10 N1 ? ? A DC 8  B DG 25 1_555 ? ? ? ? ? ? WATSON-CRICK ? ? ? 
hydrog15 hydrog ? ? A DC 8  N4 ? ? ? 1_555 B DG 10 O6 ? ? A DC 8  B DG 25 1_555 ? ? ? ? ? ? WATSON-CRICK ? ? ? 
hydrog16 hydrog ? ? A DC 8  O2 ? ? ? 1_555 B DG 10 N2 ? ? A DC 8  B DG 25 1_555 ? ? ? ? ? ? WATSON-CRICK ? ? ? 
hydrog17 hydrog ? ? A DG 9  N1 ? ? ? 1_555 B DC 9  N3 ? ? A DG 9  B DC 24 1_555 ? ? ? ? ? ? WATSON-CRICK ? ? ? 
hydrog18 hydrog ? ? A DG 9  N2 ? ? ? 1_555 B DC 9  O2 ? ? A DG 9  B DC 24 1_555 ? ? ? ? ? ? WATSON-CRICK ? ? ? 
hydrog19 hydrog ? ? A DG 9  O6 ? ? ? 1_555 B DC 9  N4 ? ? A DG 9  B DC 24 1_555 ? ? ? ? ? ? WATSON-CRICK ? ? ? 
hydrog20 hydrog ? ? A DG 10 N1 ? ? ? 1_555 B DC 8  N3 ? ? A DG 10 B DC 23 1_555 ? ? ? ? ? ? WATSON-CRICK ? ? ? 
hydrog21 hydrog ? ? A DG 10 N2 ? ? ? 1_555 B DC 8  O2 ? ? A DG 10 B DC 23 1_555 ? ? ? ? ? ? WATSON-CRICK ? ? ? 
hydrog22 hydrog ? ? A DG 10 O6 ? ? ? 1_555 B DC 8  N4 ? ? A DG 10 B DC 23 1_555 ? ? ? ? ? ? WATSON-CRICK ? ? ? 
hydrog23 hydrog ? ? A DT 11 N3 ? ? ? 1_555 B DA 7  N1 ? ? A DT 11 B DA 22 1_555 ? ? ? ? ? ? WATSON-CRICK ? ? ? 
hydrog24 hydrog ? ? A DT 11 O4 ? ? ? 1_555 B DA 7  N6 ? ? A DT 11 B DA 22 1_555 ? ? ? ? ? ? WATSON-CRICK ? ? ? 
hydrog25 hydrog ? ? A DT 12 N3 ? ? ? 1_555 B DA 6  N1 ? ? A DT 12 B DA 21 1_555 ? ? ? ? ? ? WATSON-CRICK ? ? ? 
hydrog26 hydrog ? ? A DT 12 O4 ? ? ? 1_555 B DA 6  N6 ? ? A DT 12 B DA 21 1_555 ? ? ? ? ? ? WATSON-CRICK ? ? ? 
hydrog27 hydrog ? ? A DG 13 N1 ? ? ? 1_555 B DC 5  N3 ? ? A DG 13 B DC 20 1_555 ? ? ? ? ? ? WATSON-CRICK ? ? ? 
hydrog28 hydrog ? ? A DG 13 N2 ? ? ? 1_555 B DC 5  O2 ? ? A DG 13 B DC 20 1_555 ? ? ? ? ? ? WATSON-CRICK ? ? ? 
hydrog29 hydrog ? ? A DG 13 O6 ? ? ? 1_555 B DC 5  N4 ? ? A DG 13 B DC 20 1_555 ? ? ? ? ? ? WATSON-CRICK ? ? ? 
hydrog30 hydrog ? ? A DA 14 N1 ? ? ? 1_555 B DT 4  N3 ? ? A DA 14 B DT 19 1_555 ? ? ? ? ? ? WATSON-CRICK ? ? ? 
hydrog31 hydrog ? ? A DA 14 N6 ? ? ? 1_555 B DT 4  O4 ? ? A DA 14 B DT 19 1_555 ? ? ? ? ? ? WATSON-CRICK ? ? ? 
hydrog32 hydrog ? ? A DC 15 N3 ? ? ? 1_555 B DG 3  N1 ? ? A DC 15 B DG 18 1_555 ? ? ? ? ? ? WATSON-CRICK ? ? ? 
hydrog33 hydrog ? ? A DC 15 N4 ? ? ? 1_555 B DG 3  O6 ? ? A DC 15 B DG 18 1_555 ? ? ? ? ? ? WATSON-CRICK ? ? ? 
hydrog34 hydrog ? ? A DC 15 O2 ? ? ? 1_555 B DG 3  N2 ? ? A DC 15 B DG 18 1_555 ? ? ? ? ? ? WATSON-CRICK ? ? ? 
# 
_struct_conn_type.id          hydrog 
_struct_conn_type.criteria    ? 
_struct_conn_type.reference   ? 
# 
_struct_sheet.id               A 
_struct_sheet.type             ? 
_struct_sheet.number_strands   2 
_struct_sheet.details          ? 
# 
_struct_sheet_order.sheet_id     A 
_struct_sheet_order.range_id_1   1 
_struct_sheet_order.range_id_2   2 
_struct_sheet_order.offset       ? 
_struct_sheet_order.sense        anti-parallel 
# 
loop_
_struct_sheet_range.sheet_id 
_struct_sheet_range.id 
_struct_sheet_range.beg_label_comp_id 
_struct_sheet_range.beg_label_asym_id 
_struct_sheet_range.beg_label_seq_id 
_struct_sheet_range.pdbx_beg_PDB_ins_code 
_struct_sheet_range.end_label_comp_id 
_struct_sheet_range.end_label_asym_id 
_struct_sheet_range.end_label_seq_id 
_struct_sheet_range.pdbx_end_PDB_ins_code 
_struct_sheet_range.beg_auth_comp_id 
_struct_sheet_range.beg_auth_asym_id 
_struct_sheet_range.beg_auth_seq_id 
_struct_sheet_range.end_auth_comp_id 
_struct_sheet_range.end_auth_asym_id 
_struct_sheet_range.end_auth_seq_id 
A 1 GLY C 3  ? VAL C 5  ? GLY C 3  VAL C 5  
A 2 VAL C 11 ? ILE C 13 ? VAL C 11 ILE C 13 
# 
_pdbx_struct_sheet_hbond.sheet_id                A 
_pdbx_struct_sheet_hbond.range_id_1              1 
_pdbx_struct_sheet_hbond.range_id_2              2 
_pdbx_struct_sheet_hbond.range_1_label_atom_id   O 
_pdbx_struct_sheet_hbond.range_1_label_comp_id   ARG 
_pdbx_struct_sheet_hbond.range_1_label_asym_id   C 
_pdbx_struct_sheet_hbond.range_1_label_seq_id    4 
_pdbx_struct_sheet_hbond.range_1_PDB_ins_code    ? 
_pdbx_struct_sheet_hbond.range_1_auth_atom_id    O 
_pdbx_struct_sheet_hbond.range_1_auth_comp_id    ARG 
_pdbx_struct_sheet_hbond.range_1_auth_asym_id    C 
_pdbx_struct_sheet_hbond.range_1_auth_seq_id     4 
_pdbx_struct_sheet_hbond.range_2_label_atom_id   N 
_pdbx_struct_sheet_hbond.range_2_label_comp_id   PHE 
_pdbx_struct_sheet_hbond.range_2_label_asym_id   C 
_pdbx_struct_sheet_hbond.range_2_label_seq_id    12 
_pdbx_struct_sheet_hbond.range_2_PDB_ins_code    ? 
_pdbx_struct_sheet_hbond.range_2_auth_atom_id    N 
_pdbx_struct_sheet_hbond.range_2_auth_comp_id    PHE 
_pdbx_struct_sheet_hbond.range_2_auth_asym_id    C 
_pdbx_struct_sheet_hbond.range_2_auth_seq_id     12 
# 
loop_
_pdbx_validate_rmsd_bond.id 
_pdbx_validate_rmsd_bond.PDB_model_num 
_pdbx_validate_rmsd_bond.auth_atom_id_1 
_pdbx_validate_rmsd_bond.auth_asym_id_1 
_pdbx_validate_rmsd_bond.auth_comp_id_1 
_pdbx_validate_rmsd_bond.auth_seq_id_1 
_pdbx_validate_rmsd_bond.PDB_ins_code_1 
_pdbx_validate_rmsd_bond.label_alt_id_1 
_pdbx_validate_rmsd_bond.auth_atom_id_2 
_pdbx_validate_rmsd_bond.auth_asym_id_2 
_pdbx_validate_rmsd_bond.auth_comp_id_2 
_pdbx_validate_rmsd_bond.auth_seq_id_2 
_pdbx_validate_rmsd_bond.PDB_ins_code_2 
_pdbx_validate_rmsd_bond.label_alt_id_2 
_pdbx_validate_rmsd_bond.bond_value 
_pdbx_validate_rmsd_bond.bond_target_value 
_pdbx_validate_rmsd_bond.bond_deviation 
_pdbx_validate_rmsd_bond.bond_standard_deviation 
_pdbx_validate_rmsd_bond.linker_flag 
1 1 "C5'" A DA 1  ? ? "C4'" A DA 1  ? ? 1.557 1.512 0.045  0.007 N 
2 1 N9    A DA 1  ? ? C4    A DA 1  ? ? 1.330 1.374 -0.044 0.006 N 
3 1 C5    B DT 17 ? ? C7    B DT 17 ? ? 1.543 1.496 0.047  0.006 N 
4 1 "C3'" B DC 23 ? ? "C2'" B DC 23 ? ? 1.467 1.516 -0.049 0.008 N 
5 1 "O3'" B DC 23 ? ? "C3'" B DC 23 ? ? 1.380 1.419 -0.039 0.006 N 
6 1 "O3'" B DC 24 ? ? "C3'" B DC 24 ? ? 1.374 1.419 -0.045 0.006 N 
7 1 C6    B DT 26 ? ? N1    B DT 26 ? ? 1.334 1.378 -0.044 0.007 N 
# 
loop_
_pdbx_validate_rmsd_angle.id 
_pdbx_validate_rmsd_angle.PDB_model_num 
_pdbx_validate_rmsd_angle.auth_atom_id_1 
_pdbx_validate_rmsd_angle.auth_asym_id_1 
_pdbx_validate_rmsd_angle.auth_comp_id_1 
_pdbx_validate_rmsd_angle.auth_seq_id_1 
_pdbx_validate_rmsd_angle.PDB_ins_code_1 
_pdbx_validate_rmsd_angle.label_alt_id_1 
_pdbx_validate_rmsd_angle.auth_atom_id_2 
_pdbx_validate_rmsd_angle.auth_asym_id_2 
_pdbx_validate_rmsd_angle.auth_comp_id_2 
_pdbx_validate_rmsd_angle.auth_seq_id_2 
_pdbx_validate_rmsd_angle.PDB_ins_code_2 
_pdbx_validate_rmsd_angle.label_alt_id_2 
_pdbx_validate_rmsd_angle.auth_atom_id_3 
_pdbx_validate_rmsd_angle.auth_asym_id_3 
_pdbx_validate_rmsd_angle.auth_comp_id_3 
_pdbx_validate_rmsd_angle.auth_seq_id_3 
_pdbx_validate_rmsd_angle.PDB_ins_code_3 
_pdbx_validate_rmsd_angle.label_alt_id_3 
_pdbx_validate_rmsd_angle.angle_value 
_pdbx_validate_rmsd_angle.angle_target_value 
_pdbx_validate_rmsd_angle.angle_deviation 
_pdbx_validate_rmsd_angle.angle_standard_deviation 
_pdbx_validate_rmsd_angle.linker_flag 
1  1 C2    A DA  1  ? ? N3    A DA  1  ? ? C4    A DA  1  ? ? 105.38 110.60 -5.22  0.50 N 
2  1 C5    A DA  1  ? ? C6    A DA  1  ? ? N1    A DA  1  ? ? 114.55 117.70 -3.15  0.50 N 
3  1 N3    A DA  1  ? ? C4    A DA  1  ? ? N9    A DA  1  ? ? 122.48 127.40 -4.92  0.80 N 
4  1 "C1'" A DA  2  ? ? "O4'" A DA  2  ? ? "C4'" A DA  2  ? ? 97.76  110.10 -12.34 1.00 N 
5  1 "O4'" A DA  2  ? ? "C1'" A DA  2  ? ? "C2'" A DA  2  ? ? 100.37 105.90 -5.53  0.80 N 
6  1 "O4'" A DC  3  ? ? "C1'" A DC  3  ? ? N1    A DC  3  ? ? 111.08 108.30 2.78   0.30 N 
7  1 N1    A DC  3  ? ? C2    A DC  3  ? ? O2    A DC  3  ? ? 123.11 118.90 4.21   0.60 N 
8  1 N3    A DC  3  ? ? C2    A DC  3  ? ? O2    A DC  3  ? ? 117.21 121.90 -4.69  0.70 N 
9  1 "O4'" A DG  4  ? ? "C1'" A DG  4  ? ? N9    A DG  4  ? ? 110.87 108.30 2.57   0.30 N 
10 1 C6    A DT  5  ? ? C5    A DT  5  ? ? C7    A DT  5  ? ? 118.84 122.90 -4.06  0.60 N 
11 1 "C3'" A DC  6  ? ? "O3'" A DC  6  ? ? P     A DA  7  ? ? 127.84 119.70 8.14   1.20 Y 
12 1 "O4'" A DA  7  ? ? "C1'" A DA  7  ? ? N9    A DA  7  ? ? 102.98 108.00 -5.02  0.70 N 
13 1 "O4'" A DC  8  ? ? "C1'" A DC  8  ? ? "C2'" A DC  8  ? ? 101.09 105.90 -4.81  0.80 N 
14 1 "C1'" A DG  10 ? ? "O4'" A DG  10 ? ? "C4'" A DG  10 ? ? 103.49 110.10 -6.61  1.00 N 
15 1 "C4'" A DG  10 ? ? "C3'" A DG  10 ? ? "C2'" A DG  10 ? ? 97.40  102.20 -4.80  0.70 N 
16 1 C6    A DT  11 ? ? C5    A DT  11 ? ? C7    A DT  11 ? ? 118.26 122.90 -4.64  0.60 N 
17 1 "O4'" A DC  15 ? ? "C1'" A DC  15 ? ? N1    A DC  15 ? ? 110.86 108.30 2.56   0.30 N 
18 1 "O4'" B DT  16 ? ? "C4'" B DT  16 ? ? "C3'" B DT  16 ? ? 109.69 106.00 3.69   0.60 N 
19 1 "O4'" B DT  16 ? ? "C1'" B DT  16 ? ? N1    B DT  16 ? ? 110.13 108.30 1.83   0.30 N 
20 1 "O4'" B DT  17 ? ? "C1'" B DT  17 ? ? "C2'" B DT  17 ? ? 100.74 105.90 -5.16  0.80 N 
21 1 N3    B DT  17 ? ? C2    B DT  17 ? ? O2    B DT  17 ? ? 116.96 122.30 -5.34  0.60 N 
22 1 C4    B DT  19 ? ? C5    B DT  19 ? ? C6    B DT  19 ? ? 122.10 118.00 4.10   0.60 N 
23 1 "O4'" B DA  21 ? ? "C1'" B DA  21 ? ? N9    B DA  21 ? ? 110.26 108.30 1.96   0.30 N 
24 1 "C4'" B DA  22 ? ? "C3'" B DA  22 ? ? "C2'" B DA  22 ? ? 95.83  102.20 -6.37  0.70 N 
25 1 "O4'" B DA  22 ? ? "C1'" B DA  22 ? ? N9    B DA  22 ? ? 110.86 108.30 2.56   0.30 N 
26 1 "O4'" B DC  23 ? ? "C1'" B DC  23 ? ? "C2'" B DC  23 ? ? 100.47 105.90 -5.43  0.80 N 
27 1 "O4'" B DC  23 ? ? "C1'" B DC  23 ? ? N1    B DC  23 ? ? 112.76 108.30 4.46   0.30 N 
28 1 "O4'" B DC  24 ? ? "C4'" B DC  24 ? ? "C3'" B DC  24 ? ? 101.31 104.50 -3.19  0.40 N 
29 1 "O4'" B DG  25 ? ? "C1'" B DG  25 ? ? N9    B DG  25 ? ? 110.60 108.30 2.30   0.30 N 
30 1 C8    B DG  25 ? ? N9    B DG  25 ? ? C4    B DG  25 ? ? 103.43 106.40 -2.97  0.40 N 
31 1 N9    B DG  25 ? ? C4    B DG  25 ? ? C5    B DG  25 ? ? 107.86 105.40 2.46   0.40 N 
32 1 "C3'" B DG  25 ? ? "O3'" B DG  25 ? ? P     B DT  26 ? ? 126.95 119.70 7.25   1.20 Y 
33 1 C4    B DT  26 ? ? C5    B DT  26 ? ? C6    B DT  26 ? ? 121.89 118.00 3.89   0.60 N 
34 1 N3    B DT  26 ? ? C2    B DT  26 ? ? O2    B DT  26 ? ? 117.51 122.30 -4.79  0.60 N 
35 1 "O4'" B DG  27 ? ? "C1'" B DG  27 ? ? "C2'" B DG  27 ? ? 100.32 105.90 -5.58  0.80 N 
36 1 "O4'" B DA  28 ? ? "C1'" B DA  28 ? ? N9    B DA  28 ? ? 111.94 108.30 3.64   0.30 N 
37 1 "O4'" B DC  29 ? ? "C1'" B DC  29 ? ? N1    B DC  29 ? ? 110.76 108.30 2.46   0.30 N 
38 1 N     C PRO 78 ? ? CA    C PRO 78 ? ? CB    C PRO 78 ? ? 112.24 103.30 8.94   1.20 N 
# 
loop_
_pdbx_validate_torsion.id 
_pdbx_validate_torsion.PDB_model_num 
_pdbx_validate_torsion.auth_comp_id 
_pdbx_validate_torsion.auth_asym_id 
_pdbx_validate_torsion.auth_seq_id 
_pdbx_validate_torsion.PDB_ins_code 
_pdbx_validate_torsion.label_alt_id 
_pdbx_validate_torsion.phi 
_pdbx_validate_torsion.psi 
1 1 ARG C 44 ? ? 72.34   38.68   
2 1 ALA C 76 ? ? -101.81 66.18   
3 1 PRO C 78 ? ? 110.68  -173.95 
4 1 TYR C 87 ? ? -81.78  35.48   
5 1 SER C 91 ? ? 18.80   -88.62  
# 
loop_
_pdbx_unobs_or_zero_occ_residues.id 
_pdbx_unobs_or_zero_occ_residues.PDB_model_num 
_pdbx_unobs_or_zero_occ_residues.polymer_flag 
_pdbx_unobs_or_zero_occ_residues.occupancy_flag 
_pdbx_unobs_or_zero_occ_residues.auth_asym_id 
_pdbx_unobs_or_zero_occ_residues.auth_comp_id 
_pdbx_unobs_or_zero_occ_residues.auth_seq_id 
_pdbx_unobs_or_zero_occ_residues.PDB_ins_code 
_pdbx_unobs_or_zero_occ_residues.label_asym_id 
_pdbx_unobs_or_zero_occ_residues.label_comp_id 
_pdbx_unobs_or_zero_occ_residues.label_seq_id 
1 1 Y 1 C GLY 1   ? C GLY 1   
2 1 Y 1 C ARG 125 ? C ARG 125 
3 1 Y 1 C GLY 126 ? C GLY 126 
4 1 Y 1 C ARG 127 ? C ARG 127 
5 1 Y 1 C ASP 128 ? C ASP 128 
# 
loop_
_chem_comp_atom.comp_id 
_chem_comp_atom.atom_id 
_chem_comp_atom.type_symbol 
_chem_comp_atom.pdbx_aromatic_flag 
_chem_comp_atom.pdbx_stereo_config 
_chem_comp_atom.pdbx_ordinal 
ALA N      N N N 1   
ALA CA     C N S 2   
ALA C      C N N 3   
ALA O      O N N 4   
ALA CB     C N N 5   
ALA OXT    O N N 6   
ALA H      H N N 7   
ALA H2     H N N 8   
ALA HA     H N N 9   
ALA HB1    H N N 10  
ALA HB2    H N N 11  
ALA HB3    H N N 12  
ALA HXT    H N N 13  
ARG N      N N N 14  
ARG CA     C N S 15  
ARG C      C N N 16  
ARG O      O N N 17  
ARG CB     C N N 18  
ARG CG     C N N 19  
ARG CD     C N N 20  
ARG NE     N N N 21  
ARG CZ     C N N 22  
ARG NH1    N N N 23  
ARG NH2    N N N 24  
ARG OXT    O N N 25  
ARG H      H N N 26  
ARG H2     H N N 27  
ARG HA     H N N 28  
ARG HB2    H N N 29  
ARG HB3    H N N 30  
ARG HG2    H N N 31  
ARG HG3    H N N 32  
ARG HD2    H N N 33  
ARG HD3    H N N 34  
ARG HE     H N N 35  
ARG HH11   H N N 36  
ARG HH12   H N N 37  
ARG HH21   H N N 38  
ARG HH22   H N N 39  
ARG HXT    H N N 40  
ASN N      N N N 41  
ASN CA     C N S 42  
ASN C      C N N 43  
ASN O      O N N 44  
ASN CB     C N N 45  
ASN CG     C N N 46  
ASN OD1    O N N 47  
ASN ND2    N N N 48  
ASN OXT    O N N 49  
ASN H      H N N 50  
ASN H2     H N N 51  
ASN HA     H N N 52  
ASN HB2    H N N 53  
ASN HB3    H N N 54  
ASN HD21   H N N 55  
ASN HD22   H N N 56  
ASN HXT    H N N 57  
ASP N      N N N 58  
ASP CA     C N S 59  
ASP C      C N N 60  
ASP O      O N N 61  
ASP CB     C N N 62  
ASP CG     C N N 63  
ASP OD1    O N N 64  
ASP OD2    O N N 65  
ASP OXT    O N N 66  
ASP H      H N N 67  
ASP H2     H N N 68  
ASP HA     H N N 69  
ASP HB2    H N N 70  
ASP HB3    H N N 71  
ASP HD2    H N N 72  
ASP HXT    H N N 73  
CYS N      N N N 74  
CYS CA     C N R 75  
CYS C      C N N 76  
CYS O      O N N 77  
CYS CB     C N N 78  
CYS SG     S N N 79  
CYS OXT    O N N 80  
CYS H      H N N 81  
CYS H2     H N N 82  
CYS HA     H N N 83  
CYS HB2    H N N 84  
CYS HB3    H N N 85  
CYS HG     H N N 86  
CYS HXT    H N N 87  
DA  OP3    O N N 88  
DA  P      P N N 89  
DA  OP1    O N N 90  
DA  OP2    O N N 91  
DA  "O5'"  O N N 92  
DA  "C5'"  C N N 93  
DA  "C4'"  C N R 94  
DA  "O4'"  O N N 95  
DA  "C3'"  C N S 96  
DA  "O3'"  O N N 97  
DA  "C2'"  C N N 98  
DA  "C1'"  C N R 99  
DA  N9     N Y N 100 
DA  C8     C Y N 101 
DA  N7     N Y N 102 
DA  C5     C Y N 103 
DA  C6     C Y N 104 
DA  N6     N N N 105 
DA  N1     N Y N 106 
DA  C2     C Y N 107 
DA  N3     N Y N 108 
DA  C4     C Y N 109 
DA  HOP3   H N N 110 
DA  HOP2   H N N 111 
DA  "H5'"  H N N 112 
DA  "H5''" H N N 113 
DA  "H4'"  H N N 114 
DA  "H3'"  H N N 115 
DA  "HO3'" H N N 116 
DA  "H2'"  H N N 117 
DA  "H2''" H N N 118 
DA  "H1'"  H N N 119 
DA  H8     H N N 120 
DA  H61    H N N 121 
DA  H62    H N N 122 
DA  H2     H N N 123 
DC  OP3    O N N 124 
DC  P      P N N 125 
DC  OP1    O N N 126 
DC  OP2    O N N 127 
DC  "O5'"  O N N 128 
DC  "C5'"  C N N 129 
DC  "C4'"  C N R 130 
DC  "O4'"  O N N 131 
DC  "C3'"  C N S 132 
DC  "O3'"  O N N 133 
DC  "C2'"  C N N 134 
DC  "C1'"  C N R 135 
DC  N1     N N N 136 
DC  C2     C N N 137 
DC  O2     O N N 138 
DC  N3     N N N 139 
DC  C4     C N N 140 
DC  N4     N N N 141 
DC  C5     C N N 142 
DC  C6     C N N 143 
DC  HOP3   H N N 144 
DC  HOP2   H N N 145 
DC  "H5'"  H N N 146 
DC  "H5''" H N N 147 
DC  "H4'"  H N N 148 
DC  "H3'"  H N N 149 
DC  "HO3'" H N N 150 
DC  "H2'"  H N N 151 
DC  "H2''" H N N 152 
DC  "H1'"  H N N 153 
DC  H41    H N N 154 
DC  H42    H N N 155 
DC  H5     H N N 156 
DC  H6     H N N 157 
DG  OP3    O N N 158 
DG  P      P N N 159 
DG  OP1    O N N 160 
DG  OP2    O N N 161 
DG  "O5'"  O N N 162 
DG  "C5'"  C N N 163 
DG  "C4'"  C N R 164 
DG  "O4'"  O N N 165 
DG  "C3'"  C N S 166 
DG  "O3'"  O N N 167 
DG  "C2'"  C N N 168 
DG  "C1'"  C N R 169 
DG  N9     N Y N 170 
DG  C8     C Y N 171 
DG  N7     N Y N 172 
DG  C5     C Y N 173 
DG  C6     C N N 174 
DG  O6     O N N 175 
DG  N1     N N N 176 
DG  C2     C N N 177 
DG  N2     N N N 178 
DG  N3     N N N 179 
DG  C4     C Y N 180 
DG  HOP3   H N N 181 
DG  HOP2   H N N 182 
DG  "H5'"  H N N 183 
DG  "H5''" H N N 184 
DG  "H4'"  H N N 185 
DG  "H3'"  H N N 186 
DG  "HO3'" H N N 187 
DG  "H2'"  H N N 188 
DG  "H2''" H N N 189 
DG  "H1'"  H N N 190 
DG  H8     H N N 191 
DG  H1     H N N 192 
DG  H21    H N N 193 
DG  H22    H N N 194 
DT  OP3    O N N 195 
DT  P      P N N 196 
DT  OP1    O N N 197 
DT  OP2    O N N 198 
DT  "O5'"  O N N 199 
DT  "C5'"  C N N 200 
DT  "C4'"  C N R 201 
DT  "O4'"  O N N 202 
DT  "C3'"  C N S 203 
DT  "O3'"  O N N 204 
DT  "C2'"  C N N 205 
DT  "C1'"  C N R 206 
DT  N1     N N N 207 
DT  C2     C N N 208 
DT  O2     O N N 209 
DT  N3     N N N 210 
DT  C4     C N N 211 
DT  O4     O N N 212 
DT  C5     C N N 213 
DT  C7     C N N 214 
DT  C6     C N N 215 
DT  HOP3   H N N 216 
DT  HOP2   H N N 217 
DT  "H5'"  H N N 218 
DT  "H5''" H N N 219 
DT  "H4'"  H N N 220 
DT  "H3'"  H N N 221 
DT  "HO3'" H N N 222 
DT  "H2'"  H N N 223 
DT  "H2''" H N N 224 
DT  "H1'"  H N N 225 
DT  H3     H N N 226 
DT  H71    H N N 227 
DT  H72    H N N 228 
DT  H73    H N N 229 
DT  H6     H N N 230 
GLN N      N N N 231 
GLN CA     C N S 232 
GLN C      C N N 233 
GLN O      O N N 234 
GLN CB     C N N 235 
GLN CG     C N N 236 
GLN CD     C N N 237 
GLN OE1    O N N 238 
GLN NE2    N N N 239 
GLN OXT    O N N 240 
GLN H      H N N 241 
GLN H2     H N N 242 
GLN HA     H N N 243 
GLN HB2    H N N 244 
GLN HB3    H N N 245 
GLN HG2    H N N 246 
GLN HG3    H N N 247 
GLN HE21   H N N 248 
GLN HE22   H N N 249 
GLN HXT    H N N 250 
GLU N      N N N 251 
GLU CA     C N S 252 
GLU C      C N N 253 
GLU O      O N N 254 
GLU CB     C N N 255 
GLU CG     C N N 256 
GLU CD     C N N 257 
GLU OE1    O N N 258 
GLU OE2    O N N 259 
GLU OXT    O N N 260 
GLU H      H N N 261 
GLU H2     H N N 262 
GLU HA     H N N 263 
GLU HB2    H N N 264 
GLU HB3    H N N 265 
GLU HG2    H N N 266 
GLU HG3    H N N 267 
GLU HE2    H N N 268 
GLU HXT    H N N 269 
GLY N      N N N 270 
GLY CA     C N N 271 
GLY C      C N N 272 
GLY O      O N N 273 
GLY OXT    O N N 274 
GLY H      H N N 275 
GLY H2     H N N 276 
GLY HA2    H N N 277 
GLY HA3    H N N 278 
GLY HXT    H N N 279 
HIS N      N N N 280 
HIS CA     C N S 281 
HIS C      C N N 282 
HIS O      O N N 283 
HIS CB     C N N 284 
HIS CG     C Y N 285 
HIS ND1    N Y N 286 
HIS CD2    C Y N 287 
HIS CE1    C Y N 288 
HIS NE2    N Y N 289 
HIS OXT    O N N 290 
HIS H      H N N 291 
HIS H2     H N N 292 
HIS HA     H N N 293 
HIS HB2    H N N 294 
HIS HB3    H N N 295 
HIS HD1    H N N 296 
HIS HD2    H N N 297 
HIS HE1    H N N 298 
HIS HE2    H N N 299 
HIS HXT    H N N 300 
HOH O      O N N 301 
HOH H1     H N N 302 
HOH H2     H N N 303 
ILE N      N N N 304 
ILE CA     C N S 305 
ILE C      C N N 306 
ILE O      O N N 307 
ILE CB     C N S 308 
ILE CG1    C N N 309 
ILE CG2    C N N 310 
ILE CD1    C N N 311 
ILE OXT    O N N 312 
ILE H      H N N 313 
ILE H2     H N N 314 
ILE HA     H N N 315 
ILE HB     H N N 316 
ILE HG12   H N N 317 
ILE HG13   H N N 318 
ILE HG21   H N N 319 
ILE HG22   H N N 320 
ILE HG23   H N N 321 
ILE HD11   H N N 322 
ILE HD12   H N N 323 
ILE HD13   H N N 324 
ILE HXT    H N N 325 
LEU N      N N N 326 
LEU CA     C N S 327 
LEU C      C N N 328 
LEU O      O N N 329 
LEU CB     C N N 330 
LEU CG     C N N 331 
LEU CD1    C N N 332 
LEU CD2    C N N 333 
LEU OXT    O N N 334 
LEU H      H N N 335 
LEU H2     H N N 336 
LEU HA     H N N 337 
LEU HB2    H N N 338 
LEU HB3    H N N 339 
LEU HG     H N N 340 
LEU HD11   H N N 341 
LEU HD12   H N N 342 
LEU HD13   H N N 343 
LEU HD21   H N N 344 
LEU HD22   H N N 345 
LEU HD23   H N N 346 
LEU HXT    H N N 347 
LYS N      N N N 348 
LYS CA     C N S 349 
LYS C      C N N 350 
LYS O      O N N 351 
LYS CB     C N N 352 
LYS CG     C N N 353 
LYS CD     C N N 354 
LYS CE     C N N 355 
LYS NZ     N N N 356 
LYS OXT    O N N 357 
LYS H      H N N 358 
LYS H2     H N N 359 
LYS HA     H N N 360 
LYS HB2    H N N 361 
LYS HB3    H N N 362 
LYS HG2    H N N 363 
LYS HG3    H N N 364 
LYS HD2    H N N 365 
LYS HD3    H N N 366 
LYS HE2    H N N 367 
LYS HE3    H N N 368 
LYS HZ1    H N N 369 
LYS HZ2    H N N 370 
LYS HZ3    H N N 371 
LYS HXT    H N N 372 
MET N      N N N 373 
MET CA     C N S 374 
MET C      C N N 375 
MET O      O N N 376 
MET CB     C N N 377 
MET CG     C N N 378 
MET SD     S N N 379 
MET CE     C N N 380 
MET OXT    O N N 381 
MET H      H N N 382 
MET H2     H N N 383 
MET HA     H N N 384 
MET HB2    H N N 385 
MET HB3    H N N 386 
MET HG2    H N N 387 
MET HG3    H N N 388 
MET HE1    H N N 389 
MET HE2    H N N 390 
MET HE3    H N N 391 
MET HXT    H N N 392 
PHE N      N N N 393 
PHE CA     C N S 394 
PHE C      C N N 395 
PHE O      O N N 396 
PHE CB     C N N 397 
PHE CG     C Y N 398 
PHE CD1    C Y N 399 
PHE CD2    C Y N 400 
PHE CE1    C Y N 401 
PHE CE2    C Y N 402 
PHE CZ     C Y N 403 
PHE OXT    O N N 404 
PHE H      H N N 405 
PHE H2     H N N 406 
PHE HA     H N N 407 
PHE HB2    H N N 408 
PHE HB3    H N N 409 
PHE HD1    H N N 410 
PHE HD2    H N N 411 
PHE HE1    H N N 412 
PHE HE2    H N N 413 
PHE HZ     H N N 414 
PHE HXT    H N N 415 
PRO N      N N N 416 
PRO CA     C N S 417 
PRO C      C N N 418 
PRO O      O N N 419 
PRO CB     C N N 420 
PRO CG     C N N 421 
PRO CD     C N N 422 
PRO OXT    O N N 423 
PRO H      H N N 424 
PRO HA     H N N 425 
PRO HB2    H N N 426 
PRO HB3    H N N 427 
PRO HG2    H N N 428 
PRO HG3    H N N 429 
PRO HD2    H N N 430 
PRO HD3    H N N 431 
PRO HXT    H N N 432 
SER N      N N N 433 
SER CA     C N S 434 
SER C      C N N 435 
SER O      O N N 436 
SER CB     C N N 437 
SER OG     O N N 438 
SER OXT    O N N 439 
SER H      H N N 440 
SER H2     H N N 441 
SER HA     H N N 442 
SER HB2    H N N 443 
SER HB3    H N N 444 
SER HG     H N N 445 
SER HXT    H N N 446 
THR N      N N N 447 
THR CA     C N S 448 
THR C      C N N 449 
THR O      O N N 450 
THR CB     C N R 451 
THR OG1    O N N 452 
THR CG2    C N N 453 
THR OXT    O N N 454 
THR H      H N N 455 
THR H2     H N N 456 
THR HA     H N N 457 
THR HB     H N N 458 
THR HG1    H N N 459 
THR HG21   H N N 460 
THR HG22   H N N 461 
THR HG23   H N N 462 
THR HXT    H N N 463 
TRP N      N N N 464 
TRP CA     C N S 465 
TRP C      C N N 466 
TRP O      O N N 467 
TRP CB     C N N 468 
TRP CG     C Y N 469 
TRP CD1    C Y N 470 
TRP CD2    C Y N 471 
TRP NE1    N Y N 472 
TRP CE2    C Y N 473 
TRP CE3    C Y N 474 
TRP CZ2    C Y N 475 
TRP CZ3    C Y N 476 
TRP CH2    C Y N 477 
TRP OXT    O N N 478 
TRP H      H N N 479 
TRP H2     H N N 480 
TRP HA     H N N 481 
TRP HB2    H N N 482 
TRP HB3    H N N 483 
TRP HD1    H N N 484 
TRP HE1    H N N 485 
TRP HE3    H N N 486 
TRP HZ2    H N N 487 
TRP HZ3    H N N 488 
TRP HH2    H N N 489 
TRP HXT    H N N 490 
TYR N      N N N 491 
TYR CA     C N S 492 
TYR C      C N N 493 
TYR O      O N N 494 
TYR CB     C N N 495 
TYR CG     C Y N 496 
TYR CD1    C Y N 497 
TYR CD2    C Y N 498 
TYR CE1    C Y N 499 
TYR CE2    C Y N 500 
TYR CZ     C Y N 501 
TYR OH     O N N 502 
TYR OXT    O N N 503 
TYR H      H N N 504 
TYR H2     H N N 505 
TYR HA     H N N 506 
TYR HB2    H N N 507 
TYR HB3    H N N 508 
TYR HD1    H N N 509 
TYR HD2    H N N 510 
TYR HE1    H N N 511 
TYR HE2    H N N 512 
TYR HH     H N N 513 
TYR HXT    H N N 514 
VAL N      N N N 515 
VAL CA     C N S 516 
VAL C      C N N 517 
VAL O      O N N 518 
VAL CB     C N N 519 
VAL CG1    C N N 520 
VAL CG2    C N N 521 
VAL OXT    O N N 522 
VAL H      H N N 523 
VAL H2     H N N 524 
VAL HA     H N N 525 
VAL HB     H N N 526 
VAL HG11   H N N 527 
VAL HG12   H N N 528 
VAL HG13   H N N 529 
VAL HG21   H N N 530 
VAL HG22   H N N 531 
VAL HG23   H N N 532 
VAL HXT    H N N 533 
# 
loop_
_chem_comp_bond.comp_id 
_chem_comp_bond.atom_id_1 
_chem_comp_bond.atom_id_2 
_chem_comp_bond.value_order 
_chem_comp_bond.pdbx_aromatic_flag 
_chem_comp_bond.pdbx_stereo_config 
_chem_comp_bond.pdbx_ordinal 
ALA N     CA     sing N N 1   
ALA N     H      sing N N 2   
ALA N     H2     sing N N 3   
ALA CA    C      sing N N 4   
ALA CA    CB     sing N N 5   
ALA CA    HA     sing N N 6   
ALA C     O      doub N N 7   
ALA C     OXT    sing N N 8   
ALA CB    HB1    sing N N 9   
ALA CB    HB2    sing N N 10  
ALA CB    HB3    sing N N 11  
ALA OXT   HXT    sing N N 12  
ARG N     CA     sing N N 13  
ARG N     H      sing N N 14  
ARG N     H2     sing N N 15  
ARG CA    C      sing N N 16  
ARG CA    CB     sing N N 17  
ARG CA    HA     sing N N 18  
ARG C     O      doub N N 19  
ARG C     OXT    sing N N 20  
ARG CB    CG     sing N N 21  
ARG CB    HB2    sing N N 22  
ARG CB    HB3    sing N N 23  
ARG CG    CD     sing N N 24  
ARG CG    HG2    sing N N 25  
ARG CG    HG3    sing N N 26  
ARG CD    NE     sing N N 27  
ARG CD    HD2    sing N N 28  
ARG CD    HD3    sing N N 29  
ARG NE    CZ     sing N N 30  
ARG NE    HE     sing N N 31  
ARG CZ    NH1    sing N N 32  
ARG CZ    NH2    doub N N 33  
ARG NH1   HH11   sing N N 34  
ARG NH1   HH12   sing N N 35  
ARG NH2   HH21   sing N N 36  
ARG NH2   HH22   sing N N 37  
ARG OXT   HXT    sing N N 38  
ASN N     CA     sing N N 39  
ASN N     H      sing N N 40  
ASN N     H2     sing N N 41  
ASN CA    C      sing N N 42  
ASN CA    CB     sing N N 43  
ASN CA    HA     sing N N 44  
ASN C     O      doub N N 45  
ASN C     OXT    sing N N 46  
ASN CB    CG     sing N N 47  
ASN CB    HB2    sing N N 48  
ASN CB    HB3    sing N N 49  
ASN CG    OD1    doub N N 50  
ASN CG    ND2    sing N N 51  
ASN ND2   HD21   sing N N 52  
ASN ND2   HD22   sing N N 53  
ASN OXT   HXT    sing N N 54  
ASP N     CA     sing N N 55  
ASP N     H      sing N N 56  
ASP N     H2     sing N N 57  
ASP CA    C      sing N N 58  
ASP CA    CB     sing N N 59  
ASP CA    HA     sing N N 60  
ASP C     O      doub N N 61  
ASP C     OXT    sing N N 62  
ASP CB    CG     sing N N 63  
ASP CB    HB2    sing N N 64  
ASP CB    HB3    sing N N 65  
ASP CG    OD1    doub N N 66  
ASP CG    OD2    sing N N 67  
ASP OD2   HD2    sing N N 68  
ASP OXT   HXT    sing N N 69  
CYS N     CA     sing N N 70  
CYS N     H      sing N N 71  
CYS N     H2     sing N N 72  
CYS CA    C      sing N N 73  
CYS CA    CB     sing N N 74  
CYS CA    HA     sing N N 75  
CYS C     O      doub N N 76  
CYS C     OXT    sing N N 77  
CYS CB    SG     sing N N 78  
CYS CB    HB2    sing N N 79  
CYS CB    HB3    sing N N 80  
CYS SG    HG     sing N N 81  
CYS OXT   HXT    sing N N 82  
DA  OP3   P      sing N N 83  
DA  OP3   HOP3   sing N N 84  
DA  P     OP1    doub N N 85  
DA  P     OP2    sing N N 86  
DA  P     "O5'"  sing N N 87  
DA  OP2   HOP2   sing N N 88  
DA  "O5'" "C5'"  sing N N 89  
DA  "C5'" "C4'"  sing N N 90  
DA  "C5'" "H5'"  sing N N 91  
DA  "C5'" "H5''" sing N N 92  
DA  "C4'" "O4'"  sing N N 93  
DA  "C4'" "C3'"  sing N N 94  
DA  "C4'" "H4'"  sing N N 95  
DA  "O4'" "C1'"  sing N N 96  
DA  "C3'" "O3'"  sing N N 97  
DA  "C3'" "C2'"  sing N N 98  
DA  "C3'" "H3'"  sing N N 99  
DA  "O3'" "HO3'" sing N N 100 
DA  "C2'" "C1'"  sing N N 101 
DA  "C2'" "H2'"  sing N N 102 
DA  "C2'" "H2''" sing N N 103 
DA  "C1'" N9     sing N N 104 
DA  "C1'" "H1'"  sing N N 105 
DA  N9    C8     sing Y N 106 
DA  N9    C4     sing Y N 107 
DA  C8    N7     doub Y N 108 
DA  C8    H8     sing N N 109 
DA  N7    C5     sing Y N 110 
DA  C5    C6     sing Y N 111 
DA  C5    C4     doub Y N 112 
DA  C6    N6     sing N N 113 
DA  C6    N1     doub Y N 114 
DA  N6    H61    sing N N 115 
DA  N6    H62    sing N N 116 
DA  N1    C2     sing Y N 117 
DA  C2    N3     doub Y N 118 
DA  C2    H2     sing N N 119 
DA  N3    C4     sing Y N 120 
DC  OP3   P      sing N N 121 
DC  OP3   HOP3   sing N N 122 
DC  P     OP1    doub N N 123 
DC  P     OP2    sing N N 124 
DC  P     "O5'"  sing N N 125 
DC  OP2   HOP2   sing N N 126 
DC  "O5'" "C5'"  sing N N 127 
DC  "C5'" "C4'"  sing N N 128 
DC  "C5'" "H5'"  sing N N 129 
DC  "C5'" "H5''" sing N N 130 
DC  "C4'" "O4'"  sing N N 131 
DC  "C4'" "C3'"  sing N N 132 
DC  "C4'" "H4'"  sing N N 133 
DC  "O4'" "C1'"  sing N N 134 
DC  "C3'" "O3'"  sing N N 135 
DC  "C3'" "C2'"  sing N N 136 
DC  "C3'" "H3'"  sing N N 137 
DC  "O3'" "HO3'" sing N N 138 
DC  "C2'" "C1'"  sing N N 139 
DC  "C2'" "H2'"  sing N N 140 
DC  "C2'" "H2''" sing N N 141 
DC  "C1'" N1     sing N N 142 
DC  "C1'" "H1'"  sing N N 143 
DC  N1    C2     sing N N 144 
DC  N1    C6     sing N N 145 
DC  C2    O2     doub N N 146 
DC  C2    N3     sing N N 147 
DC  N3    C4     doub N N 148 
DC  C4    N4     sing N N 149 
DC  C4    C5     sing N N 150 
DC  N4    H41    sing N N 151 
DC  N4    H42    sing N N 152 
DC  C5    C6     doub N N 153 
DC  C5    H5     sing N N 154 
DC  C6    H6     sing N N 155 
DG  OP3   P      sing N N 156 
DG  OP3   HOP3   sing N N 157 
DG  P     OP1    doub N N 158 
DG  P     OP2    sing N N 159 
DG  P     "O5'"  sing N N 160 
DG  OP2   HOP2   sing N N 161 
DG  "O5'" "C5'"  sing N N 162 
DG  "C5'" "C4'"  sing N N 163 
DG  "C5'" "H5'"  sing N N 164 
DG  "C5'" "H5''" sing N N 165 
DG  "C4'" "O4'"  sing N N 166 
DG  "C4'" "C3'"  sing N N 167 
DG  "C4'" "H4'"  sing N N 168 
DG  "O4'" "C1'"  sing N N 169 
DG  "C3'" "O3'"  sing N N 170 
DG  "C3'" "C2'"  sing N N 171 
DG  "C3'" "H3'"  sing N N 172 
DG  "O3'" "HO3'" sing N N 173 
DG  "C2'" "C1'"  sing N N 174 
DG  "C2'" "H2'"  sing N N 175 
DG  "C2'" "H2''" sing N N 176 
DG  "C1'" N9     sing N N 177 
DG  "C1'" "H1'"  sing N N 178 
DG  N9    C8     sing Y N 179 
DG  N9    C4     sing Y N 180 
DG  C8    N7     doub Y N 181 
DG  C8    H8     sing N N 182 
DG  N7    C5     sing Y N 183 
DG  C5    C6     sing N N 184 
DG  C5    C4     doub Y N 185 
DG  C6    O6     doub N N 186 
DG  C6    N1     sing N N 187 
DG  N1    C2     sing N N 188 
DG  N1    H1     sing N N 189 
DG  C2    N2     sing N N 190 
DG  C2    N3     doub N N 191 
DG  N2    H21    sing N N 192 
DG  N2    H22    sing N N 193 
DG  N3    C4     sing N N 194 
DT  OP3   P      sing N N 195 
DT  OP3   HOP3   sing N N 196 
DT  P     OP1    doub N N 197 
DT  P     OP2    sing N N 198 
DT  P     "O5'"  sing N N 199 
DT  OP2   HOP2   sing N N 200 
DT  "O5'" "C5'"  sing N N 201 
DT  "C5'" "C4'"  sing N N 202 
DT  "C5'" "H5'"  sing N N 203 
DT  "C5'" "H5''" sing N N 204 
DT  "C4'" "O4'"  sing N N 205 
DT  "C4'" "C3'"  sing N N 206 
DT  "C4'" "H4'"  sing N N 207 
DT  "O4'" "C1'"  sing N N 208 
DT  "C3'" "O3'"  sing N N 209 
DT  "C3'" "C2'"  sing N N 210 
DT  "C3'" "H3'"  sing N N 211 
DT  "O3'" "HO3'" sing N N 212 
DT  "C2'" "C1'"  sing N N 213 
DT  "C2'" "H2'"  sing N N 214 
DT  "C2'" "H2''" sing N N 215 
DT  "C1'" N1     sing N N 216 
DT  "C1'" "H1'"  sing N N 217 
DT  N1    C2     sing N N 218 
DT  N1    C6     sing N N 219 
DT  C2    O2     doub N N 220 
DT  C2    N3     sing N N 221 
DT  N3    C4     sing N N 222 
DT  N3    H3     sing N N 223 
DT  C4    O4     doub N N 224 
DT  C4    C5     sing N N 225 
DT  C5    C7     sing N N 226 
DT  C5    C6     doub N N 227 
DT  C7    H71    sing N N 228 
DT  C7    H72    sing N N 229 
DT  C7    H73    sing N N 230 
DT  C6    H6     sing N N 231 
GLN N     CA     sing N N 232 
GLN N     H      sing N N 233 
GLN N     H2     sing N N 234 
GLN CA    C      sing N N 235 
GLN CA    CB     sing N N 236 
GLN CA    HA     sing N N 237 
GLN C     O      doub N N 238 
GLN C     OXT    sing N N 239 
GLN CB    CG     sing N N 240 
GLN CB    HB2    sing N N 241 
GLN CB    HB3    sing N N 242 
GLN CG    CD     sing N N 243 
GLN CG    HG2    sing N N 244 
GLN CG    HG3    sing N N 245 
GLN CD    OE1    doub N N 246 
GLN CD    NE2    sing N N 247 
GLN NE2   HE21   sing N N 248 
GLN NE2   HE22   sing N N 249 
GLN OXT   HXT    sing N N 250 
GLU N     CA     sing N N 251 
GLU N     H      sing N N 252 
GLU N     H2     sing N N 253 
GLU CA    C      sing N N 254 
GLU CA    CB     sing N N 255 
GLU CA    HA     sing N N 256 
GLU C     O      doub N N 257 
GLU C     OXT    sing N N 258 
GLU CB    CG     sing N N 259 
GLU CB    HB2    sing N N 260 
GLU CB    HB3    sing N N 261 
GLU CG    CD     sing N N 262 
GLU CG    HG2    sing N N 263 
GLU CG    HG3    sing N N 264 
GLU CD    OE1    doub N N 265 
GLU CD    OE2    sing N N 266 
GLU OE2   HE2    sing N N 267 
GLU OXT   HXT    sing N N 268 
GLY N     CA     sing N N 269 
GLY N     H      sing N N 270 
GLY N     H2     sing N N 271 
GLY CA    C      sing N N 272 
GLY CA    HA2    sing N N 273 
GLY CA    HA3    sing N N 274 
GLY C     O      doub N N 275 
GLY C     OXT    sing N N 276 
GLY OXT   HXT    sing N N 277 
HIS N     CA     sing N N 278 
HIS N     H      sing N N 279 
HIS N     H2     sing N N 280 
HIS CA    C      sing N N 281 
HIS CA    CB     sing N N 282 
HIS CA    HA     sing N N 283 
HIS C     O      doub N N 284 
HIS C     OXT    sing N N 285 
HIS CB    CG     sing N N 286 
HIS CB    HB2    sing N N 287 
HIS CB    HB3    sing N N 288 
HIS CG    ND1    sing Y N 289 
HIS CG    CD2    doub Y N 290 
HIS ND1   CE1    doub Y N 291 
HIS ND1   HD1    sing N N 292 
HIS CD2   NE2    sing Y N 293 
HIS CD2   HD2    sing N N 294 
HIS CE1   NE2    sing Y N 295 
HIS CE1   HE1    sing N N 296 
HIS NE2   HE2    sing N N 297 
HIS OXT   HXT    sing N N 298 
HOH O     H1     sing N N 299 
HOH O     H2     sing N N 300 
ILE N     CA     sing N N 301 
ILE N     H      sing N N 302 
ILE N     H2     sing N N 303 
ILE CA    C      sing N N 304 
ILE CA    CB     sing N N 305 
ILE CA    HA     sing N N 306 
ILE C     O      doub N N 307 
ILE C     OXT    sing N N 308 
ILE CB    CG1    sing N N 309 
ILE CB    CG2    sing N N 310 
ILE CB    HB     sing N N 311 
ILE CG1   CD1    sing N N 312 
ILE CG1   HG12   sing N N 313 
ILE CG1   HG13   sing N N 314 
ILE CG2   HG21   sing N N 315 
ILE CG2   HG22   sing N N 316 
ILE CG2   HG23   sing N N 317 
ILE CD1   HD11   sing N N 318 
ILE CD1   HD12   sing N N 319 
ILE CD1   HD13   sing N N 320 
ILE OXT   HXT    sing N N 321 
LEU N     CA     sing N N 322 
LEU N     H      sing N N 323 
LEU N     H2     sing N N 324 
LEU CA    C      sing N N 325 
LEU CA    CB     sing N N 326 
LEU CA    HA     sing N N 327 
LEU C     O      doub N N 328 
LEU C     OXT    sing N N 329 
LEU CB    CG     sing N N 330 
LEU CB    HB2    sing N N 331 
LEU CB    HB3    sing N N 332 
LEU CG    CD1    sing N N 333 
LEU CG    CD2    sing N N 334 
LEU CG    HG     sing N N 335 
LEU CD1   HD11   sing N N 336 
LEU CD1   HD12   sing N N 337 
LEU CD1   HD13   sing N N 338 
LEU CD2   HD21   sing N N 339 
LEU CD2   HD22   sing N N 340 
LEU CD2   HD23   sing N N 341 
LEU OXT   HXT    sing N N 342 
LYS N     CA     sing N N 343 
LYS N     H      sing N N 344 
LYS N     H2     sing N N 345 
LYS CA    C      sing N N 346 
LYS CA    CB     sing N N 347 
LYS CA    HA     sing N N 348 
LYS C     O      doub N N 349 
LYS C     OXT    sing N N 350 
LYS CB    CG     sing N N 351 
LYS CB    HB2    sing N N 352 
LYS CB    HB3    sing N N 353 
LYS CG    CD     sing N N 354 
LYS CG    HG2    sing N N 355 
LYS CG    HG3    sing N N 356 
LYS CD    CE     sing N N 357 
LYS CD    HD2    sing N N 358 
LYS CD    HD3    sing N N 359 
LYS CE    NZ     sing N N 360 
LYS CE    HE2    sing N N 361 
LYS CE    HE3    sing N N 362 
LYS NZ    HZ1    sing N N 363 
LYS NZ    HZ2    sing N N 364 
LYS NZ    HZ3    sing N N 365 
LYS OXT   HXT    sing N N 366 
MET N     CA     sing N N 367 
MET N     H      sing N N 368 
MET N     H2     sing N N 369 
MET CA    C      sing N N 370 
MET CA    CB     sing N N 371 
MET CA    HA     sing N N 372 
MET C     O      doub N N 373 
MET C     OXT    sing N N 374 
MET CB    CG     sing N N 375 
MET CB    HB2    sing N N 376 
MET CB    HB3    sing N N 377 
MET CG    SD     sing N N 378 
MET CG    HG2    sing N N 379 
MET CG    HG3    sing N N 380 
MET SD    CE     sing N N 381 
MET CE    HE1    sing N N 382 
MET CE    HE2    sing N N 383 
MET CE    HE3    sing N N 384 
MET OXT   HXT    sing N N 385 
PHE N     CA     sing N N 386 
PHE N     H      sing N N 387 
PHE N     H2     sing N N 388 
PHE CA    C      sing N N 389 
PHE CA    CB     sing N N 390 
PHE CA    HA     sing N N 391 
PHE C     O      doub N N 392 
PHE C     OXT    sing N N 393 
PHE CB    CG     sing N N 394 
PHE CB    HB2    sing N N 395 
PHE CB    HB3    sing N N 396 
PHE CG    CD1    doub Y N 397 
PHE CG    CD2    sing Y N 398 
PHE CD1   CE1    sing Y N 399 
PHE CD1   HD1    sing N N 400 
PHE CD2   CE2    doub Y N 401 
PHE CD2   HD2    sing N N 402 
PHE CE1   CZ     doub Y N 403 
PHE CE1   HE1    sing N N 404 
PHE CE2   CZ     sing Y N 405 
PHE CE2   HE2    sing N N 406 
PHE CZ    HZ     sing N N 407 
PHE OXT   HXT    sing N N 408 
PRO N     CA     sing N N 409 
PRO N     CD     sing N N 410 
PRO N     H      sing N N 411 
PRO CA    C      sing N N 412 
PRO CA    CB     sing N N 413 
PRO CA    HA     sing N N 414 
PRO C     O      doub N N 415 
PRO C     OXT    sing N N 416 
PRO CB    CG     sing N N 417 
PRO CB    HB2    sing N N 418 
PRO CB    HB3    sing N N 419 
PRO CG    CD     sing N N 420 
PRO CG    HG2    sing N N 421 
PRO CG    HG3    sing N N 422 
PRO CD    HD2    sing N N 423 
PRO CD    HD3    sing N N 424 
PRO OXT   HXT    sing N N 425 
SER N     CA     sing N N 426 
SER N     H      sing N N 427 
SER N     H2     sing N N 428 
SER CA    C      sing N N 429 
SER CA    CB     sing N N 430 
SER CA    HA     sing N N 431 
SER C     O      doub N N 432 
SER C     OXT    sing N N 433 
SER CB    OG     sing N N 434 
SER CB    HB2    sing N N 435 
SER CB    HB3    sing N N 436 
SER OG    HG     sing N N 437 
SER OXT   HXT    sing N N 438 
THR N     CA     sing N N 439 
THR N     H      sing N N 440 
THR N     H2     sing N N 441 
THR CA    C      sing N N 442 
THR CA    CB     sing N N 443 
THR CA    HA     sing N N 444 
THR C     O      doub N N 445 
THR C     OXT    sing N N 446 
THR CB    OG1    sing N N 447 
THR CB    CG2    sing N N 448 
THR CB    HB     sing N N 449 
THR OG1   HG1    sing N N 450 
THR CG2   HG21   sing N N 451 
THR CG2   HG22   sing N N 452 
THR CG2   HG23   sing N N 453 
THR OXT   HXT    sing N N 454 
TRP N     CA     sing N N 455 
TRP N     H      sing N N 456 
TRP N     H2     sing N N 457 
TRP CA    C      sing N N 458 
TRP CA    CB     sing N N 459 
TRP CA    HA     sing N N 460 
TRP C     O      doub N N 461 
TRP C     OXT    sing N N 462 
TRP CB    CG     sing N N 463 
TRP CB    HB2    sing N N 464 
TRP CB    HB3    sing N N 465 
TRP CG    CD1    doub Y N 466 
TRP CG    CD2    sing Y N 467 
TRP CD1   NE1    sing Y N 468 
TRP CD1   HD1    sing N N 469 
TRP CD2   CE2    doub Y N 470 
TRP CD2   CE3    sing Y N 471 
TRP NE1   CE2    sing Y N 472 
TRP NE1   HE1    sing N N 473 
TRP CE2   CZ2    sing Y N 474 
TRP CE3   CZ3    doub Y N 475 
TRP CE3   HE3    sing N N 476 
TRP CZ2   CH2    doub Y N 477 
TRP CZ2   HZ2    sing N N 478 
TRP CZ3   CH2    sing Y N 479 
TRP CZ3   HZ3    sing N N 480 
TRP CH2   HH2    sing N N 481 
TRP OXT   HXT    sing N N 482 
TYR N     CA     sing N N 483 
TYR N     H      sing N N 484 
TYR N     H2     sing N N 485 
TYR CA    C      sing N N 486 
TYR CA    CB     sing N N 487 
TYR CA    HA     sing N N 488 
TYR C     O      doub N N 489 
TYR C     OXT    sing N N 490 
TYR CB    CG     sing N N 491 
TYR CB    HB2    sing N N 492 
TYR CB    HB3    sing N N 493 
TYR CG    CD1    doub Y N 494 
TYR CG    CD2    sing Y N 495 
TYR CD1   CE1    sing Y N 496 
TYR CD1   HD1    sing N N 497 
TYR CD2   CE2    doub Y N 498 
TYR CD2   HD2    sing N N 499 
TYR CE1   CZ     doub Y N 500 
TYR CE1   HE1    sing N N 501 
TYR CE2   CZ     sing Y N 502 
TYR CE2   HE2    sing N N 503 
TYR CZ    OH     sing N N 504 
TYR OH    HH     sing N N 505 
TYR OXT   HXT    sing N N 506 
VAL N     CA     sing N N 507 
VAL N     H      sing N N 508 
VAL N     H2     sing N N 509 
VAL CA    C      sing N N 510 
VAL CA    CB     sing N N 511 
VAL CA    HA     sing N N 512 
VAL C     O      doub N N 513 
VAL C     OXT    sing N N 514 
VAL CB    CG1    sing N N 515 
VAL CB    CG2    sing N N 516 
VAL CB    HB     sing N N 517 
VAL CG1   HG11   sing N N 518 
VAL CG1   HG12   sing N N 519 
VAL CG1   HG13   sing N N 520 
VAL CG2   HG21   sing N N 521 
VAL CG2   HG22   sing N N 522 
VAL CG2   HG23   sing N N 523 
VAL OXT   HXT    sing N N 524 
# 
loop_
_ndb_struct_conf_na.entry_id 
_ndb_struct_conf_na.feature 
1PDN 'double helix'        
1PDN 'b-form double helix' 
# 
loop_
_ndb_struct_na_base_pair.model_number 
_ndb_struct_na_base_pair.i_label_asym_id 
_ndb_struct_na_base_pair.i_label_comp_id 
_ndb_struct_na_base_pair.i_label_seq_id 
_ndb_struct_na_base_pair.i_symmetry 
_ndb_struct_na_base_pair.j_label_asym_id 
_ndb_struct_na_base_pair.j_label_comp_id 
_ndb_struct_na_base_pair.j_label_seq_id 
_ndb_struct_na_base_pair.j_symmetry 
_ndb_struct_na_base_pair.shear 
_ndb_struct_na_base_pair.stretch 
_ndb_struct_na_base_pair.stagger 
_ndb_struct_na_base_pair.buckle 
_ndb_struct_na_base_pair.propeller 
_ndb_struct_na_base_pair.opening 
_ndb_struct_na_base_pair.pair_number 
_ndb_struct_na_base_pair.pair_name 
_ndb_struct_na_base_pair.i_auth_asym_id 
_ndb_struct_na_base_pair.i_auth_seq_id 
_ndb_struct_na_base_pair.i_PDB_ins_code 
_ndb_struct_na_base_pair.j_auth_asym_id 
_ndb_struct_na_base_pair.j_auth_seq_id 
_ndb_struct_na_base_pair.j_PDB_ins_code 
_ndb_struct_na_base_pair.hbond_type_28 
_ndb_struct_na_base_pair.hbond_type_12 
1 A DC 3  1_555 B DG 15 1_555 -0.158 0.038  -0.270 5.140   -9.565  4.487   1  A_DC3:DG30_B  A 3  ? B 30 ? 19 1 
1 A DG 4  1_555 B DC 14 1_555 -0.310 -0.162 0.500  2.525   -11.867 -3.473  2  A_DG4:DC29_B  A 4  ? B 29 ? 19 1 
1 A DT 5  1_555 B DA 13 1_555 0.019  -0.015 -0.138 0.623   -13.913 -3.687  3  A_DT5:DA28_B  A 5  ? B 28 ? 20 1 
1 A DC 6  1_555 B DG 12 1_555 0.105  -0.201 -0.418 5.664   -5.196  0.343   4  A_DC6:DG27_B  A 6  ? B 27 ? 19 1 
1 A DA 7  1_555 B DT 11 1_555 -0.012 -0.151 -0.062 -2.546  -20.170 -4.797  5  A_DA7:DT26_B  A 7  ? B 26 ? 20 1 
1 A DC 8  1_555 B DG 10 1_555 -0.019 -0.290 0.207  -5.840  -3.879  -4.298  6  A_DC8:DG25_B  A 8  ? B 25 ? 19 1 
1 A DG 9  1_555 B DC 9  1_555 0.083  -0.110 0.258  13.257  -17.806 -3.562  7  A_DG9:DC24_B  A 9  ? B 24 ? 19 1 
1 A DG 10 1_555 B DC 8  1_555 -0.201 -0.406 -0.015 -11.764 -11.130 -0.010  8  A_DG10:DC23_B A 10 ? B 23 ? 19 1 
1 A DT 11 1_555 B DA 7  1_555 0.213  0.271  -0.092 -2.692  -22.454 0.721   9  A_DT11:DA22_B A 11 ? B 22 ? 20 1 
1 A DT 12 1_555 B DA 6  1_555 -0.653 0.112  -0.118 -4.840  -16.563 -0.520  10 A_DT12:DA21_B A 12 ? B 21 ? 20 1 
1 A DG 13 1_555 B DC 5  1_555 -0.076 -0.337 -0.063 7.746   -5.627  -3.091  11 A_DG13:DC20_B A 13 ? B 20 ? 19 1 
1 A DA 14 1_555 B DT 4  1_555 0.323  0.089  0.096  15.221  -16.210 -11.123 12 A_DA14:DT19_B A 14 ? B 19 ? 20 1 
1 A DC 15 1_555 B DG 3  1_555 -0.444 -0.007 -0.036 17.083  -11.392 -9.318  13 A_DC15:DG18_B A 15 ? B 18 ? 19 1 
# 
loop_
_ndb_struct_na_base_pair_step.model_number 
_ndb_struct_na_base_pair_step.i_label_asym_id_1 
_ndb_struct_na_base_pair_step.i_label_comp_id_1 
_ndb_struct_na_base_pair_step.i_label_seq_id_1 
_ndb_struct_na_base_pair_step.i_symmetry_1 
_ndb_struct_na_base_pair_step.j_label_asym_id_1 
_ndb_struct_na_base_pair_step.j_label_comp_id_1 
_ndb_struct_na_base_pair_step.j_label_seq_id_1 
_ndb_struct_na_base_pair_step.j_symmetry_1 
_ndb_struct_na_base_pair_step.i_label_asym_id_2 
_ndb_struct_na_base_pair_step.i_label_comp_id_2 
_ndb_struct_na_base_pair_step.i_label_seq_id_2 
_ndb_struct_na_base_pair_step.i_symmetry_2 
_ndb_struct_na_base_pair_step.j_label_asym_id_2 
_ndb_struct_na_base_pair_step.j_label_comp_id_2 
_ndb_struct_na_base_pair_step.j_label_seq_id_2 
_ndb_struct_na_base_pair_step.j_symmetry_2 
_ndb_struct_na_base_pair_step.shift 
_ndb_struct_na_base_pair_step.slide 
_ndb_struct_na_base_pair_step.rise 
_ndb_struct_na_base_pair_step.tilt 
_ndb_struct_na_base_pair_step.roll 
_ndb_struct_na_base_pair_step.twist 
_ndb_struct_na_base_pair_step.x_displacement 
_ndb_struct_na_base_pair_step.y_displacement 
_ndb_struct_na_base_pair_step.helical_rise 
_ndb_struct_na_base_pair_step.inclination 
_ndb_struct_na_base_pair_step.tip 
_ndb_struct_na_base_pair_step.helical_twist 
_ndb_struct_na_base_pair_step.step_number 
_ndb_struct_na_base_pair_step.step_name 
_ndb_struct_na_base_pair_step.i_auth_asym_id_1 
_ndb_struct_na_base_pair_step.i_auth_seq_id_1 
_ndb_struct_na_base_pair_step.i_PDB_ins_code_1 
_ndb_struct_na_base_pair_step.j_auth_asym_id_1 
_ndb_struct_na_base_pair_step.j_auth_seq_id_1 
_ndb_struct_na_base_pair_step.j_PDB_ins_code_1 
_ndb_struct_na_base_pair_step.i_auth_asym_id_2 
_ndb_struct_na_base_pair_step.i_auth_seq_id_2 
_ndb_struct_na_base_pair_step.i_PDB_ins_code_2 
_ndb_struct_na_base_pair_step.j_auth_asym_id_2 
_ndb_struct_na_base_pair_step.j_auth_seq_id_2 
_ndb_struct_na_base_pair_step.j_PDB_ins_code_2 
1 A DC 3  1_555 B DG 15 1_555 A DG 4  1_555 B DC 14 1_555 -1.104 0.383  3.490 -8.248 5.080  38.770 -0.088 0.562  3.659 7.511  
12.194 39.917 1  AA_DC3DG4:DC29DG30_BB   A 3  ? B 30 ? A 4  ? B 29 ? 
1 A DG 4  1_555 B DC 14 1_555 A DT 5  1_555 B DA 13 1_555 0.540  -0.420 3.400 4.882  3.721  34.382 -1.288 -0.128 3.380 6.233  
-8.179 34.910 2  AA_DG4DT5:DA28DC29_BB   A 4  ? B 29 ? A 5  ? B 28 ? 
1 A DT 5  1_555 B DA 13 1_555 A DC 6  1_555 B DG 12 1_555 0.047  0.106  3.191 2.603  7.878  30.696 -1.224 0.382  3.115 14.552 
-4.807 31.772 3  AA_DT5DC6:DG27DA28_BB   A 5  ? B 28 ? A 6  ? B 27 ? 
1 A DC 6  1_555 B DG 12 1_555 A DA 7  1_555 B DT 11 1_555 -1.242 0.999  3.601 -4.313 7.908  39.169 0.418  1.243  3.834 11.610 
6.332  40.152 4  AA_DC6DA7:DT26DG27_BB   A 6  ? B 27 ? A 7  ? B 26 ? 
1 A DA 7  1_555 B DT 11 1_555 A DC 8  1_555 B DG 10 1_555 0.494  -0.255 3.420 -3.433 -3.723 33.475 0.187  -1.426 3.363 -6.418 
5.917  33.845 5  AA_DA7DC8:DG25DT26_BB   A 7  ? B 26 ? A 8  ? B 25 ? 
1 A DC 8  1_555 B DG 10 1_555 A DG 9  1_555 B DC 9  1_555 0.192  0.851  3.037 -0.814 10.419 32.546 -0.151 -0.453 3.148 18.020 
1.407  34.139 6  AA_DC8DG9:DC24DG25_BB   A 8  ? B 25 ? A 9  ? B 24 ? 
1 A DG 9  1_555 B DC 9  1_555 A DG 10 1_555 B DC 8  1_555 0.625  -1.469 3.986 0.248  6.145  32.065 -3.871 -1.062 3.654 10.999 
-0.444 32.634 7  AA_DG9DG10:DC23DC24_BB  A 9  ? B 24 ? A 10 ? B 23 ? 
1 A DG 10 1_555 B DC 8  1_555 A DT 11 1_555 B DA 7  1_555 -0.425 -0.724 3.100 1.837  5.632  34.539 -1.988 0.962  2.924 9.400  
-3.066 35.028 8  AA_DG10DT11:DA22DC23_BB A 10 ? B 23 ? A 11 ? B 22 ? 
1 A DT 11 1_555 B DA 7  1_555 A DT 12 1_555 B DA 6  1_555 0.121  -0.149 3.353 1.653  -0.732 31.941 -0.135 0.087  3.357 -1.329 
-3.000 31.991 9  AA_DT11DT12:DA21DA22_BB A 11 ? B 22 ? A 12 ? B 21 ? 
1 A DT 12 1_555 B DA 6  1_555 A DG 13 1_555 B DC 5  1_555 0.215  1.791  3.211 1.462  0.850  36.881 2.715  -0.143 3.256 1.343  
-2.310 36.919 10 AA_DT12DG13:DC20DA21_BB A 12 ? B 21 ? A 13 ? B 20 ? 
1 A DG 13 1_555 B DC 5  1_555 A DA 14 1_555 B DT 4  1_555 -1.389 1.392  3.277 -2.247 2.244  37.672 1.853  1.847  3.425 3.467  
3.472  37.801 11 AA_DG13DA14:DT19DC20_BB A 13 ? B 20 ? A 14 ? B 19 ? 
1 A DA 14 1_555 B DT 4  1_555 A DC 15 1_555 B DG 3  1_555 1.084  -0.319 3.302 4.721  -1.968 30.061 -0.199 -1.084 3.441 -3.761 
-9.019 30.483 12 AA_DA14DC15:DG18DT19_BB A 14 ? B 19 ? A 15 ? B 18 ? 
# 
_atom_sites.entry_id                    1PDN 
_atom_sites.fract_transf_matrix[1][1]   0.00751951 
_atom_sites.fract_transf_matrix[1][2]   -0.00982939 
_atom_sites.fract_transf_matrix[1][3]   -0.02201259 
_atom_sites.fract_transf_matrix[2][1]   0.00657445 
_atom_sites.fract_transf_matrix[2][2]   0.01256727 
_atom_sites.fract_transf_matrix[2][3]   -0.00336589 
_atom_sites.fract_transf_matrix[3][1]   0.00837173 
_atom_sites.fract_transf_matrix[3][2]   -0.00322765 
_atom_sites.fract_transf_matrix[3][3]   0.00430104 
_atom_sites.fract_transf_vector[1]      -0.483374 
_atom_sites.fract_transf_vector[2]      -0.033978 
_atom_sites.fract_transf_vector[3]      -0.131461 
# 
loop_
_atom_type.symbol 
C 
N 
O 
P 
S 
# 
loop_
_atom_site.group_PDB 
_atom_site.id 
_atom_site.type_symbol 
_atom_site.label_atom_id 
_atom_site.label_alt_id 
_atom_site.label_comp_id 
_atom_site.label_asym_id 
_atom_site.label_entity_id 
_atom_site.label_seq_id 
_atom_site.pdbx_PDB_ins_code 
_atom_site.Cartn_x 
_atom_site.Cartn_y 
_atom_site.Cartn_z 
_atom_site.occupancy 
_atom_site.B_iso_or_equiv 
_atom_site.pdbx_formal_charge 
_atom_site.auth_seq_id 
_atom_site.auth_comp_id 
_atom_site.auth_asym_id 
_atom_site.auth_atom_id 
_atom_site.pdbx_PDB_model_num 
ATOM   1    O "O5'" . DA  A 1 1   ? 32.698  -16.554 1.228   1.00 27.33 ? 1    DA  A "O5'" 1 
ATOM   2    C "C5'" . DA  A 1 1   ? 32.759  -17.310 2.449   1.00 25.68 ? 1    DA  A "C5'" 1 
ATOM   3    C "C4'" . DA  A 1 1   ? 31.825  -16.825 3.596   1.00 25.66 ? 1    DA  A "C4'" 1 
ATOM   4    O "O4'" . DA  A 1 1   ? 32.006  -15.408 3.809   1.00 23.86 ? 1    DA  A "O4'" 1 
ATOM   5    C "C3'" . DA  A 1 1   ? 30.333  -17.015 3.301   1.00 24.74 ? 1    DA  A "C3'" 1 
ATOM   6    O "O3'" . DA  A 1 1   ? 29.547  -17.043 4.493   1.00 24.36 ? 1    DA  A "O3'" 1 
ATOM   7    C "C2'" . DA  A 1 1   ? 30.023  -15.722 2.618   1.00 24.07 ? 1    DA  A "C2'" 1 
ATOM   8    C "C1'" . DA  A 1 1   ? 30.883  -14.699 3.326   1.00 20.60 ? 1    DA  A "C1'" 1 
ATOM   9    N N9    . DA  A 1 1   ? 31.433  -13.695 2.429   1.00 17.07 ? 1    DA  A N9    1 
ATOM   10   C C8    . DA  A 1 1   ? 32.027  -13.768 1.193   1.00 15.72 ? 1    DA  A C8    1 
ATOM   11   N N7    . DA  A 1 1   ? 32.448  -12.617 0.733   1.00 11.52 ? 1    DA  A N7    1 
ATOM   12   C C5    . DA  A 1 1   ? 32.108  -11.747 1.723   1.00 9.07  ? 1    DA  A C5    1 
ATOM   13   C C6    . DA  A 1 1   ? 32.280  -10.393 1.843   1.00 10.61 ? 1    DA  A C6    1 
ATOM   14   N N6    . DA  A 1 1   ? 32.858  -9.612  0.930   1.00 12.99 ? 1    DA  A N6    1 
ATOM   15   N N1    . DA  A 1 1   ? 31.816  -9.878  2.969   1.00 13.00 ? 1    DA  A N1    1 
ATOM   16   C C2    . DA  A 1 1   ? 31.238  -10.661 3.872   1.00 12.49 ? 1    DA  A C2    1 
ATOM   17   N N3    . DA  A 1 1   ? 31.005  -11.935 3.898   1.00 10.13 ? 1    DA  A N3    1 
ATOM   18   C C4    . DA  A 1 1   ? 31.488  -12.406 2.752   1.00 12.37 ? 1    DA  A C4    1 
ATOM   19   P P     . DA  A 1 2   ? 28.072  -17.718 4.495   1.00 25.54 ? 2    DA  A P     1 
ATOM   20   O OP1   . DA  A 1 2   ? 28.074  -18.837 5.490   1.00 24.61 ? 2    DA  A OP1   1 
ATOM   21   O OP2   . DA  A 1 2   ? 27.686  -17.946 3.095   1.00 23.62 ? 2    DA  A OP2   1 
ATOM   22   O "O5'" . DA  A 1 2   ? 27.102  -16.559 4.992   1.00 17.51 ? 2    DA  A "O5'" 1 
ATOM   23   C "C5'" . DA  A 1 2   ? 27.202  -16.006 6.283   1.00 11.49 ? 2    DA  A "C5'" 1 
ATOM   24   C "C4'" . DA  A 1 2   ? 26.626  -14.624 6.199   1.00 8.58  ? 2    DA  A "C4'" 1 
ATOM   25   O "O4'" . DA  A 1 2   ? 27.355  -13.872 5.232   1.00 5.80  ? 2    DA  A "O4'" 1 
ATOM   26   C "C3'" . DA  A 1 2   ? 25.154  -14.622 5.734   1.00 6.09  ? 2    DA  A "C3'" 1 
ATOM   27   O "O3'" . DA  A 1 2   ? 24.398  -14.403 6.940   1.00 5.41  ? 2    DA  A "O3'" 1 
ATOM   28   C "C2'" . DA  A 1 2   ? 25.188  -13.446 4.790   1.00 3.48  ? 2    DA  A "C2'" 1 
ATOM   29   C "C1'" . DA  A 1 2   ? 26.500  -12.762 5.172   1.00 4.38  ? 2    DA  A "C1'" 1 
ATOM   30   N N9    . DA  A 1 2   ? 27.050  -11.780 4.216   1.00 2.33  ? 2    DA  A N9    1 
ATOM   31   C C8    . DA  A 1 2   ? 27.211  -10.434 4.438   1.00 4.07  ? 2    DA  A C8    1 
ATOM   32   N N7    . DA  A 1 2   ? 27.742  -9.798  3.427   1.00 6.49  ? 2    DA  A N7    1 
ATOM   33   C C5    . DA  A 1 2   ? 27.940  -10.801 2.471   1.00 4.54  ? 2    DA  A C5    1 
ATOM   34   C C6    . DA  A 1 2   ? 28.466  -10.794 1.165   1.00 6.74  ? 2    DA  A C6    1 
ATOM   35   N N6    . DA  A 1 2   ? 28.941  -9.688  0.590   1.00 11.35 ? 2    DA  A N6    1 
ATOM   36   N N1    . DA  A 1 2   ? 28.520  -11.938 0.478   1.00 5.45  ? 2    DA  A N1    1 
ATOM   37   C C2    . DA  A 1 2   ? 28.074  -13.030 1.072   1.00 6.86  ? 2    DA  A C2    1 
ATOM   38   N N3    . DA  A 1 2   ? 27.562  -13.171 2.291   1.00 6.33  ? 2    DA  A N3    1 
ATOM   39   C C4    . DA  A 1 2   ? 27.521  -12.000 2.949   1.00 3.11  ? 2    DA  A C4    1 
ATOM   40   P P     . DC  A 1 3   ? 22.831  -14.448 6.903   1.00 4.62  ? 3    DC  A P     1 
ATOM   41   O OP1   . DC  A 1 3   ? 22.226  -14.577 8.246   1.00 3.45  ? 3    DC  A OP1   1 
ATOM   42   O OP2   . DC  A 1 3   ? 22.466  -15.357 5.794   1.00 5.91  ? 3    DC  A OP2   1 
ATOM   43   O "O5'" . DC  A 1 3   ? 22.595  -12.968 6.482   1.00 3.70  ? 3    DC  A "O5'" 1 
ATOM   44   C "C5'" . DC  A 1 3   ? 22.530  -11.932 7.442   1.00 5.39  ? 3    DC  A "C5'" 1 
ATOM   45   C "C4'" . DC  A 1 3   ? 22.270  -10.583 6.772   1.00 7.87  ? 3    DC  A "C4'" 1 
ATOM   46   O "O4'" . DC  A 1 3   ? 23.272  -10.333 5.762   1.00 6.90  ? 3    DC  A "O4'" 1 
ATOM   47   C "C3'" . DC  A 1 3   ? 20.913  -10.562 6.053   1.00 7.83  ? 3    DC  A "C3'" 1 
ATOM   48   O "O3'" . DC  A 1 3   ? 20.279  -9.324  6.340   1.00 9.97  ? 3    DC  A "O3'" 1 
ATOM   49   C "C2'" . DC  A 1 3   ? 21.326  -10.609 4.605   1.00 6.23  ? 3    DC  A "C2'" 1 
ATOM   50   C "C1'" . DC  A 1 3   ? 22.596  -9.798  4.624   1.00 6.40  ? 3    DC  A "C1'" 1 
ATOM   51   N N1    . DC  A 1 3   ? 23.444  -9.914  3.387   1.00 4.13  ? 3    DC  A N1    1 
ATOM   52   C C2    . DC  A 1 3   ? 24.218  -8.794  3.101   1.00 6.50  ? 3    DC  A C2    1 
ATOM   53   O O2    . DC  A 1 3   ? 24.281  -7.816  3.840   1.00 10.78 ? 3    DC  A O2    1 
ATOM   54   N N3    . DC  A 1 3   ? 24.948  -8.765  1.990   1.00 4.64  ? 3    DC  A N3    1 
ATOM   55   C C4    . DC  A 1 3   ? 24.936  -9.783  1.175   1.00 2.43  ? 3    DC  A C4    1 
ATOM   56   N N4    . DC  A 1 3   ? 25.644  -9.605  0.095   1.00 4.28  ? 3    DC  A N4    1 
ATOM   57   C C5    . DC  A 1 3   ? 24.179  -10.973 1.411   1.00 2.21  ? 3    DC  A C5    1 
ATOM   58   C C6    . DC  A 1 3   ? 23.440  -10.990 2.540   1.00 2.85  ? 3    DC  A C6    1 
ATOM   59   P P     . DG  A 1 4   ? 18.844  -9.317  7.049   1.00 12.80 ? 4    DG  A P     1 
ATOM   60   O OP1   . DG  A 1 4   ? 18.915  -9.891  8.406   1.00 17.22 ? 4    DG  A OP1   1 
ATOM   61   O OP2   . DG  A 1 4   ? 17.872  -9.857  6.094   1.00 11.38 ? 4    DG  A OP2   1 
ATOM   62   O "O5'" . DG  A 1 4   ? 18.713  -7.755  7.174   1.00 14.66 ? 4    DG  A "O5'" 1 
ATOM   63   C "C5'" . DG  A 1 4   ? 19.715  -6.954  7.803   1.00 17.27 ? 4    DG  A "C5'" 1 
ATOM   64   C "C4'" . DG  A 1 4   ? 19.795  -5.533  7.195   1.00 20.21 ? 4    DG  A "C4'" 1 
ATOM   65   O "O4'" . DG  A 1 4   ? 20.707  -5.546  6.069   1.00 20.42 ? 4    DG  A "O4'" 1 
ATOM   66   C "C3'" . DG  A 1 4   ? 18.420  -5.013  6.704   1.00 21.52 ? 4    DG  A "C3'" 1 
ATOM   67   O "O3'" . DG  A 1 4   ? 18.329  -3.583  6.922   1.00 24.74 ? 4    DG  A "O3'" 1 
ATOM   68   C "C2'" . DG  A 1 4   ? 18.578  -5.313  5.224   1.00 20.48 ? 4    DG  A "C2'" 1 
ATOM   69   C "C1'" . DG  A 1 4   ? 20.036  -5.051  4.894   1.00 20.22 ? 4    DG  A "C1'" 1 
ATOM   70   N N9    . DG  A 1 4   ? 20.432  -5.825  3.696   1.00 18.67 ? 4    DG  A N9    1 
ATOM   71   C C8    . DG  A 1 4   ? 20.152  -7.129  3.417   1.00 18.36 ? 4    DG  A C8    1 
ATOM   72   N N7    . DG  A 1 4   ? 20.689  -7.558  2.304   1.00 17.79 ? 4    DG  A N7    1 
ATOM   73   C C5    . DG  A 1 4   ? 21.376  -6.467  1.801   1.00 16.64 ? 4    DG  A C5    1 
ATOM   74   C C6    . DG  A 1 4   ? 22.138  -6.340  0.613   1.00 16.21 ? 4    DG  A C6    1 
ATOM   75   O O6    . DG  A 1 4   ? 22.436  -7.204  -0.204  1.00 17.22 ? 4    DG  A O6    1 
ATOM   76   N N1    . DG  A 1 4   ? 22.634  -5.077  0.447   1.00 15.26 ? 4    DG  A N1    1 
ATOM   77   C C2    . DG  A 1 4   ? 22.436  -4.053  1.320   1.00 18.05 ? 4    DG  A C2    1 
ATOM   78   N N2    . DG  A 1 4   ? 22.967  -2.893  0.939   1.00 20.96 ? 4    DG  A N2    1 
ATOM   79   N N3    . DG  A 1 4   ? 21.731  -4.158  2.459   1.00 18.21 ? 4    DG  A N3    1 
ATOM   80   C C4    . DG  A 1 4   ? 21.224  -5.395  2.636   1.00 17.99 ? 4    DG  A C4    1 
ATOM   81   P P     . DT  A 1 5   ? 17.058  -2.632  6.588   1.00 26.33 ? 5    DT  A P     1 
ATOM   82   O OP1   . DT  A 1 5   ? 17.183  -1.404  7.412   1.00 26.51 ? 5    DT  A OP1   1 
ATOM   83   O OP2   . DT  A 1 5   ? 15.807  -3.421  6.593   1.00 23.80 ? 5    DT  A OP2   1 
ATOM   84   O "O5'" . DT  A 1 5   ? 17.381  -2.248  5.084   1.00 23.26 ? 5    DT  A "O5'" 1 
ATOM   85   C "C5'" . DT  A 1 5   ? 18.471  -1.355  4.922   1.00 18.18 ? 5    DT  A "C5'" 1 
ATOM   86   C "C4'" . DT  A 1 5   ? 18.637  -0.925  3.499   1.00 16.32 ? 5    DT  A "C4'" 1 
ATOM   87   O "O4'" . DT  A 1 5   ? 19.075  -2.029  2.726   1.00 15.04 ? 5    DT  A "O4'" 1 
ATOM   88   C "C3'" . DT  A 1 5   ? 17.326  -0.457  2.892   1.00 16.12 ? 5    DT  A "C3'" 1 
ATOM   89   O "O3'" . DT  A 1 5   ? 17.621  0.758   2.225   1.00 19.86 ? 5    DT  A "O3'" 1 
ATOM   90   C "C2'" . DT  A 1 5   ? 17.006  -1.574  1.914   1.00 13.22 ? 5    DT  A "C2'" 1 
ATOM   91   C "C1'" . DT  A 1 5   ? 18.374  -2.036  1.494   1.00 11.06 ? 5    DT  A "C1'" 1 
ATOM   92   N N1    . DT  A 1 5   ? 18.471  -3.411  0.998   1.00 8.76  ? 5    DT  A N1    1 
ATOM   93   C C2    . DT  A 1 5   ? 19.300  -3.625  -0.080  1.00 8.49  ? 5    DT  A C2    1 
ATOM   94   O O2    . DT  A 1 5   ? 20.016  -2.763  -0.557  1.00 13.30 ? 5    DT  A O2    1 
ATOM   95   N N3    . DT  A 1 5   ? 19.344  -4.888  -0.583  1.00 5.27  ? 5    DT  A N3    1 
ATOM   96   C C4    . DT  A 1 5   ? 18.636  -5.946  -0.095  1.00 4.29  ? 5    DT  A C4    1 
ATOM   97   O O4    . DT  A 1 5   ? 18.747  -7.030  -0.629  1.00 6.20  ? 5    DT  A O4    1 
ATOM   98   C C5    . DT  A 1 5   ? 17.805  -5.654  1.031   1.00 5.36  ? 5    DT  A C5    1 
ATOM   99   C C7    . DT  A 1 5   ? 16.926  -6.737  1.637   1.00 7.96  ? 5    DT  A C7    1 
ATOM   100  C C6    . DT  A 1 5   ? 17.750  -4.423  1.539   1.00 7.04  ? 5    DT  A C6    1 
ATOM   101  P P     . DC  A 1 6   ? 16.472  1.834   1.963   1.00 22.42 ? 6    DC  A P     1 
ATOM   102  O OP1   . DC  A 1 6   ? 16.886  3.136   2.554   1.00 18.70 ? 6    DC  A OP1   1 
ATOM   103  O OP2   . DC  A 1 6   ? 15.177  1.202   2.316   1.00 21.85 ? 6    DC  A OP2   1 
ATOM   104  O "O5'" . DC  A 1 6   ? 16.533  1.878   0.369   1.00 20.04 ? 6    DC  A "O5'" 1 
ATOM   105  C "C5'" . DC  A 1 6   ? 17.713  2.182   -0.360  1.00 19.43 ? 6    DC  A "C5'" 1 
ATOM   106  C "C4'" . DC  A 1 6   ? 17.601  1.840   -1.867  1.00 19.35 ? 6    DC  A "C4'" 1 
ATOM   107  O "O4'" . DC  A 1 6   ? 17.836  0.438   -2.069  1.00 19.38 ? 6    DC  A "O4'" 1 
ATOM   108  C "C3'" . DC  A 1 6   ? 16.187  2.154   -2.430  1.00 21.11 ? 6    DC  A "C3'" 1 
ATOM   109  O "O3'" . DC  A 1 6   ? 16.157  2.570   -3.798  1.00 26.85 ? 6    DC  A "O3'" 1 
ATOM   110  C "C2'" . DC  A 1 6   ? 15.625  0.770   -2.483  1.00 18.77 ? 6    DC  A "C2'" 1 
ATOM   111  C "C1'" . DC  A 1 6   ? 16.804  -0.080  -2.910  1.00 15.15 ? 6    DC  A "C1'" 1 
ATOM   112  N N1    . DC  A 1 6   ? 16.635  -1.528  -2.620  1.00 9.65  ? 6    DC  A N1    1 
ATOM   113  C C2    . DC  A 1 6   ? 17.314  -2.419  -3.412  1.00 7.84  ? 6    DC  A C2    1 
ATOM   114  O O2    . DC  A 1 6   ? 18.036  -2.029  -4.303  1.00 9.46  ? 6    DC  A O2    1 
ATOM   115  N N3    . DC  A 1 6   ? 17.202  -3.744  -3.188  1.00 7.03  ? 6    DC  A N3    1 
ATOM   116  C C4    . DC  A 1 6   ? 16.439  -4.176  -2.200  1.00 5.56  ? 6    DC  A C4    1 
ATOM   117  N N4    . DC  A 1 6   ? 16.366  -5.461  -1.998  1.00 5.82  ? 6    DC  A N4    1 
ATOM   118  C C5    . DC  A 1 6   ? 15.716  -3.300  -1.354  1.00 4.41  ? 6    DC  A C5    1 
ATOM   119  C C6    . DC  A 1 6   ? 15.845  -1.981  -1.605  1.00 8.33  ? 6    DC  A C6    1 
ATOM   120  P P     . DA  A 1 7   ? 15.596  4.003   -4.413  1.00 29.89 ? 7    DA  A P     1 
ATOM   121  O OP1   . DA  A 1 7   ? 16.410  5.145   -3.912  1.00 29.71 ? 7    DA  A OP1   1 
ATOM   122  O OP2   . DA  A 1 7   ? 14.107  4.038   -4.346  1.00 28.35 ? 7    DA  A OP2   1 
ATOM   123  O "O5'" . DA  A 1 7   ? 16.055  3.725   -5.929  1.00 27.07 ? 7    DA  A "O5'" 1 
ATOM   124  C "C5'" . DA  A 1 7   ? 17.450  3.652   -6.279  1.00 22.45 ? 7    DA  A "C5'" 1 
ATOM   125  C "C4'" . DA  A 1 7   ? 17.690  2.932   -7.631  1.00 22.15 ? 7    DA  A "C4'" 1 
ATOM   126  O "O4'" . DA  A 1 7   ? 17.493  1.508   -7.544  1.00 19.91 ? 7    DA  A "O4'" 1 
ATOM   127  C "C3'" . DA  A 1 7   ? 16.704  3.400   -8.678  1.00 21.58 ? 7    DA  A "C3'" 1 
ATOM   128  O "O3'" . DA  A 1 7   ? 17.413  3.414   -9.886  1.00 24.72 ? 7    DA  A "O3'" 1 
ATOM   129  C "C2'" . DA  A 1 7   ? 15.644  2.308   -8.668  1.00 19.67 ? 7    DA  A "C2'" 1 
ATOM   130  C "C1'" . DA  A 1 7   ? 16.397  1.052   -8.313  1.00 15.75 ? 7    DA  A "C1'" 1 
ATOM   131  N N9    . DA  A 1 7   ? 15.719  0.155   -7.411  1.00 11.99 ? 7    DA  A N9    1 
ATOM   132  C C8    . DA  A 1 7   ? 14.943  0.438   -6.333  1.00 11.61 ? 7    DA  A C8    1 
ATOM   133  N N7    . DA  A 1 7   ? 14.490  -0.621  -5.722  1.00 12.06 ? 7    DA  A N7    1 
ATOM   134  C C5    . DA  A 1 7   ? 15.015  -1.670  -6.456  1.00 12.18 ? 7    DA  A C5    1 
ATOM   135  C C6    . DA  A 1 7   ? 14.900  -3.049  -6.343  1.00 12.14 ? 7    DA  A C6    1 
ATOM   136  N N6    . DA  A 1 7   ? 14.168  -3.641  -5.419  1.00 11.38 ? 7    DA  A N6    1 
ATOM   137  N N1    . DA  A 1 7   ? 15.529  -3.801  -7.234  1.00 13.92 ? 7    DA  A N1    1 
ATOM   138  C C2    . DA  A 1 7   ? 16.218  -3.205  -8.173  1.00 15.32 ? 7    DA  A C2    1 
ATOM   139  N N3    . DA  A 1 7   ? 16.404  -1.914  -8.396  1.00 15.75 ? 7    DA  A N3    1 
ATOM   140  C C4    . DA  A 1 7   ? 15.760  -1.196  -7.482  1.00 12.42 ? 7    DA  A C4    1 
ATOM   141  P P     . DC  A 1 8   ? 16.746  3.992   -11.187 1.00 27.73 ? 8    DC  A P     1 
ATOM   142  O OP1   . DC  A 1 8   ? 17.873  4.510   -11.993 1.00 29.50 ? 8    DC  A OP1   1 
ATOM   143  O OP2   . DC  A 1 8   ? 15.633  4.871   -10.761 1.00 27.79 ? 8    DC  A OP2   1 
ATOM   144  O "O5'" . DC  A 1 8   ? 16.120  2.720   -11.933 1.00 25.85 ? 8    DC  A "O5'" 1 
ATOM   145  C "C5'" . DC  A 1 8   ? 16.968  1.648   -12.389 1.00 25.50 ? 8    DC  A "C5'" 1 
ATOM   146  C "C4'" . DC  A 1 8   ? 16.225  0.292   -12.548 1.00 23.40 ? 8    DC  A "C4'" 1 
ATOM   147  O "O4'" . DC  A 1 8   ? 15.677  -0.256  -11.336 1.00 20.42 ? 8    DC  A "O4'" 1 
ATOM   148  C "C3'" . DC  A 1 8   ? 15.066  0.544   -13.464 1.00 23.92 ? 8    DC  A "C3'" 1 
ATOM   149  O "O3'" . DC  A 1 8   ? 15.501  -0.015  -14.713 1.00 26.23 ? 8    DC  A "O3'" 1 
ATOM   150  C "C2'" . DC  A 1 8   ? 13.929  -0.165  -12.764 1.00 21.29 ? 8    DC  A "C2'" 1 
ATOM   151  C "C1'" . DC  A 1 8   ? 14.558  -1.036  -11.700 1.00 17.16 ? 8    DC  A "C1'" 1 
ATOM   152  N N1    . DC  A 1 8   ? 13.686  -1.228  -10.513 1.00 12.44 ? 8    DC  A N1    1 
ATOM   153  C C2    . DC  A 1 8   ? 13.364  -2.510  -10.155 1.00 11.15 ? 8    DC  A C2    1 
ATOM   154  O O2    . DC  A 1 8   ? 13.743  -3.456  -10.852 1.00 13.61 ? 8    DC  A O2    1 
ATOM   155  N N3    . DC  A 1 8   ? 12.621  -2.702  -9.043  1.00 7.64  ? 8    DC  A N3    1 
ATOM   156  C C4    . DC  A 1 8   ? 12.216  -1.669  -8.327  1.00 8.47  ? 8    DC  A C4    1 
ATOM   157  N N4    . DC  A 1 8   ? 11.527  -1.853  -7.212  1.00 11.07 ? 8    DC  A N4    1 
ATOM   158  C C5    . DC  A 1 8   ? 12.527  -0.346  -8.687  1.00 8.74  ? 8    DC  A C5    1 
ATOM   159  C C6    . DC  A 1 8   ? 13.266  -0.178  -9.788  1.00 10.81 ? 8    DC  A C6    1 
ATOM   160  P P     . DG  A 1 9   ? 14.719  0.262   -16.072 1.00 28.64 ? 9    DG  A P     1 
ATOM   161  O OP1   . DG  A 1 9   ? 15.688  0.135   -17.188 1.00 26.39 ? 9    DG  A OP1   1 
ATOM   162  O OP2   . DG  A 1 9   ? 13.859  1.461   -15.901 1.00 26.15 ? 9    DG  A OP2   1 
ATOM   163  O "O5'" . DG  A 1 9   ? 13.778  -1.014  -16.031 1.00 27.00 ? 9    DG  A "O5'" 1 
ATOM   164  C "C5'" . DG  A 1 9   ? 14.283  -2.283  -16.413 1.00 23.86 ? 9    DG  A "C5'" 1 
ATOM   165  C "C4'" . DG  A 1 9   ? 13.209  -3.340  -16.370 1.00 21.61 ? 9    DG  A "C4'" 1 
ATOM   166  O "O4'" . DG  A 1 9   ? 12.722  -3.386  -15.029 1.00 21.16 ? 9    DG  A "O4'" 1 
ATOM   167  C "C3'" . DG  A 1 9   ? 12.027  -3.024  -17.304 1.00 21.74 ? 9    DG  A "C3'" 1 
ATOM   168  O "O3'" . DG  A 1 9   ? 11.506  -4.253  -17.774 1.00 23.04 ? 9    DG  A "O3'" 1 
ATOM   169  C "C2'" . DG  A 1 9   ? 11.051  -2.353  -16.367 1.00 19.55 ? 9    DG  A "C2'" 1 
ATOM   170  C "C1'" . DG  A 1 9   ? 11.331  -3.097  -15.090 1.00 19.82 ? 9    DG  A "C1'" 1 
ATOM   171  N N9    . DG  A 1 9   ? 10.973  -2.334  -13.894 1.00 17.58 ? 9    DG  A N9    1 
ATOM   172  C C8    . DG  A 1 9   ? 10.844  -0.992  -13.654 1.00 15.79 ? 9    DG  A C8    1 
ATOM   173  N N7    . DG  A 1 9   ? 10.375  -0.725  -12.470 1.00 14.30 ? 9    DG  A N7    1 
ATOM   174  C C5    . DG  A 1 9   ? 10.190  -1.979  -11.902 1.00 14.93 ? 9    DG  A C5    1 
ATOM   175  C C6    . DG  A 1 9   ? 9.678   -2.340  -10.643 1.00 15.96 ? 9    DG  A C6    1 
ATOM   176  O O6    . DG  A 1 9   ? 9.276   -1.605  -9.751  1.00 18.47 ? 9    DG  A O6    1 
ATOM   177  N N1    . DG  A 1 9   ? 9.640   -3.703  -10.485 1.00 14.11 ? 9    DG  A N1    1 
ATOM   178  C C2    . DG  A 1 9   ? 10.051  -4.610  -11.427 1.00 14.46 ? 9    DG  A C2    1 
ATOM   179  N N2    . DG  A 1 9   ? 9.934   -5.889  -11.104 1.00 16.23 ? 9    DG  A N2    1 
ATOM   180  N N3    . DG  A 1 9   ? 10.533  -4.285  -12.612 1.00 13.67 ? 9    DG  A N3    1 
ATOM   181  C C4    . DG  A 1 9   ? 10.566  -2.955  -12.768 1.00 15.34 ? 9    DG  A C4    1 
ATOM   182  P P     . DG  A 1 10  ? 10.266  -4.354  -18.746 1.00 25.08 ? 10   DG  A P     1 
ATOM   183  O OP1   . DG  A 1 10  ? 10.574  -5.509  -19.606 1.00 26.33 ? 10   DG  A OP1   1 
ATOM   184  O OP2   . DG  A 1 10  ? 9.958   -3.041  -19.347 1.00 29.26 ? 10   DG  A OP2   1 
ATOM   185  O "O5'" . DG  A 1 10  ? 9.035   -4.666  -17.769 1.00 23.53 ? 10   DG  A "O5'" 1 
ATOM   186  C "C5'" . DG  A 1 10  ? 8.887   -5.996  -17.291 1.00 21.02 ? 10   DG  A "C5'" 1 
ATOM   187  C "C4'" . DG  A 1 10  ? 7.957   -6.143  -16.099 1.00 15.61 ? 10   DG  A "C4'" 1 
ATOM   188  O "O4'" . DG  A 1 10  ? 8.301   -5.224  -15.086 1.00 12.61 ? 10   DG  A "O4'" 1 
ATOM   189  C "C3'" . DG  A 1 10  ? 6.544   -5.809  -16.415 1.00 15.56 ? 10   DG  A "C3'" 1 
ATOM   190  O "O3'" . DG  A 1 10  ? 5.995   -6.930  -17.102 1.00 18.02 ? 10   DG  A "O3'" 1 
ATOM   191  C "C2'" . DG  A 1 10  ? 6.044   -5.712  -14.990 1.00 13.64 ? 10   DG  A "C2'" 1 
ATOM   192  C "C1'" . DG  A 1 10  ? 7.233   -5.329  -14.167 1.00 10.61 ? 10   DG  A "C1'" 1 
ATOM   193  N N9    . DG  A 1 10  ? 7.017   -4.051  -13.529 1.00 7.91  ? 10   DG  A N9    1 
ATOM   194  C C8    . DG  A 1 10  ? 7.436   -2.822  -13.913 1.00 7.52  ? 10   DG  A C8    1 
ATOM   195  N N7    . DG  A 1 10  ? 7.158   -1.899  -13.030 1.00 9.20  ? 10   DG  A N7    1 
ATOM   196  C C5    . DG  A 1 10  ? 6.503   -2.580  -12.014 1.00 3.92  ? 10   DG  A C5    1 
ATOM   197  C C6    . DG  A 1 10  ? 5.957   -2.118  -10.814 1.00 5.89  ? 10   DG  A C6    1 
ATOM   198  O O6    . DG  A 1 10  ? 5.962   -0.981  -10.354 1.00 7.28  ? 10   DG  A O6    1 
ATOM   199  N N1    . DG  A 1 10  ? 5.381   -3.115  -10.091 1.00 3.99  ? 10   DG  A N1    1 
ATOM   200  C C2    . DG  A 1 10  ? 5.342   -4.402  -10.475 1.00 5.52  ? 10   DG  A C2    1 
ATOM   201  N N2    . DG  A 1 10  ? 4.747   -5.252  -9.675  1.00 9.07  ? 10   DG  A N2    1 
ATOM   202  N N3    . DG  A 1 10  ? 5.851   -4.847  -11.592 1.00 6.53  ? 10   DG  A N3    1 
ATOM   203  C C4    . DG  A 1 10  ? 6.414   -3.885  -12.313 1.00 5.12  ? 10   DG  A C4    1 
ATOM   204  P P     . DT  A 1 11  ? 4.441   -7.078  -17.472 1.00 20.78 ? 11   DT  A P     1 
ATOM   205  O OP1   . DT  A 1 11  ? 4.298   -8.362  -18.198 1.00 19.30 ? 11   DT  A OP1   1 
ATOM   206  O OP2   . DT  A 1 11  ? 3.934   -5.817  -18.069 1.00 20.86 ? 11   DT  A OP2   1 
ATOM   207  O "O5'" . DT  A 1 11  ? 3.723   -7.210  -16.066 1.00 17.16 ? 11   DT  A "O5'" 1 
ATOM   208  C "C5'" . DT  A 1 11  ? 3.781   -8.451  -15.407 1.00 19.29 ? 11   DT  A "C5'" 1 
ATOM   209  C "C4'" . DT  A 1 11  ? 2.874   -8.425  -14.224 1.00 19.38 ? 11   DT  A "C4'" 1 
ATOM   210  O "O4'" . DT  A 1 11  ? 3.252   -7.299  -13.430 1.00 18.21 ? 11   DT  A "O4'" 1 
ATOM   211  C "C3'" . DT  A 1 11  ? 1.412   -8.274  -14.634 1.00 19.74 ? 11   DT  A "C3'" 1 
ATOM   212  O "O3'" . DT  A 1 11  ? 0.595   -9.078  -13.791 1.00 23.81 ? 11   DT  A "O3'" 1 
ATOM   213  C "C2'" . DT  A 1 11  ? 1.163   -6.834  -14.332 1.00 19.22 ? 11   DT  A "C2'" 1 
ATOM   214  C "C1'" . DT  A 1 11  ? 2.076   -6.541  -13.161 1.00 18.24 ? 11   DT  A "C1'" 1 
ATOM   215  N N1    . DT  A 1 11  ? 2.408   -5.111  -13.108 1.00 16.30 ? 11   DT  A N1    1 
ATOM   216  C C2    . DT  A 1 11  ? 2.207   -4.445  -11.933 1.00 15.74 ? 11   DT  A C2    1 
ATOM   217  O O2    . DT  A 1 11  ? 1.769   -5.004  -10.929 1.00 17.47 ? 11   DT  A O2    1 
ATOM   218  N N3    . DT  A 1 11  ? 2.507   -3.094  -11.961 1.00 14.64 ? 11   DT  A N3    1 
ATOM   219  C C4    . DT  A 1 11  ? 2.981   -2.391  -13.053 1.00 14.37 ? 11   DT  A C4    1 
ATOM   220  O O4    . DT  A 1 11  ? 3.227   -1.194  -12.995 1.00 15.51 ? 11   DT  A O4    1 
ATOM   221  C C5    . DT  A 1 11  ? 3.152   -3.190  -14.215 1.00 13.74 ? 11   DT  A C5    1 
ATOM   222  C C7    . DT  A 1 11  ? 3.679   -2.587  -15.480 1.00 14.75 ? 11   DT  A C7    1 
ATOM   223  C C6    . DT  A 1 11  ? 2.870   -4.481  -14.208 1.00 16.03 ? 11   DT  A C6    1 
ATOM   224  P P     . DT  A 1 12  ? -0.911  -9.527  -14.177 1.00 26.45 ? 12   DT  A P     1 
ATOM   225  O OP1   . DT  A 1 12  ? -1.013  -11.000 -13.984 1.00 28.64 ? 12   DT  A OP1   1 
ATOM   226  O OP2   . DT  A 1 12  ? -1.274  -8.915  -15.467 1.00 28.30 ? 12   DT  A OP2   1 
ATOM   227  O "O5'" . DT  A 1 12  ? -1.797  -8.842  -13.069 1.00 22.86 ? 12   DT  A "O5'" 1 
ATOM   228  C "C5'" . DT  A 1 12  ? -1.585  -9.222  -11.726 1.00 19.73 ? 12   DT  A "C5'" 1 
ATOM   229  C "C4'" . DT  A 1 12  ? -1.997  -8.110  -10.851 1.00 15.06 ? 12   DT  A "C4'" 1 
ATOM   230  O "O4'" . DT  A 1 12  ? -1.362  -6.905  -11.212 1.00 13.36 ? 12   DT  A "O4'" 1 
ATOM   231  C "C3'" . DT  A 1 12  ? -3.441  -7.910  -11.098 1.00 17.01 ? 12   DT  A "C3'" 1 
ATOM   232  O "O3'" . DT  A 1 12  ? -4.086  -8.422  -9.937  1.00 20.86 ? 12   DT  A "O3'" 1 
ATOM   233  C "C2'" . DT  A 1 12  ? -3.594  -6.427  -11.358 1.00 16.30 ? 12   DT  A "C2'" 1 
ATOM   234  C "C1'" . DT  A 1 12  ? -2.283  -5.841  -10.966 1.00 13.24 ? 12   DT  A "C1'" 1 
ATOM   235  N N1    . DT  A 1 12  ? -1.892  -4.632  -11.763 1.00 10.29 ? 12   DT  A N1    1 
ATOM   236  C C2    . DT  A 1 12  ? -1.711  -3.470  -11.040 1.00 9.22  ? 12   DT  A C2    1 
ATOM   237  O O2    . DT  A 1 12  ? -2.006  -3.395  -9.854  1.00 9.59  ? 12   DT  A O2    1 
ATOM   238  N N3    . DT  A 1 12  ? -1.198  -2.382  -11.728 1.00 8.45  ? 12   DT  A N3    1 
ATOM   239  C C4    . DT  A 1 12  ? -0.857  -2.354  -13.066 1.00 10.03 ? 12   DT  A C4    1 
ATOM   240  O O4    . DT  A 1 12  ? -0.380  -1.357  -13.592 1.00 16.17 ? 12   DT  A O4    1 
ATOM   241  C C5    . DT  A 1 12  ? -1.084  -3.574  -13.760 1.00 9.25  ? 12   DT  A C5    1 
ATOM   242  C C7    . DT  A 1 12  ? -0.717  -3.595  -15.239 1.00 7.75  ? 12   DT  A C7    1 
ATOM   243  C C6    . DT  A 1 12  ? -1.585  -4.659  -13.113 1.00 10.51 ? 12   DT  A C6    1 
ATOM   244  P P     . DG  A 1 13  ? -5.563  -9.066  -10.031 1.00 25.42 ? 13   DG  A P     1 
ATOM   245  O OP1   . DG  A 1 13  ? -5.719  -10.076 -8.954  1.00 28.15 ? 13   DG  A OP1   1 
ATOM   246  O OP2   . DG  A 1 13  ? -5.914  -9.448  -11.430 1.00 25.72 ? 13   DG  A OP2   1 
ATOM   247  O "O5'" . DG  A 1 13  ? -6.351  -7.719  -9.652  1.00 22.66 ? 13   DG  A "O5'" 1 
ATOM   248  C "C5'" . DG  A 1 13  ? -6.105  -7.119  -8.384  1.00 22.06 ? 13   DG  A "C5'" 1 
ATOM   249  C "C4'" . DG  A 1 13  ? -6.755  -5.744  -8.209  1.00 20.39 ? 13   DG  A "C4'" 1 
ATOM   250  O "O4'" . DG  A 1 13  ? -6.128  -4.820  -9.109  1.00 18.08 ? 13   DG  A "O4'" 1 
ATOM   251  C "C3'" . DG  A 1 13  ? -8.240  -5.747  -8.580  1.00 21.29 ? 13   DG  A "C3'" 1 
ATOM   252  O "O3'" . DG  A 1 13  ? -8.920  -4.808  -7.744  1.00 24.78 ? 13   DG  A "O3'" 1 
ATOM   253  C "C2'" . DG  A 1 13  ? -8.184  -5.225  -10.006 1.00 16.45 ? 13   DG  A "C2'" 1 
ATOM   254  C "C1'" . DG  A 1 13  ? -7.117  -4.175  -9.879  1.00 11.56 ? 13   DG  A "C1'" 1 
ATOM   255  N N9    . DG  A 1 13  ? -6.441  -3.807  -11.104 1.00 5.20  ? 13   DG  A N9    1 
ATOM   256  C C8    . DG  A 1 13  ? -6.384  -4.441  -12.307 1.00 3.72  ? 13   DG  A C8    1 
ATOM   257  N N7    . DG  A 1 13  ? -5.675  -3.787  -13.196 1.00 2.08  ? 13   DG  A N7    1 
ATOM   258  C C5    . DG  A 1 13  ? -5.237  -2.648  -12.538 1.00 -0.59 ? 13   DG  A C5    1 
ATOM   259  C C6    . DG  A 1 13  ? -4.454  -1.559  -12.993 1.00 0.95  ? 13   DG  A C6    1 
ATOM   260  O O6    . DG  A 1 13  ? -3.941  -1.377  -14.093 1.00 4.74  ? 13   DG  A O6    1 
ATOM   261  N N1    . DG  A 1 13  ? -4.282  -0.614  -12.028 1.00 -0.77 ? 13   DG  A N1    1 
ATOM   262  C C2    . DG  A 1 13  ? -4.800  -0.700  -10.765 1.00 2.21  ? 13   DG  A C2    1 
ATOM   263  N N2    . DG  A 1 13  ? -4.586  0.340   -9.957  1.00 3.93  ? 13   DG  A N2    1 
ATOM   264  N N3    . DG  A 1 13  ? -5.525  -1.720  -10.323 1.00 1.82  ? 13   DG  A N3    1 
ATOM   265  C C4    . DG  A 1 13  ? -5.704  -2.655  -11.263 1.00 1.87  ? 13   DG  A C4    1 
ATOM   266  P P     . DA  A 1 14  ? -10.244 -5.273  -6.953  1.00 27.92 ? 14   DA  A P     1 
ATOM   267  O OP1   . DA  A 1 14  ? -9.895  -6.189  -5.835  1.00 28.13 ? 14   DA  A OP1   1 
ATOM   268  O OP2   . DA  A 1 14  ? -11.286 -5.682  -7.914  1.00 27.62 ? 14   DA  A OP2   1 
ATOM   269  O "O5'" . DA  A 1 14  ? -10.576 -3.824  -6.407  1.00 23.89 ? 14   DA  A "O5'" 1 
ATOM   270  C "C5'" . DA  A 1 14  ? -9.880  -3.226  -5.332  1.00 23.86 ? 14   DA  A "C5'" 1 
ATOM   271  C "C4'" . DA  A 1 14  ? -10.206 -1.757  -5.283  1.00 24.33 ? 14   DA  A "C4'" 1 
ATOM   272  O "O4'" . DA  A 1 14  ? -9.661  -1.187  -6.461  1.00 22.24 ? 14   DA  A "O4'" 1 
ATOM   273  C "C3'" . DA  A 1 14  ? -11.713 -1.468  -5.365  1.00 26.93 ? 14   DA  A "C3'" 1 
ATOM   274  O "O3'" . DA  A 1 14  ? -11.980 -0.237  -4.674  1.00 29.85 ? 14   DA  A "O3'" 1 
ATOM   275  C "C2'" . DA  A 1 14  ? -11.968 -1.329  -6.869  1.00 22.70 ? 14   DA  A "C2'" 1 
ATOM   276  C "C1'" . DA  A 1 14  ? -10.668 -0.705  -7.347  1.00 20.61 ? 14   DA  A "C1'" 1 
ATOM   277  N N9    . DA  A 1 14  ? -10.252 -1.107  -8.710  1.00 16.84 ? 14   DA  A N9    1 
ATOM   278  C C8    . DA  A 1 14  ? -10.645 -2.183  -9.461  1.00 16.24 ? 14   DA  A C8    1 
ATOM   279  N N7    . DA  A 1 14  ? -10.120 -2.209  -10.656 1.00 14.46 ? 14   DA  A N7    1 
ATOM   280  C C5    . DA  A 1 14  ? -9.323  -1.079  -10.701 1.00 12.37 ? 14   DA  A C5    1 
ATOM   281  C C6    . DA  A 1 14  ? -8.512  -0.534  -11.708 1.00 15.46 ? 14   DA  A C6    1 
ATOM   282  N N6    . DA  A 1 14  ? -8.353  -1.069  -12.928 1.00 16.19 ? 14   DA  A N6    1 
ATOM   283  N N1    . DA  A 1 14  ? -7.879  0.603   -11.419 1.00 16.14 ? 14   DA  A N1    1 
ATOM   284  C C2    . DA  A 1 14  ? -8.048  1.152   -10.220 1.00 15.98 ? 14   DA  A C2    1 
ATOM   285  N N3    . DA  A 1 14  ? -8.778  0.742   -9.199  1.00 14.62 ? 14   DA  A N3    1 
ATOM   286  C C4    . DA  A 1 14  ? -9.398  -0.405  -9.519  1.00 13.50 ? 14   DA  A C4    1 
ATOM   287  P P     . DC  A 1 15  ? -13.497 0.291   -4.538  1.00 30.45 ? 15   DC  A P     1 
ATOM   288  O OP1   . DC  A 1 15  ? -13.620 1.035   -3.260  1.00 32.87 ? 15   DC  A OP1   1 
ATOM   289  O OP2   . DC  A 1 15  ? -14.449 -0.804  -4.874  1.00 28.60 ? 15   DC  A OP2   1 
ATOM   290  O "O5'" . DC  A 1 15  ? -13.409 1.349   -5.726  1.00 28.01 ? 15   DC  A "O5'" 1 
ATOM   291  C "C5'" . DC  A 1 15  ? -12.548 2.484   -5.493  1.00 24.82 ? 15   DC  A "C5'" 1 
ATOM   292  C "C4'" . DC  A 1 15  ? -12.477 3.388   -6.705  1.00 21.74 ? 15   DC  A "C4'" 1 
ATOM   293  O "O4'" . DC  A 1 15  ? -11.874 2.734   -7.853  1.00 18.61 ? 15   DC  A "O4'" 1 
ATOM   294  C "C3'" . DC  A 1 15  ? -13.914 3.766   -7.063  1.00 20.68 ? 15   DC  A "C3'" 1 
ATOM   295  O "O3'" . DC  A 1 15  ? -14.040 5.180   -7.105  1.00 22.80 ? 15   DC  A "O3'" 1 
ATOM   296  C "C2'" . DC  A 1 15  ? -14.081 3.199   -8.439  1.00 17.88 ? 15   DC  A "C2'" 1 
ATOM   297  C "C1'" . DC  A 1 15  ? -12.664 3.103   -8.979  1.00 15.57 ? 15   DC  A "C1'" 1 
ATOM   298  N N1    . DC  A 1 15  ? -12.557 2.082   -10.059 1.00 11.20 ? 15   DC  A N1    1 
ATOM   299  C C2    . DC  A 1 15  ? -11.652 2.318   -11.074 1.00 9.77  ? 15   DC  A C2    1 
ATOM   300  O O2    . DC  A 1 15  ? -10.915 3.312   -11.090 1.00 10.63 ? 15   DC  A O2    1 
ATOM   301  N N3    . DC  A 1 15  ? -11.583 1.406   -12.065 1.00 7.53  ? 15   DC  A N3    1 
ATOM   302  C C4    . DC  A 1 15  ? -12.339 0.312   -12.092 1.00 7.79  ? 15   DC  A C4    1 
ATOM   303  N N4    . DC  A 1 15  ? -12.204 -0.557  -13.106 1.00 9.64  ? 15   DC  A N4    1 
ATOM   304  C C5    . DC  A 1 15  ? -13.271 0.046   -11.067 1.00 6.93  ? 15   DC  A C5    1 
ATOM   305  C C6    . DC  A 1 15  ? -13.338 0.957   -10.080 1.00 11.08 ? 15   DC  A C6    1 
ATOM   306  O "O5'" . DT  B 2 1   ? -17.933 -3.551  -20.293 1.00 51.52 ? 16   DT  B "O5'" 1 
ATOM   307  C "C5'" . DT  B 2 1   ? -18.452 -3.249  -21.601 1.00 49.05 ? 16   DT  B "C5'" 1 
ATOM   308  C "C4'" . DT  B 2 1   ? -17.674 -2.165  -22.339 1.00 47.16 ? 16   DT  B "C4'" 1 
ATOM   309  O "O4'" . DT  B 2 1   ? -17.913 -0.889  -21.740 1.00 44.90 ? 16   DT  B "O4'" 1 
ATOM   310  C "C3'" . DT  B 2 1   ? -16.198 -2.482  -22.290 1.00 46.57 ? 16   DT  B "C3'" 1 
ATOM   311  O "O3'" . DT  B 2 1   ? -15.615 -2.327  -23.568 1.00 48.80 ? 16   DT  B "O3'" 1 
ATOM   312  C "C2'" . DT  B 2 1   ? -15.676 -1.452  -21.349 1.00 43.76 ? 16   DT  B "C2'" 1 
ATOM   313  C "C1'" . DT  B 2 1   ? -16.681 -0.313  -21.334 1.00 42.53 ? 16   DT  B "C1'" 1 
ATOM   314  N N1    . DT  B 2 1   ? -16.804 0.242   -19.960 1.00 39.65 ? 16   DT  B N1    1 
ATOM   315  C C2    . DT  B 2 1   ? -16.336 1.529   -19.738 1.00 39.14 ? 16   DT  B C2    1 
ATOM   316  O O2    . DT  B 2 1   ? -15.811 2.242   -20.588 1.00 41.90 ? 16   DT  B O2    1 
ATOM   317  N N3    . DT  B 2 1   ? -16.454 1.992   -18.456 1.00 38.23 ? 16   DT  B N3    1 
ATOM   318  C C4    . DT  B 2 1   ? -16.976 1.305   -17.384 1.00 36.70 ? 16   DT  B C4    1 
ATOM   319  O O4    . DT  B 2 1   ? -17.055 1.853   -16.291 1.00 36.29 ? 16   DT  B O4    1 
ATOM   320  C C5    . DT  B 2 1   ? -17.423 -0.022  -17.691 1.00 36.33 ? 16   DT  B C5    1 
ATOM   321  C C7    . DT  B 2 1   ? -17.937 -0.908  -16.571 1.00 35.72 ? 16   DT  B C7    1 
ATOM   322  C C6    . DT  B 2 1   ? -17.336 -0.503  -18.937 1.00 37.44 ? 16   DT  B C6    1 
ATOM   323  P P     . DT  B 2 2   ? -14.181 -3.023  -23.816 1.00 51.18 ? 17   DT  B P     1 
ATOM   324  O OP1   . DT  B 2 2   ? -14.076 -3.274  -25.275 1.00 53.50 ? 17   DT  B OP1   1 
ATOM   325  O OP2   . DT  B 2 2   ? -13.963 -4.135  -22.855 1.00 49.82 ? 17   DT  B OP2   1 
ATOM   326  O "O5'" . DT  B 2 2   ? -13.211 -1.802  -23.405 1.00 45.82 ? 17   DT  B "O5'" 1 
ATOM   327  C "C5'" . DT  B 2 2   ? -13.200 -0.649  -24.233 1.00 38.45 ? 17   DT  B "C5'" 1 
ATOM   328  C "C4'" . DT  B 2 2   ? -12.434 0.484   -23.604 1.00 32.63 ? 17   DT  B "C4'" 1 
ATOM   329  O "O4'" . DT  B 2 2   ? -12.991 0.829   -22.331 1.00 28.47 ? 17   DT  B "O4'" 1 
ATOM   330  C "C3'" . DT  B 2 2   ? -11.005 0.077   -23.361 1.00 30.00 ? 17   DT  B "C3'" 1 
ATOM   331  O "O3'" . DT  B 2 2   ? -10.226 1.190   -23.791 1.00 30.75 ? 17   DT  B "O3'" 1 
ATOM   332  C "C2'" . DT  B 2 2   ? -10.995 -0.091  -21.859 1.00 28.19 ? 17   DT  B "C2'" 1 
ATOM   333  C "C1'" . DT  B 2 2   ? -11.919 1.008   -21.421 1.00 26.12 ? 17   DT  B "C1'" 1 
ATOM   334  N N1    . DT  B 2 2   ? -12.435 0.836   -20.063 1.00 22.45 ? 17   DT  B N1    1 
ATOM   335  C C2    . DT  B 2 2   ? -12.465 1.920   -19.247 1.00 21.47 ? 17   DT  B C2    1 
ATOM   336  O O2    . DT  B 2 2   ? -12.043 3.031   -19.512 1.00 24.88 ? 17   DT  B O2    1 
ATOM   337  N N3    . DT  B 2 2   ? -12.972 1.742   -18.029 1.00 19.25 ? 17   DT  B N3    1 
ATOM   338  C C4    . DT  B 2 2   ? -13.468 0.581   -17.485 1.00 21.68 ? 17   DT  B C4    1 
ATOM   339  O O4    . DT  B 2 2   ? -13.918 0.524   -16.346 1.00 22.58 ? 17   DT  B O4    1 
ATOM   340  C C5    . DT  B 2 2   ? -13.398 -0.523  -18.392 1.00 23.68 ? 17   DT  B C5    1 
ATOM   341  C C7    . DT  B 2 2   ? -13.903 -1.906  -17.930 1.00 23.37 ? 17   DT  B C7    1 
ATOM   342  C C6    . DT  B 2 2   ? -12.896 -0.355  -19.625 1.00 23.36 ? 17   DT  B C6    1 
ATOM   343  P P     . DG  B 2 3   ? -8.651  1.276   -23.522 1.00 28.50 ? 18   DG  B P     1 
ATOM   344  O OP1   . DG  B 2 3   ? -8.014  2.016   -24.632 1.00 29.02 ? 18   DG  B OP1   1 
ATOM   345  O OP2   . DG  B 2 3   ? -8.209  -0.084  -23.172 1.00 31.78 ? 18   DG  B OP2   1 
ATOM   346  O "O5'" . DG  B 2 3   ? -8.536  2.123   -22.224 1.00 24.92 ? 18   DG  B "O5'" 1 
ATOM   347  C "C5'" . DG  B 2 3   ? -8.891  3.483   -22.367 1.00 22.31 ? 18   DG  B "C5'" 1 
ATOM   348  C "C4'" . DG  B 2 3   ? -8.520  4.267   -21.142 1.00 18.35 ? 18   DG  B "C4'" 1 
ATOM   349  O "O4'" . DG  B 2 3   ? -9.167  3.683   -20.007 1.00 17.27 ? 18   DG  B "O4'" 1 
ATOM   350  C "C3'" . DG  B 2 3   ? -7.048  4.217   -20.878 1.00 16.17 ? 18   DG  B "C3'" 1 
ATOM   351  O "O3'" . DG  B 2 3   ? -6.774  5.526   -20.456 1.00 14.85 ? 18   DG  B "O3'" 1 
ATOM   352  C "C2'" . DG  B 2 3   ? -6.918  3.144   -19.829 1.00 17.26 ? 18   DG  B "C2'" 1 
ATOM   353  C "C1'" . DG  B 2 3   ? -8.181  3.332   -19.036 1.00 17.57 ? 18   DG  B "C1'" 1 
ATOM   354  N N9    . DG  B 2 3   ? -8.680  2.124   -18.363 1.00 13.83 ? 18   DG  B N9    1 
ATOM   355  C C8    . DG  B 2 3   ? -8.923  0.896   -18.881 1.00 14.45 ? 18   DG  B C8    1 
ATOM   356  N N7    . DG  B 2 3   ? -9.469  0.071   -18.041 1.00 13.62 ? 18   DG  B N7    1 
ATOM   357  C C5    . DG  B 2 3   ? -9.586  0.812   -16.886 1.00 10.58 ? 18   DG  B C5    1 
ATOM   358  C C6    . DG  B 2 3   ? -10.110 0.439   -15.650 1.00 12.88 ? 18   DG  B C6    1 
ATOM   359  O O6    . DG  B 2 3   ? -10.551 -0.663  -15.346 1.00 17.51 ? 18   DG  B O6    1 
ATOM   360  N N1    . DG  B 2 3   ? -10.067 1.470   -14.730 1.00 11.73 ? 18   DG  B N1    1 
ATOM   361  C C2    . DG  B 2 3   ? -9.562  2.725   -14.985 1.00 10.75 ? 18   DG  B C2    1 
ATOM   362  N N2    . DG  B 2 3   ? -9.583  3.599   -13.976 1.00 8.38  ? 18   DG  B N2    1 
ATOM   363  N N3    . DG  B 2 3   ? -9.059  3.077   -16.168 1.00 9.99  ? 18   DG  B N3    1 
ATOM   364  C C4    . DG  B 2 3   ? -9.107  2.069   -17.065 1.00 10.49 ? 18   DG  B C4    1 
ATOM   365  P P     . DT  B 2 4   ? -5.315  6.083   -20.225 1.00 20.22 ? 19   DT  B P     1 
ATOM   366  O OP1   . DT  B 2 4   ? -5.221  7.394   -20.902 1.00 20.50 ? 19   DT  B OP1   1 
ATOM   367  O OP2   . DT  B 2 4   ? -4.322  5.010   -20.527 1.00 20.93 ? 19   DT  B OP2   1 
ATOM   368  O "O5'" . DT  B 2 4   ? -5.392  6.280   -18.630 1.00 18.04 ? 19   DT  B "O5'" 1 
ATOM   369  C "C5'" . DT  B 2 4   ? -6.396  7.101   -18.049 1.00 17.76 ? 19   DT  B "C5'" 1 
ATOM   370  C "C4'" . DT  B 2 4   ? -6.339  7.160   -16.538 1.00 19.17 ? 19   DT  B "C4'" 1 
ATOM   371  O "O4'" . DT  B 2 4   ? -6.684  5.925   -15.926 1.00 21.00 ? 19   DT  B "O4'" 1 
ATOM   372  C "C3'" . DT  B 2 4   ? -4.924  7.430   -16.102 1.00 22.08 ? 19   DT  B "C3'" 1 
ATOM   373  O "O3'" . DT  B 2 4   ? -5.019  8.344   -15.033 1.00 23.66 ? 19   DT  B "O3'" 1 
ATOM   374  C "C2'" . DT  B 2 4   ? -4.429  6.064   -15.653 1.00 21.88 ? 19   DT  B "C2'" 1 
ATOM   375  C "C1'" . DT  B 2 4   ? -5.654  5.511   -15.011 1.00 22.09 ? 19   DT  B "C1'" 1 
ATOM   376  N N1    . DT  B 2 4   ? -5.780  4.034   -14.943 1.00 24.32 ? 19   DT  B N1    1 
ATOM   377  C C2    . DT  B 2 4   ? -6.299  3.492   -13.781 1.00 25.24 ? 19   DT  B C2    1 
ATOM   378  O O2    . DT  B 2 4   ? -6.480  4.160   -12.767 1.00 26.87 ? 19   DT  B O2    1 
ATOM   379  N N3    . DT  B 2 4   ? -6.554  2.122   -13.786 1.00 25.05 ? 19   DT  B N3    1 
ATOM   380  C C4    . DT  B 2 4   ? -6.326  1.243   -14.836 1.00 25.91 ? 19   DT  B C4    1 
ATOM   381  O O4    . DT  B 2 4   ? -6.630  0.050   -14.795 1.00 26.16 ? 19   DT  B O4    1 
ATOM   382  C C5    . DT  B 2 4   ? -5.764  1.885   -15.984 1.00 27.02 ? 19   DT  B C5    1 
ATOM   383  C C7    . DT  B 2 4   ? -5.443  0.999   -17.184 1.00 28.44 ? 19   DT  B C7    1 
ATOM   384  C C6    . DT  B 2 4   ? -5.514  3.221   -16.015 1.00 26.58 ? 19   DT  B C6    1 
ATOM   385  P P     . DC  B 2 5   ? -3.698  9.005   -14.482 1.00 28.70 ? 20   DC  B P     1 
ATOM   386  O OP1   . DC  B 2 5   ? -4.062  10.284  -13.843 1.00 29.02 ? 20   DC  B OP1   1 
ATOM   387  O OP2   . DC  B 2 5   ? -2.619  8.959   -15.491 1.00 29.60 ? 20   DC  B OP2   1 
ATOM   388  O "O5'" . DC  B 2 5   ? -3.359  7.916   -13.367 1.00 29.42 ? 20   DC  B "O5'" 1 
ATOM   389  C "C5'" . DC  B 2 5   ? -4.051  7.907   -12.120 1.00 28.97 ? 20   DC  B "C5'" 1 
ATOM   390  C "C4'" . DC  B 2 5   ? -3.419  6.964   -11.095 1.00 28.13 ? 20   DC  B "C4'" 1 
ATOM   391  O "O4'" . DC  B 2 5   ? -3.629  5.593   -11.473 1.00 24.15 ? 20   DC  B "O4'" 1 
ATOM   392  C "C3'" . DC  B 2 5   ? -1.902  7.225   -10.989 1.00 27.49 ? 20   DC  B "C3'" 1 
ATOM   393  O "O3'" . DC  B 2 5   ? -1.494  6.993   -9.659  1.00 31.63 ? 20   DC  B "O3'" 1 
ATOM   394  C "C2'" . DC  B 2 5   ? -1.376  6.116   -11.849 1.00 22.59 ? 20   DC  B "C2'" 1 
ATOM   395  C "C1'" . DC  B 2 5   ? -2.347  5.004   -11.503 1.00 19.77 ? 20   DC  B "C1'" 1 
ATOM   396  N N1    . DC  B 2 5   ? -2.434  3.906   -12.470 1.00 14.75 ? 20   DC  B N1    1 
ATOM   397  C C2    . DC  B 2 5   ? -3.067  2.756   -12.030 1.00 13.83 ? 20   DC  B C2    1 
ATOM   398  O O2    . DC  B 2 5   ? -3.574  2.689   -10.908 1.00 13.25 ? 20   DC  B O2    1 
ATOM   399  N N3    . DC  B 2 5   ? -3.110  1.695   -12.864 1.00 11.33 ? 20   DC  B N3    1 
ATOM   400  C C4    . DC  B 2 5   ? -2.556  1.769   -14.068 1.00 11.83 ? 20   DC  B C4    1 
ATOM   401  N N4    . DC  B 2 5   ? -2.580  0.702   -14.849 1.00 13.10 ? 20   DC  B N4    1 
ATOM   402  C C5    . DC  B 2 5   ? -1.909  2.946   -14.539 1.00 10.87 ? 20   DC  B C5    1 
ATOM   403  C C6    . DC  B 2 5   ? -1.875  3.990   -13.699 1.00 12.38 ? 20   DC  B C6    1 
ATOM   404  P P     . DA  B 2 6   ? -0.552  8.002   -8.882  1.00 35.83 ? 21   DA  B P     1 
ATOM   405  O OP1   . DA  B 2 6   ? -1.293  9.264   -8.681  1.00 36.60 ? 21   DA  B OP1   1 
ATOM   406  O OP2   . DA  B 2 6   ? 0.818   7.982   -9.481  1.00 34.90 ? 21   DA  B OP2   1 
ATOM   407  O "O5'" . DA  B 2 6   ? -0.528  7.242   -7.487  1.00 32.11 ? 21   DA  B "O5'" 1 
ATOM   408  C "C5'" . DA  B 2 6   ? -1.716  7.054   -6.737  1.00 29.84 ? 21   DA  B "C5'" 1 
ATOM   409  C "C4'" . DA  B 2 6   ? -1.715  5.701   -6.044  1.00 31.43 ? 21   DA  B "C4'" 1 
ATOM   410  O "O4'" . DA  B 2 6   ? -1.756  4.644   -7.021  1.00 30.38 ? 21   DA  B "O4'" 1 
ATOM   411  C "C3'" . DA  B 2 6   ? -0.416  5.477   -5.261  1.00 32.84 ? 21   DA  B "C3'" 1 
ATOM   412  O "O3'" . DA  B 2 6   ? -0.674  4.547   -4.233  1.00 35.16 ? 21   DA  B "O3'" 1 
ATOM   413  C "C2'" . DA  B 2 6   ? 0.466   4.813   -6.294  1.00 29.52 ? 21   DA  B "C2'" 1 
ATOM   414  C "C1'" . DA  B 2 6   ? -0.522  3.927   -7.026  1.00 26.12 ? 21   DA  B "C1'" 1 
ATOM   415  N N9    . DA  B 2 6   ? -0.091  3.667   -8.404  1.00 22.79 ? 21   DA  B N9    1 
ATOM   416  C C8    . DA  B 2 6   ? 0.757   4.344   -9.255  1.00 24.92 ? 21   DA  B C8    1 
ATOM   417  N N7    . DA  B 2 6   ? 1.011   3.724   -10.389 1.00 23.12 ? 21   DA  B N7    1 
ATOM   418  C C5    . DA  B 2 6   ? 0.269   2.562   -10.264 1.00 21.00 ? 21   DA  B C5    1 
ATOM   419  C C6    . DA  B 2 6   ? 0.095   1.467   -11.105 1.00 22.19 ? 21   DA  B C6    1 
ATOM   420  N N6    . DA  B 2 6   ? 0.716   1.339   -12.272 1.00 25.96 ? 21   DA  B N6    1 
ATOM   421  N N1    . DA  B 2 6   ? -0.709  0.494   -10.688 1.00 20.32 ? 21   DA  B N1    1 
ATOM   422  C C2    . DA  B 2 6   ? -1.293  0.612   -9.509  1.00 21.09 ? 21   DA  B C2    1 
ATOM   423  N N3    . DA  B 2 6   ? -1.212  1.583   -8.616  1.00 21.55 ? 21   DA  B N3    1 
ATOM   424  C C4    . DA  B 2 6   ? -0.399  2.538   -9.073  1.00 21.16 ? 21   DA  B C4    1 
ATOM   425  P P     . DA  B 2 7   ? -0.110  4.768   -2.767  1.00 37.31 ? 22   DA  B P     1 
ATOM   426  O OP1   . DA  B 2 7   ? -1.292  4.999   -1.896  1.00 37.19 ? 22   DA  B OP1   1 
ATOM   427  O OP2   . DA  B 2 7   ? 1.049   5.696   -2.748  1.00 35.86 ? 22   DA  B OP2   1 
ATOM   428  O "O5'" . DA  B 2 7   ? 0.462   3.282   -2.531  1.00 36.89 ? 22   DA  B "O5'" 1 
ATOM   429  C "C5'" . DA  B 2 7   ? -0.417  2.303   -1.964  1.00 33.82 ? 22   DA  B "C5'" 1 
ATOM   430  C "C4'" . DA  B 2 7   ? -0.353  0.948   -2.657  1.00 28.72 ? 22   DA  B "C4'" 1 
ATOM   431  O "O4'" . DA  B 2 7   ? -0.457  1.199   -4.061  1.00 27.63 ? 22   DA  B "O4'" 1 
ATOM   432  C "C3'" . DA  B 2 7   ? 0.961   0.174   -2.450  1.00 24.56 ? 22   DA  B "C3'" 1 
ATOM   433  O "O3'" . DA  B 2 7   ? 0.976   -0.651  -1.269  1.00 19.71 ? 22   DA  B "O3'" 1 
ATOM   434  C "C2'" . DA  B 2 7   ? 0.772   -0.760  -3.608  1.00 25.07 ? 22   DA  B "C2'" 1 
ATOM   435  C "C1'" . DA  B 2 7   ? 0.044   0.011   -4.676  1.00 23.42 ? 22   DA  B "C1'" 1 
ATOM   436  N N9    . DA  B 2 7   ? 0.964   0.335   -5.754  1.00 18.68 ? 22   DA  B N9    1 
ATOM   437  C C8    . DA  B 2 7   ? 1.798   1.396   -5.923  1.00 18.74 ? 22   DA  B C8    1 
ATOM   438  N N7    . DA  B 2 7   ? 2.434   1.382   -7.071  1.00 19.25 ? 22   DA  B N7    1 
ATOM   439  C C5    . DA  B 2 7   ? 1.983   0.226   -7.690  1.00 16.46 ? 22   DA  B C5    1 
ATOM   440  C C6    . DA  B 2 7   ? 2.270   -0.371  -8.914  1.00 15.55 ? 22   DA  B C6    1 
ATOM   441  N N6    . DA  B 2 7   ? 3.109   0.135   -9.809  1.00 16.44 ? 22   DA  B N6    1 
ATOM   442  N N1    . DA  B 2 7   ? 1.655   -1.515  -9.202  1.00 15.35 ? 22   DA  B N1    1 
ATOM   443  C C2    . DA  B 2 7   ? 0.810   -2.030  -8.333  1.00 17.00 ? 22   DA  B C2    1 
ATOM   444  N N3    . DA  B 2 7   ? 0.447   -1.571  -7.143  1.00 19.40 ? 22   DA  B N3    1 
ATOM   445  C C4    . DA  B 2 7   ? 1.091   -0.413  -6.887  1.00 18.39 ? 22   DA  B C4    1 
ATOM   446  P P     . DC  B 2 8   ? 2.350   -1.195  -0.617  1.00 18.13 ? 23   DC  B P     1 
ATOM   447  O OP1   . DC  B 2 8   ? 2.016   -1.627  0.751   1.00 19.79 ? 23   DC  B OP1   1 
ATOM   448  O OP2   . DC  B 2 8   ? 3.454   -0.233  -0.882  1.00 14.74 ? 23   DC  B OP2   1 
ATOM   449  O "O5'" . DC  B 2 8   ? 2.677   -2.501  -1.455  1.00 13.52 ? 23   DC  B "O5'" 1 
ATOM   450  C "C5'" . DC  B 2 8   ? 1.750   -3.578  -1.526  1.00 7.59  ? 23   DC  B "C5'" 1 
ATOM   451  C "C4'" . DC  B 2 8   ? 2.134   -4.487  -2.683  1.00 4.54  ? 23   DC  B "C4'" 1 
ATOM   452  O "O4'" . DC  B 2 8   ? 2.131   -3.779  -3.916  1.00 1.54  ? 23   DC  B "O4'" 1 
ATOM   453  C "C3'" . DC  B 2 8   ? 3.516   -4.988  -2.473  1.00 2.75  ? 23   DC  B "C3'" 1 
ATOM   454  O "O3'" . DC  B 2 8   ? 3.480   -6.362  -2.355  1.00 3.66  ? 23   DC  B "O3'" 1 
ATOM   455  C "C2'" . DC  B 2 8   ? 4.214   -4.637  -3.716  1.00 3.64  ? 23   DC  B "C2'" 1 
ATOM   456  C "C1'" . DC  B 2 8   ? 3.150   -4.262  -4.756  1.00 0.00  ? 23   DC  B "C1'" 1 
ATOM   457  N N1    . DC  B 2 8   ? 3.743   -3.207  -5.601  1.00 -5.09 ? 23   DC  B N1    1 
ATOM   458  C C2    . DC  B 2 8   ? 4.031   -3.438  -6.925  1.00 -3.38 ? 23   DC  B C2    1 
ATOM   459  O O2    . DC  B 2 8   ? 3.714   -4.481  -7.485  1.00 0.29  ? 23   DC  B O2    1 
ATOM   460  N N3    . DC  B 2 8   ? 4.643   -2.458  -7.627  1.00 -4.28 ? 23   DC  B N3    1 
ATOM   461  C C4    . DC  B 2 8   ? 4.942   -1.308  -7.057  1.00 -4.94 ? 23   DC  B C4    1 
ATOM   462  N N4    . DC  B 2 8   ? 5.491   -0.363  -7.775  1.00 0.78  ? 23   DC  B N4    1 
ATOM   463  C C5    . DC  B 2 8   ? 4.659   -1.036  -5.714  1.00 -7.50 ? 23   DC  B C5    1 
ATOM   464  C C6    . DC  B 2 8   ? 4.057   -2.022  -5.028  1.00 -4.05 ? 23   DC  B C6    1 
ATOM   465  P P     . DC  B 2 9   ? 4.811   -7.115  -1.927  1.00 2.94  ? 24   DC  B P     1 
ATOM   466  O OP1   . DC  B 2 9   ? 4.288   -8.161  -1.086  1.00 -0.12 ? 24   DC  B OP1   1 
ATOM   467  O OP2   . DC  B 2 9   ? 5.823   -6.161  -1.450  1.00 0.62  ? 24   DC  B OP2   1 
ATOM   468  O "O5'" . DC  B 2 9   ? 5.324   -7.711  -3.310  1.00 2.20  ? 24   DC  B "O5'" 1 
ATOM   469  C "C5'" . DC  B 2 9   ? 4.595   -8.689  -4.034  1.00 -1.01 ? 24   DC  B "C5'" 1 
ATOM   470  C "C4'" . DC  B 2 9   ? 5.279   -8.853  -5.352  1.00 -0.98 ? 24   DC  B "C4'" 1 
ATOM   471  O "O4'" . DC  B 2 9   ? 5.314   -7.630  -6.049  1.00 -1.71 ? 24   DC  B "O4'" 1 
ATOM   472  C "C3'" . DC  B 2 9   ? 6.746   -9.110  -5.132  1.00 -0.28 ? 24   DC  B "C3'" 1 
ATOM   473  O "O3'" . DC  B 2 9   ? 6.840   -10.457 -4.878  1.00 2.63  ? 24   DC  B "O3'" 1 
ATOM   474  C "C2'" . DC  B 2 9   ? 7.240   -8.784  -6.503  1.00 -0.70 ? 24   DC  B "C2'" 1 
ATOM   475  C "C1'" . DC  B 2 9   ? 6.389   -7.660  -6.965  1.00 -4.72 ? 24   DC  B "C1'" 1 
ATOM   476  N N1    . DC  B 2 9   ? 7.072   -6.368  -6.917  1.00 -4.77 ? 24   DC  B N1    1 
ATOM   477  C C2    . DC  B 2 9   ? 7.779   -5.982  -8.019  1.00 -0.69 ? 24   DC  B C2    1 
ATOM   478  O O2    . DC  B 2 9   ? 8.008   -6.746  -8.946  1.00 4.22  ? 24   DC  B O2    1 
ATOM   479  N N3    . DC  B 2 9   ? 8.305   -4.757  -8.074  1.00 -1.16 ? 24   DC  B N3    1 
ATOM   480  C C4    . DC  B 2 9   ? 8.165   -3.919  -7.079  1.00 -1.75 ? 24   DC  B C4    1 
ATOM   481  N N4    . DC  B 2 9   ? 8.655   -2.683  -7.243  1.00 1.89  ? 24   DC  B N4    1 
ATOM   482  C C5    . DC  B 2 9   ? 7.462   -4.300  -5.906  1.00 -4.86 ? 24   DC  B C5    1 
ATOM   483  C C6    . DC  B 2 9   ? 6.935   -5.536  -5.882  1.00 -4.81 ? 24   DC  B C6    1 
ATOM   484  P P     . DG  B 2 10  ? 8.023   -11.198 -4.170  1.00 2.68  ? 25   DG  B P     1 
ATOM   485  O OP1   . DG  B 2 10  ? 7.491   -12.530 -3.864  1.00 2.45  ? 25   DG  B OP1   1 
ATOM   486  O OP2   . DG  B 2 10  ? 8.545   -10.325 -3.116  1.00 2.45  ? 25   DG  B OP2   1 
ATOM   487  O "O5'" . DG  B 2 10  ? 9.099   -11.259 -5.322  1.00 1.72  ? 25   DG  B "O5'" 1 
ATOM   488  C "C5'" . DG  B 2 10  ? 8.977   -12.047 -6.482  1.00 -0.31 ? 25   DG  B "C5'" 1 
ATOM   489  C "C4'" . DG  B 2 10  ? 10.271  -12.133 -7.323  1.00 -4.31 ? 25   DG  B "C4'" 1 
ATOM   490  O "O4'" . DG  B 2 10  ? 10.628  -10.848 -7.824  1.00 -2.22 ? 25   DG  B "O4'" 1 
ATOM   491  C "C3'" . DG  B 2 10  ? 11.449  -12.580 -6.518  1.00 -2.73 ? 25   DG  B "C3'" 1 
ATOM   492  O "O3'" . DG  B 2 10  ? 12.206  -13.320 -7.463  1.00 -2.73 ? 25   DG  B "O3'" 1 
ATOM   493  C "C2'" . DG  B 2 10  ? 12.036  -11.253 -6.071  1.00 -1.90 ? 25   DG  B "C2'" 1 
ATOM   494  C "C1'" . DG  B 2 10  ? 11.739  -10.253 -7.175  1.00 -3.98 ? 25   DG  B "C1'" 1 
ATOM   495  N N9    . DG  B 2 10  ? 11.377  -8.884  -6.651  1.00 -4.26 ? 25   DG  B N9    1 
ATOM   496  C C8    . DG  B 2 10  ? 10.765  -8.485  -5.486  1.00 -3.65 ? 25   DG  B C8    1 
ATOM   497  N N7    . DG  B 2 10  ? 10.676  -7.182  -5.322  1.00 -4.67 ? 25   DG  B N7    1 
ATOM   498  C C5    . DG  B 2 10  ? 11.269  -6.683  -6.463  1.00 -4.92 ? 25   DG  B C5    1 
ATOM   499  C C6    . DG  B 2 10  ? 11.474  -5.332  -6.860  1.00 0.66  ? 25   DG  B C6    1 
ATOM   500  O O6    . DG  B 2 10  ? 11.240  -4.293  -6.246  1.00 1.68  ? 25   DG  B O6    1 
ATOM   501  N N1    . DG  B 2 10  ? 12.089  -5.244  -8.082  1.00 0.85  ? 25   DG  B N1    1 
ATOM   502  C C2    . DG  B 2 10  ? 12.468  -6.328  -8.826  1.00 0.13  ? 25   DG  B C2    1 
ATOM   503  N N2    . DG  B 2 10  ? 13.045  -6.037  -9.973  1.00 -1.28 ? 25   DG  B N2    1 
ATOM   504  N N3    . DG  B 2 10  ? 12.293  -7.600  -8.463  1.00 0.28  ? 25   DG  B N3    1 
ATOM   505  C C4    . DG  B 2 10  ? 11.686  -7.699  -7.271  1.00 -4.69 ? 25   DG  B C4    1 
ATOM   506  P P     . DT  B 2 11  ? 13.703  -13.849 -7.290  1.00 0.79  ? 26   DT  B P     1 
ATOM   507  O OP1   . DT  B 2 11  ? 13.894  -15.058 -8.112  1.00 -2.76 ? 26   DT  B OP1   1 
ATOM   508  O OP2   . DT  B 2 11  ? 14.100  -13.838 -5.894  1.00 0.59  ? 26   DT  B OP2   1 
ATOM   509  O "O5'" . DT  B 2 11  ? 14.496  -12.672 -7.982  1.00 1.33  ? 26   DT  B "O5'" 1 
ATOM   510  C "C5'" . DT  B 2 11  ? 14.270  -12.552 -9.390  1.00 3.00  ? 26   DT  B "C5'" 1 
ATOM   511  C "C4'" . DT  B 2 11  ? 15.086  -11.467 -10.058 1.00 0.93  ? 26   DT  B "C4'" 1 
ATOM   512  O "O4'" . DT  B 2 11  ? 14.814  -10.238 -9.428  1.00 1.06  ? 26   DT  B "O4'" 1 
ATOM   513  C "C3'" . DT  B 2 11  ? 16.545  -11.691 -9.870  1.00 1.80  ? 26   DT  B "C3'" 1 
ATOM   514  O "O3'" . DT  B 2 11  ? 17.076  -11.459 -11.131 1.00 5.20  ? 26   DT  B "O3'" 1 
ATOM   515  C "C2'" . DT  B 2 11  ? 16.949  -10.701 -8.828  1.00 -1.78 ? 26   DT  B "C2'" 1 
ATOM   516  C "C1'" . DT  B 2 11  ? 16.004  -9.587  -9.072  1.00 -1.03 ? 26   DT  B "C1'" 1 
ATOM   517  N N1    . DT  B 2 11  ? 15.653  -8.782  -7.910  1.00 -0.18 ? 26   DT  B N1    1 
ATOM   518  C C2    . DT  B 2 11  ? 15.636  -7.406  -8.072  1.00 7.11  ? 26   DT  B C2    1 
ATOM   519  O O2    . DT  B 2 11  ? 15.943  -6.794  -9.101  1.00 13.13 ? 26   DT  B O2    1 
ATOM   520  N N3    . DT  B 2 11  ? 15.287  -6.672  -6.987  1.00 6.15  ? 26   DT  B N3    1 
ATOM   521  C C4    . DT  B 2 11  ? 14.962  -7.154  -5.764  1.00 6.06  ? 26   DT  B C4    1 
ATOM   522  O O4    . DT  B 2 11  ? 14.639  -6.395  -4.855  1.00 8.84  ? 26   DT  B O4    1 
ATOM   523  C C5    . DT  B 2 11  ? 15.019  -8.570  -5.679  1.00 2.27  ? 26   DT  B C5    1 
ATOM   524  C C7    . DT  B 2 11  ? 14.733  -9.169  -4.339  1.00 -0.43 ? 26   DT  B C7    1 
ATOM   525  C C6    . DT  B 2 11  ? 15.349  -9.328  -6.731  1.00 0.21  ? 26   DT  B C6    1 
ATOM   526  P P     . DG  B 2 12  ? 18.528  -12.016 -11.475 1.00 8.74  ? 27   DG  B P     1 
ATOM   527  O OP1   . DG  B 2 12  ? 18.601  -12.147 -12.950 1.00 9.09  ? 27   DG  B OP1   1 
ATOM   528  O OP2   . DG  B 2 12  ? 18.890  -13.156 -10.601 1.00 6.88  ? 27   DG  B OP2   1 
ATOM   529  O "O5'" . DG  B 2 12  ? 19.370  -10.761 -11.023 1.00 7.86  ? 27   DG  B "O5'" 1 
ATOM   530  C "C5'" . DG  B 2 12  ? 19.369  -9.639  -11.891 1.00 7.77  ? 27   DG  B "C5'" 1 
ATOM   531  C "C4'" . DG  B 2 12  ? 20.097  -8.520  -11.245 1.00 8.27  ? 27   DG  B "C4'" 1 
ATOM   532  O "O4'" . DG  B 2 12  ? 19.485  -8.150  -10.023 1.00 9.75  ? 27   DG  B "O4'" 1 
ATOM   533  C "C3'" . DG  B 2 12  ? 21.463  -8.980  -10.864 1.00 12.44 ? 27   DG  B "C3'" 1 
ATOM   534  O "O3'" . DG  B 2 12  ? 22.328  -8.101  -11.520 1.00 21.23 ? 27   DG  B "O3'" 1 
ATOM   535  C "C2'" . DG  B 2 12  ? 21.508  -8.844  -9.378  1.00 9.58  ? 27   DG  B "C2'" 1 
ATOM   536  C "C1'" . DG  B 2 12  ? 20.469  -7.834  -9.046  1.00 6.23  ? 27   DG  B "C1'" 1 
ATOM   537  N N9    . DG  B 2 12  ? 19.822  -8.043  -7.757  1.00 2.26  ? 27   DG  B N9    1 
ATOM   538  C C8    . DG  B 2 12  ? 19.503  -9.217  -7.137  1.00 0.75  ? 27   DG  B C8    1 
ATOM   539  N N7    . DG  B 2 12  ? 18.831  -9.045  -6.033  1.00 3.75  ? 27   DG  B N7    1 
ATOM   540  C C5    . DG  B 2 12  ? 18.698  -7.668  -5.909  1.00 1.62  ? 27   DG  B C5    1 
ATOM   541  C C6    . DG  B 2 12  ? 18.070  -6.884  -4.907  1.00 3.36  ? 27   DG  B C6    1 
ATOM   542  O O6    . DG  B 2 12  ? 17.431  -7.254  -3.920  1.00 6.65  ? 27   DG  B O6    1 
ATOM   543  N N1    . DG  B 2 12  ? 18.182  -5.540  -5.147  1.00 1.36  ? 27   DG  B N1    1 
ATOM   544  C C2    . DG  B 2 12  ? 18.811  -5.009  -6.224  1.00 5.11  ? 27   DG  B C2    1 
ATOM   545  N N2    . DG  B 2 12  ? 18.824  -3.683  -6.299  1.00 5.52  ? 27   DG  B N2    1 
ATOM   546  N N3    . DG  B 2 12  ? 19.404  -5.745  -7.183  1.00 6.22  ? 27   DG  B N3    1 
ATOM   547  C C4    . DG  B 2 12  ? 19.308  -7.061  -6.959  1.00 2.37  ? 27   DG  B C4    1 
ATOM   548  P P     . DA  B 2 13  ? 23.914  -8.139  -11.486 1.00 25.98 ? 28   DA  B P     1 
ATOM   549  O OP1   . DA  B 2 13  ? 24.280  -7.702  -12.864 1.00 26.68 ? 28   DA  B OP1   1 
ATOM   550  O OP2   . DA  B 2 13  ? 24.426  -9.406  -10.918 1.00 25.27 ? 28   DA  B OP2   1 
ATOM   551  O "O5'" . DA  B 2 13  ? 24.202  -7.003  -10.374 1.00 25.15 ? 28   DA  B "O5'" 1 
ATOM   552  C "C5'" . DA  B 2 13  ? 23.822  -5.643  -10.641 1.00 23.97 ? 28   DA  B "C5'" 1 
ATOM   553  C "C4'" . DA  B 2 13  ? 24.031  -4.641  -9.493  1.00 22.86 ? 28   DA  B "C4'" 1 
ATOM   554  O "O4'" . DA  B 2 13  ? 23.089  -4.794  -8.415  1.00 20.18 ? 28   DA  B "O4'" 1 
ATOM   555  C "C3'" . DA  B 2 13  ? 25.408  -4.859  -8.916  1.00 23.92 ? 28   DA  B "C3'" 1 
ATOM   556  O "O3'" . DA  B 2 13  ? 25.903  -3.675  -8.379  1.00 30.57 ? 28   DA  B "O3'" 1 
ATOM   557  C "C2'" . DA  B 2 13  ? 25.081  -5.716  -7.748  1.00 21.37 ? 28   DA  B "C2'" 1 
ATOM   558  C "C1'" . DA  B 2 13  ? 23.827  -5.057  -7.233  1.00 17.68 ? 28   DA  B "C1'" 1 
ATOM   559  N N9    . DA  B 2 13  ? 23.114  -5.978  -6.333  1.00 12.57 ? 28   DA  B N9    1 
ATOM   560  C C8    . DA  B 2 13  ? 23.104  -7.343  -6.301  1.00 9.45  ? 28   DA  B C8    1 
ATOM   561  N N7    . DA  B 2 13  ? 22.428  -7.834  -5.309  1.00 8.24  ? 28   DA  B N7    1 
ATOM   562  C C5    . DA  B 2 13  ? 21.961  -6.703  -4.653  1.00 7.05  ? 28   DA  B C5    1 
ATOM   563  C C6    . DA  B 2 13  ? 21.180  -6.534  -3.518  1.00 7.85  ? 28   DA  B C6    1 
ATOM   564  N N6    . DA  B 2 13  ? 20.672  -7.566  -2.848  1.00 9.41  ? 28   DA  B N6    1 
ATOM   565  N N1    . DA  B 2 13  ? 20.900  -5.291  -3.121  1.00 8.51  ? 28   DA  B N1    1 
ATOM   566  C C2    . DA  B 2 13  ? 21.376  -4.298  -3.832  1.00 8.56  ? 28   DA  B C2    1 
ATOM   567  N N3    . DA  B 2 13  ? 22.118  -4.326  -4.920  1.00 8.57  ? 28   DA  B N3    1 
ATOM   568  C C4    . DA  B 2 13  ? 22.373  -5.583  -5.273  1.00 7.07  ? 28   DA  B C4    1 
ATOM   569  P P     . DC  B 2 14  ? 27.462  -3.434  -8.300  1.00 35.56 ? 29   DC  B P     1 
ATOM   570  O OP1   . DC  B 2 14  ? 27.855  -2.817  -9.600  1.00 35.04 ? 29   DC  B OP1   1 
ATOM   571  O OP2   . DC  B 2 14  ? 28.179  -4.621  -7.748  1.00 34.40 ? 29   DC  B OP2   1 
ATOM   572  O "O5'" . DC  B 2 14  ? 27.359  -2.389  -7.119  1.00 31.35 ? 29   DC  B "O5'" 1 
ATOM   573  C "C5'" . DC  B 2 14  ? 26.526  -1.257  -7.163  1.00 31.03 ? 29   DC  B "C5'" 1 
ATOM   574  C "C4'" . DC  B 2 14  ? 26.226  -0.837  -5.739  1.00 33.50 ? 29   DC  B "C4'" 1 
ATOM   575  O "O4'" . DC  B 2 14  ? 25.365  -1.799  -5.078  1.00 33.52 ? 29   DC  B "O4'" 1 
ATOM   576  C "C3'" . DC  B 2 14  ? 27.551  -0.765  -4.942  1.00 34.12 ? 29   DC  B "C3'" 1 
ATOM   577  O "O3'" . DC  B 2 14  ? 27.659  0.474   -4.231  1.00 37.47 ? 29   DC  B "O3'" 1 
ATOM   578  C "C2'" . DC  B 2 14  ? 27.394  -1.887  -3.946  1.00 31.91 ? 29   DC  B "C2'" 1 
ATOM   579  C "C1'" . DC  B 2 14  ? 25.899  -2.055  -3.763  1.00 30.37 ? 29   DC  B "C1'" 1 
ATOM   580  N N1    . DC  B 2 14  ? 25.590  -3.437  -3.331  1.00 26.18 ? 29   DC  B N1    1 
ATOM   581  C C2    . DC  B 2 14  ? 24.846  -3.622  -2.174  1.00 25.20 ? 29   DC  B C2    1 
ATOM   582  O O2    . DC  B 2 14  ? 24.516  -2.666  -1.476  1.00 25.31 ? 29   DC  B O2    1 
ATOM   583  N N3    . DC  B 2 14  ? 24.516  -4.892  -1.814  1.00 24.45 ? 29   DC  B N3    1 
ATOM   584  C C4    . DC  B 2 14  ? 24.913  -5.928  -2.565  1.00 24.87 ? 29   DC  B C4    1 
ATOM   585  N N4    . DC  B 2 14  ? 24.579  -7.165  -2.211  1.00 24.62 ? 29   DC  B N4    1 
ATOM   586  C C5    . DC  B 2 14  ? 25.686  -5.750  -3.750  1.00 23.74 ? 29   DC  B C5    1 
ATOM   587  C C6    . DC  B 2 14  ? 25.996  -4.490  -4.088  1.00 25.02 ? 29   DC  B C6    1 
ATOM   588  P P     . DG  B 2 15  ? 28.984  0.968   -3.456  1.00 38.64 ? 30   DG  B P     1 
ATOM   589  O OP1   . DG  B 2 15  ? 28.903  2.454   -3.432  1.00 38.47 ? 30   DG  B OP1   1 
ATOM   590  O OP2   . DG  B 2 15  ? 30.168  0.284   -4.032  1.00 38.01 ? 30   DG  B OP2   1 
ATOM   591  O "O5'" . DG  B 2 15  ? 28.755  0.393   -1.964  1.00 38.26 ? 30   DG  B "O5'" 1 
ATOM   592  C "C5'" . DG  B 2 15  ? 27.690  1.049   -1.242  1.00 35.49 ? 30   DG  B "C5'" 1 
ATOM   593  C "C4'" . DG  B 2 15  ? 27.472  0.643   0.239   1.00 32.08 ? 30   DG  B "C4'" 1 
ATOM   594  O "O4'" . DG  B 2 15  ? 26.953  -0.704  0.343   1.00 28.24 ? 30   DG  B "O4'" 1 
ATOM   595  C "C3'" . DG  B 2 15  ? 28.791  0.701   1.013   1.00 30.29 ? 30   DG  B "C3'" 1 
ATOM   596  O "O3'" . DG  B 2 15  ? 28.503  1.038   2.385   1.00 29.44 ? 30   DG  B "O3'" 1 
ATOM   597  C "C2'" . DG  B 2 15  ? 29.241  -0.736  0.877   1.00 27.36 ? 30   DG  B "C2'" 1 
ATOM   598  C "C1'" . DG  B 2 15  ? 27.929  -1.519  0.977   1.00 24.05 ? 30   DG  B "C1'" 1 
ATOM   599  N N9    . DG  B 2 15  ? 27.986  -2.792  0.267   1.00 17.38 ? 30   DG  B N9    1 
ATOM   600  C C8    . DG  B 2 15  ? 28.724  -3.154  -0.831  1.00 17.10 ? 30   DG  B C8    1 
ATOM   601  N N7    . DG  B 2 15  ? 28.594  -4.414  -1.175  1.00 13.94 ? 30   DG  B N7    1 
ATOM   602  C C5    . DG  B 2 15  ? 27.703  -4.905  -0.228  1.00 11.40 ? 30   DG  B C5    1 
ATOM   603  C C6    . DG  B 2 15  ? 27.189  -6.207  -0.093  1.00 10.74 ? 30   DG  B C6    1 
ATOM   604  O O6    . DG  B 2 15  ? 27.403  -7.197  -0.791  1.00 10.79 ? 30   DG  B O6    1 
ATOM   605  N N1    . DG  B 2 15  ? 26.336  -6.284  0.962   1.00 10.19 ? 30   DG  B N1    1 
ATOM   606  C C2    . DG  B 2 15  ? 26.017  -5.233  1.785   1.00 12.62 ? 30   DG  B C2    1 
ATOM   607  N N2    . DG  B 2 15  ? 25.169  -5.525  2.751   1.00 12.69 ? 30   DG  B N2    1 
ATOM   608  N N3    . DG  B 2 15  ? 26.491  -4.000  1.675   1.00 11.99 ? 30   DG  B N3    1 
ATOM   609  C C4    . DG  B 2 15  ? 27.328  -3.920  0.644   1.00 12.37 ? 30   DG  B C4    1 
ATOM   610  N N     . GLN C 3 2   ? 5.124   -14.270 -18.118 1.00 44.49 ? 2    GLN C N     1 
ATOM   611  C CA    . GLN C 3 2   ? 6.139   -15.098 -18.755 1.00 44.62 ? 2    GLN C CA    1 
ATOM   612  C C     . GLN C 3 2   ? 7.200   -15.492 -17.738 1.00 42.49 ? 2    GLN C C     1 
ATOM   613  O O     . GLN C 3 2   ? 7.859   -14.631 -17.150 1.00 41.09 ? 2    GLN C O     1 
ATOM   614  C CB    . GLN C 3 2   ? 6.788   -14.348 -19.920 1.00 48.92 ? 2    GLN C CB    1 
ATOM   615  C CG    . GLN C 3 2   ? 7.438   -15.256 -20.954 1.00 53.61 ? 2    GLN C CG    1 
ATOM   616  C CD    . GLN C 3 2   ? 6.417   -16.062 -21.748 1.00 57.41 ? 2    GLN C CD    1 
ATOM   617  O OE1   . GLN C 3 2   ? 5.911   -17.085 -21.282 1.00 59.34 ? 2    GLN C OE1   1 
ATOM   618  N NE2   . GLN C 3 2   ? 6.108   -15.600 -22.954 1.00 58.74 ? 2    GLN C NE2   1 
ATOM   619  N N     . GLY C 3 3   ? 7.378   -16.801 -17.570 1.00 40.35 ? 3    GLY C N     1 
ATOM   620  C CA    . GLY C 3 3   ? 8.339   -17.337 -16.620 1.00 37.61 ? 3    GLY C CA    1 
ATOM   621  C C     . GLY C 3 3   ? 9.789   -17.171 -17.030 1.00 36.96 ? 3    GLY C C     1 
ATOM   622  O O     . GLY C 3 3   ? 10.169  -17.475 -18.162 1.00 39.63 ? 3    GLY C O     1 
ATOM   623  N N     . ARG C 3 4   ? 10.607  -16.737 -16.078 1.00 34.36 ? 4    ARG C N     1 
ATOM   624  C CA    . ARG C 3 4   ? 12.027  -16.496 -16.308 1.00 30.80 ? 4    ARG C CA    1 
ATOM   625  C C     . ARG C 3 4   ? 12.899  -17.168 -15.250 1.00 24.33 ? 4    ARG C C     1 
ATOM   626  O O     . ARG C 3 4   ? 12.411  -17.611 -14.211 1.00 23.38 ? 4    ARG C O     1 
ATOM   627  C CB    . ARG C 3 4   ? 12.284  -14.993 -16.321 1.00 33.38 ? 4    ARG C CB    1 
ATOM   628  C CG    . ARG C 3 4   ? 11.495  -14.265 -17.387 1.00 38.67 ? 4    ARG C CG    1 
ATOM   629  C CD    . ARG C 3 4   ? 11.249  -12.827 -16.991 1.00 44.82 ? 4    ARG C CD    1 
ATOM   630  N NE    . ARG C 3 4   ? 12.496  -12.086 -16.833 1.00 50.07 ? 4    ARG C NE    1 
ATOM   631  C CZ    . ARG C 3 4   ? 12.873  -11.085 -17.621 1.00 54.16 ? 4    ARG C CZ    1 
ATOM   632  N NH1   . ARG C 3 4   ? 12.097  -10.701 -18.630 1.00 55.59 ? 4    ARG C NH1   1 
ATOM   633  N NH2   . ARG C 3 4   ? 14.026  -10.466 -17.401 1.00 55.57 ? 4    ARG C NH2   1 
ATOM   634  N N     . VAL C 3 5   ? 14.199  -17.211 -15.515 1.00 18.71 ? 5    VAL C N     1 
ATOM   635  C CA    . VAL C 3 5   ? 15.150  -17.841 -14.609 1.00 15.30 ? 5    VAL C CA    1 
ATOM   636  C C     . VAL C 3 5   ? 16.152  -16.839 -14.040 1.00 13.75 ? 5    VAL C C     1 
ATOM   637  O O     . VAL C 3 5   ? 16.755  -16.071 -14.786 1.00 16.34 ? 5    VAL C O     1 
ATOM   638  C CB    . VAL C 3 5   ? 15.915  -18.962 -15.338 1.00 13.13 ? 5    VAL C CB    1 
ATOM   639  C CG1   . VAL C 3 5   ? 16.934  -19.596 -14.422 1.00 15.14 ? 5    VAL C CG1   1 
ATOM   640  C CG2   . VAL C 3 5   ? 14.946  -20.002 -15.839 1.00 12.31 ? 5    VAL C CG2   1 
ATOM   641  N N     . ASN C 3 6   ? 16.330  -16.863 -12.721 1.00 10.23 ? 6    ASN C N     1 
ATOM   642  C CA    . ASN C 3 6   ? 17.265  -15.971 -12.053 1.00 8.40  ? 6    ASN C CA    1 
ATOM   643  C C     . ASN C 3 6   ? 18.669  -16.569 -12.047 1.00 9.70  ? 6    ASN C C     1 
ATOM   644  O O     . ASN C 3 6   ? 18.856  -17.724 -12.425 1.00 10.28 ? 6    ASN C O     1 
ATOM   645  C CB    . ASN C 3 6   ? 16.801  -15.675 -10.625 1.00 6.94  ? 6    ASN C CB    1 
ATOM   646  C CG    . ASN C 3 6   ? 16.829  -16.893 -9.733  1.00 7.13  ? 6    ASN C CG    1 
ATOM   647  O OD1   . ASN C 3 6   ? 17.765  -17.689 -9.771  1.00 7.19  ? 6    ASN C OD1   1 
ATOM   648  N ND2   . ASN C 3 6   ? 15.803  -17.039 -8.911  1.00 6.17  ? 6    ASN C ND2   1 
ATOM   649  N N     . GLN C 3 7   ? 19.641  -15.795 -11.574 1.00 11.36 ? 7    GLN C N     1 
ATOM   650  C CA    . GLN C 3 7   ? 21.039  -16.232 -11.525 1.00 12.90 ? 7    GLN C CA    1 
ATOM   651  C C     . GLN C 3 7   ? 21.276  -17.556 -10.825 1.00 12.59 ? 7    GLN C C     1 
ATOM   652  O O     . GLN C 3 7   ? 22.181  -18.303 -11.193 1.00 20.38 ? 7    GLN C O     1 
ATOM   653  C CB    . GLN C 3 7   ? 21.910  -15.188 -10.837 1.00 15.39 ? 7    GLN C CB    1 
ATOM   654  C CG    . GLN C 3 7   ? 22.064  -13.887 -11.575 1.00 18.12 ? 7    GLN C CG    1 
ATOM   655  C CD    . GLN C 3 7   ? 22.973  -12.930 -10.836 1.00 20.95 ? 7    GLN C CD    1 
ATOM   656  O OE1   . GLN C 3 7   ? 23.034  -12.935 -9.603  1.00 19.79 ? 7    GLN C OE1   1 
ATOM   657  N NE2   . GLN C 3 7   ? 23.696  -12.108 -11.587 1.00 23.88 ? 7    GLN C NE2   1 
ATOM   658  N N     . LEU C 3 8   ? 20.504  -17.821 -9.781  1.00 8.65  ? 8    LEU C N     1 
ATOM   659  C CA    . LEU C 3 8   ? 20.669  -19.055 -9.029  1.00 5.52  ? 8    LEU C CA    1 
ATOM   660  C C     . LEU C 3 8   ? 19.946  -20.234 -9.661  1.00 6.15  ? 8    LEU C C     1 
ATOM   661  O O     . LEU C 3 8   ? 19.973  -21.340 -9.124  1.00 7.62  ? 8    LEU C O     1 
ATOM   662  C CB    . LEU C 3 8   ? 20.178  -18.873 -7.599  1.00 3.64  ? 8    LEU C CB    1 
ATOM   663  C CG    . LEU C 3 8   ? 20.577  -17.606 -6.856  1.00 -0.30 ? 8    LEU C CG    1 
ATOM   664  C CD1   . LEU C 3 8   ? 20.367  -17.862 -5.390  1.00 -0.95 ? 8    LEU C CD1   1 
ATOM   665  C CD2   . LEU C 3 8   ? 22.026  -17.251 -7.117  1.00 3.09  ? 8    LEU C CD2   1 
ATOM   666  N N     . GLY C 3 9   ? 19.279  -19.991 -10.781 1.00 5.15  ? 9    GLY C N     1 
ATOM   667  C CA    . GLY C 3 9   ? 18.557  -21.055 -11.449 1.00 5.85  ? 9    GLY C CA    1 
ATOM   668  C C     . GLY C 3 9   ? 17.161  -21.252 -10.891 1.00 6.84  ? 9    GLY C C     1 
ATOM   669  O O     . GLY C 3 9   ? 16.591  -22.343 -10.985 1.00 7.59  ? 9    GLY C O     1 
ATOM   670  N N     . GLY C 3 10  ? 16.613  -20.195 -10.302 1.00 6.37  ? 10   GLY C N     1 
ATOM   671  C CA    . GLY C 3 10  ? 15.277  -20.264 -9.744  1.00 4.24  ? 10   GLY C CA    1 
ATOM   672  C C     . GLY C 3 10  ? 14.285  -19.651 -10.705 1.00 5.01  ? 10   GLY C C     1 
ATOM   673  O O     . GLY C 3 10  ? 14.570  -18.637 -11.334 1.00 9.41  ? 10   GLY C O     1 
ATOM   674  N N     . VAL C 3 11  ? 13.125  -20.281 -10.838 1.00 5.67  ? 11   VAL C N     1 
ATOM   675  C CA    . VAL C 3 11  ? 12.082  -19.794 -11.729 1.00 3.86  ? 11   VAL C CA    1 
ATOM   676  C C     . VAL C 3 11  ? 11.254  -18.725 -11.025 1.00 5.04  ? 11   VAL C C     1 
ATOM   677  O O     . VAL C 3 11  ? 10.995  -18.812 -9.828  1.00 6.97  ? 11   VAL C O     1 
ATOM   678  C CB    . VAL C 3 11  ? 11.155  -20.952 -12.178 1.00 3.45  ? 11   VAL C CB    1 
ATOM   679  C CG1   . VAL C 3 11  ? 10.127  -20.459 -13.169 1.00 1.37  ? 11   VAL C CG1   1 
ATOM   680  C CG2   . VAL C 3 11  ? 11.971  -22.070 -12.795 1.00 0.67  ? 11   VAL C CG2   1 
ATOM   681  N N     . PHE C 3 12  ? 10.856  -17.707 -11.778 1.00 9.56  ? 12   PHE C N     1 
ATOM   682  C CA    . PHE C 3 12  ? 10.049  -16.619 -11.240 1.00 10.90 ? 12   PHE C CA    1 
ATOM   683  C C     . PHE C 3 12  ? 9.341   -15.869 -12.366 1.00 13.49 ? 12   PHE C C     1 
ATOM   684  O O     . PHE C 3 12  ? 9.763   -15.911 -13.519 1.00 14.92 ? 12   PHE C O     1 
ATOM   685  C CB    . PHE C 3 12  ? 10.928  -15.633 -10.465 1.00 9.49  ? 12   PHE C CB    1 
ATOM   686  C CG    . PHE C 3 12  ? 11.817  -14.799 -11.344 1.00 7.03  ? 12   PHE C CG    1 
ATOM   687  C CD1   . PHE C 3 12  ? 12.993  -15.319 -11.855 1.00 6.48  ? 12   PHE C CD1   1 
ATOM   688  C CD2   . PHE C 3 12  ? 11.481  -13.496 -11.649 1.00 7.44  ? 12   PHE C CD2   1 
ATOM   689  C CE1   . PHE C 3 12  ? 13.808  -14.565 -12.664 1.00 4.18  ? 12   PHE C CE1   1 
ATOM   690  C CE2   . PHE C 3 12  ? 12.295  -12.735 -12.462 1.00 7.62  ? 12   PHE C CE2   1 
ATOM   691  C CZ    . PHE C 3 12  ? 13.465  -13.272 -12.962 1.00 4.53  ? 12   PHE C CZ    1 
ATOM   692  N N     . ILE C 3 13  ? 8.266   -15.177 -12.016 1.00 14.27 ? 13   ILE C N     1 
ATOM   693  C CA    . ILE C 3 13  ? 7.524   -14.389 -12.980 1.00 11.38 ? 13   ILE C CA    1 
ATOM   694  C C     . ILE C 3 13  ? 7.772   -12.954 -12.553 1.00 9.59  ? 13   ILE C C     1 
ATOM   695  O O     . ILE C 3 13  ? 7.471   -12.583 -11.419 1.00 11.81 ? 13   ILE C O     1 
ATOM   696  C CB    . ILE C 3 13  ? 6.021   -14.705 -12.917 1.00 14.08 ? 13   ILE C CB    1 
ATOM   697  C CG1   . ILE C 3 13  ? 5.792   -16.200 -13.154 1.00 16.80 ? 13   ILE C CG1   1 
ATOM   698  C CG2   . ILE C 3 13  ? 5.277   -13.907 -13.970 1.00 15.51 ? 13   ILE C CG2   1 
ATOM   699  C CD1   . ILE C 3 13  ? 4.350   -16.633 -12.999 1.00 18.52 ? 13   ILE C CD1   1 
ATOM   700  N N     . ASN C 3 14  ? 8.394   -12.171 -13.427 1.00 9.47  ? 14   ASN C N     1 
ATOM   701  C CA    . ASN C 3 14  ? 8.694   -10.776 -13.116 1.00 9.88  ? 14   ASN C CA    1 
ATOM   702  C C     . ASN C 3 14  ? 7.399   -9.982  -12.946 1.00 8.68  ? 14   ASN C C     1 
ATOM   703  O O     . ASN C 3 14  ? 6.504   -10.039 -13.792 1.00 9.20  ? 14   ASN C O     1 
ATOM   704  C CB    . ASN C 3 14  ? 9.577   -10.156 -14.210 1.00 11.04 ? 14   ASN C CB    1 
ATOM   705  C CG    . ASN C 3 14  ? 10.266  -8.873  -13.757 1.00 13.09 ? 14   ASN C CG    1 
ATOM   706  O OD1   . ASN C 3 14  ? 10.207  -8.499  -12.588 1.00 15.44 ? 14   ASN C OD1   1 
ATOM   707  N ND2   . ASN C 3 14  ? 10.935  -8.202  -14.687 1.00 14.40 ? 14   ASN C ND2   1 
ATOM   708  N N     . GLY C 3 15  ? 7.296   -9.282  -11.821 1.00 5.28  ? 15   GLY C N     1 
ATOM   709  C CA    . GLY C 3 15  ? 6.114   -8.498  -11.524 1.00 0.06  ? 15   GLY C CA    1 
ATOM   710  C C     . GLY C 3 15  ? 5.170   -9.185  -10.556 1.00 0.31  ? 15   GLY C C     1 
ATOM   711  O O     . GLY C 3 15  ? 4.470   -8.522  -9.794  1.00 4.76  ? 15   GLY C O     1 
ATOM   712  N N     . ARG C 3 16  ? 5.135   -10.511 -10.591 1.00 0.86  ? 16   ARG C N     1 
ATOM   713  C CA    . ARG C 3 16  ? 4.256   -11.276 -9.715  1.00 4.19  ? 16   ARG C CA    1 
ATOM   714  C C     . ARG C 3 16  ? 5.003   -11.790 -8.493  1.00 6.34  ? 16   ARG C C     1 
ATOM   715  O O     . ARG C 3 16  ? 6.226   -11.875 -8.501  1.00 12.42 ? 16   ARG C O     1 
ATOM   716  C CB    . ARG C 3 16  ? 3.638   -12.458 -10.478 1.00 5.04  ? 16   ARG C CB    1 
ATOM   717  C CG    . ARG C 3 16  ? 2.760   -12.058 -11.657 1.00 10.84 ? 16   ARG C CG    1 
ATOM   718  C CD    . ARG C 3 16  ? 1.592   -11.177 -11.220 1.00 15.32 ? 16   ARG C CD    1 
ATOM   719  N NE    . ARG C 3 16  ? 0.684   -11.873 -10.310 1.00 19.96 ? 16   ARG C NE    1 
ATOM   720  C CZ    . ARG C 3 16  ? -0.017  -11.281 -9.345  1.00 20.69 ? 16   ARG C CZ    1 
ATOM   721  N NH1   . ARG C 3 16  ? 0.074   -9.971  -9.156  1.00 21.11 ? 16   ARG C NH1   1 
ATOM   722  N NH2   . ARG C 3 16  ? -0.818  -12.002 -8.571  1.00 19.69 ? 16   ARG C NH2   1 
ATOM   723  N N     . PRO C 3 17  ? 4.274   -12.138 -7.424  1.00 6.03  ? 17   PRO C N     1 
ATOM   724  C CA    . PRO C 3 17  ? 4.862   -12.647 -6.187  1.00 6.76  ? 17   PRO C CA    1 
ATOM   725  C C     . PRO C 3 17  ? 5.334   -14.084 -6.359  1.00 6.91  ? 17   PRO C C     1 
ATOM   726  O O     . PRO C 3 17  ? 4.894   -14.776 -7.274  1.00 7.26  ? 17   PRO C O     1 
ATOM   727  C CB    . PRO C 3 17  ? 3.684   -12.618 -5.212  1.00 6.87  ? 17   PRO C CB    1 
ATOM   728  C CG    . PRO C 3 17  ? 2.741   -11.634 -5.807  1.00 7.91  ? 17   PRO C CG    1 
ATOM   729  C CD    . PRO C 3 17  ? 2.825   -11.949 -7.254  1.00 6.92  ? 17   PRO C CD    1 
ATOM   730  N N     . LEU C 3 18  ? 6.231   -14.528 -5.481  1.00 4.78  ? 18   LEU C N     1 
ATOM   731  C CA    . LEU C 3 18  ? 6.704   -15.906 -5.535  1.00 2.55  ? 18   LEU C CA    1 
ATOM   732  C C     . LEU C 3 18  ? 5.500   -16.775 -5.211  1.00 1.38  ? 18   LEU C C     1 
ATOM   733  O O     . LEU C 3 18  ? 4.681   -16.411 -4.374  1.00 3.12  ? 18   LEU C O     1 
ATOM   734  C CB    . LEU C 3 18  ? 7.794   -16.160 -4.497  1.00 0.19  ? 18   LEU C CB    1 
ATOM   735  C CG    . LEU C 3 18  ? 9.237   -15.799 -4.828  1.00 1.00  ? 18   LEU C CG    1 
ATOM   736  C CD1   . LEU C 3 18  ? 10.108  -16.373 -3.741  1.00 1.77  ? 18   LEU C CD1   1 
ATOM   737  C CD2   . LEU C 3 18  ? 9.646   -16.382 -6.165  1.00 -2.18 ? 18   LEU C CD2   1 
ATOM   738  N N     . PRO C 3 19  ? 5.389   -17.949 -5.848  1.00 2.11  ? 19   PRO C N     1 
ATOM   739  C CA    . PRO C 3 19  ? 4.260   -18.845 -5.596  1.00 1.00  ? 19   PRO C CA    1 
ATOM   740  C C     . PRO C 3 19  ? 4.227   -19.183 -4.125  1.00 0.54  ? 19   PRO C C     1 
ATOM   741  O O     . PRO C 3 19  ? 5.258   -19.133 -3.457  1.00 1.67  ? 19   PRO C O     1 
ATOM   742  C CB    . PRO C 3 19  ? 4.607   -20.074 -6.426  1.00 4.58  ? 19   PRO C CB    1 
ATOM   743  C CG    . PRO C 3 19  ? 5.507   -19.544 -7.493  1.00 6.12  ? 19   PRO C CG    1 
ATOM   744  C CD    . PRO C 3 19  ? 6.367   -18.583 -6.744  1.00 4.16  ? 19   PRO C CD    1 
ATOM   745  N N     . ASN C 3 20  ? 3.063   -19.587 -3.636  1.00 1.07  ? 20   ASN C N     1 
ATOM   746  C CA    . ASN C 3 20  ? 2.915   -19.899 -2.225  1.00 -1.06 ? 20   ASN C CA    1 
ATOM   747  C C     . ASN C 3 20  ? 3.779   -21.052 -1.738  1.00 1.23  ? 20   ASN C C     1 
ATOM   748  O O     . ASN C 3 20  ? 4.320   -20.990 -0.637  1.00 3.91  ? 20   ASN C O     1 
ATOM   749  C CB    . ASN C 3 20  ? 1.453   -20.154 -1.877  1.00 -3.95 ? 20   ASN C CB    1 
ATOM   750  C CG    . ASN C 3 20  ? 1.173   -19.980 -0.398  1.00 1.24  ? 20   ASN C CG    1 
ATOM   751  O OD1   . ASN C 3 20  ? 1.032   -20.954 0.337   1.00 2.00  ? 20   ASN C OD1   1 
ATOM   752  N ND2   . ASN C 3 20  ? 1.094   -18.730 0.047   1.00 1.08  ? 20   ASN C ND2   1 
ATOM   753  N N     . ASN C 3 21  ? 3.944   -22.084 -2.558  1.00 -1.25 ? 21   ASN C N     1 
ATOM   754  C CA    . ASN C 3 21  ? 4.745   -23.229 -2.143  1.00 0.38  ? 21   ASN C CA    1 
ATOM   755  C C     . ASN C 3 21  ? 6.161   -22.831 -1.740  1.00 0.96  ? 21   ASN C C     1 
ATOM   756  O O     . ASN C 3 21  ? 6.699   -23.349 -0.762  1.00 0.90  ? 21   ASN C O     1 
ATOM   757  C CB    . ASN C 3 21  ? 4.791   -24.293 -3.242  1.00 2.54  ? 21   ASN C CB    1 
ATOM   758  C CG    . ASN C 3 21  ? 5.446   -23.793 -4.511  1.00 3.63  ? 21   ASN C CG    1 
ATOM   759  O OD1   . ASN C 3 21  ? 4.990   -22.829 -5.115  1.00 4.62  ? 21   ASN C OD1   1 
ATOM   760  N ND2   . ASN C 3 21  ? 6.528   -24.446 -4.918  1.00 6.53  ? 21   ASN C ND2   1 
ATOM   761  N N     . ILE C 3 22  ? 6.751   -21.900 -2.483  1.00 1.65  ? 22   ILE C N     1 
ATOM   762  C CA    . ILE C 3 22  ? 8.101   -21.440 -2.193  1.00 1.01  ? 22   ILE C CA    1 
ATOM   763  C C     . ILE C 3 22  ? 8.121   -20.578 -0.934  1.00 4.78  ? 22   ILE C C     1 
ATOM   764  O O     . ILE C 3 22  ? 8.987   -20.759 -0.076  1.00 7.57  ? 22   ILE C O     1 
ATOM   765  C CB    . ILE C 3 22  ? 8.690   -20.623 -3.364  1.00 1.24  ? 22   ILE C CB    1 
ATOM   766  C CG1   . ILE C 3 22  ? 8.764   -21.476 -4.628  1.00 3.50  ? 22   ILE C CG1   1 
ATOM   767  C CG2   . ILE C 3 22  ? 10.084  -20.138 -3.021  1.00 -0.23 ? 22   ILE C CG2   1 
ATOM   768  C CD1   . ILE C 3 22  ? 9.282   -20.711 -5.838  1.00 4.16  ? 22   ILE C CD1   1 
ATOM   769  N N     . ARG C 3 23  ? 7.158   -19.658 -0.824  1.00 4.87  ? 23   ARG C N     1 
ATOM   770  C CA    . ARG C 3 23  ? 7.063   -18.753 0.329   1.00 5.18  ? 23   ARG C CA    1 
ATOM   771  C C     . ARG C 3 23  ? 6.961   -19.567 1.607   1.00 5.13  ? 23   ARG C C     1 
ATOM   772  O O     . ARG C 3 23  ? 7.683   -19.338 2.579   1.00 6.24  ? 23   ARG C O     1 
ATOM   773  C CB    . ARG C 3 23  ? 5.830   -17.852 0.203   1.00 2.98  ? 23   ARG C CB    1 
ATOM   774  C CG    . ARG C 3 23  ? 5.793   -17.022 -1.064  1.00 4.66  ? 23   ARG C CG    1 
ATOM   775  C CD    . ARG C 3 23  ? 4.568   -16.110 -1.127  1.00 5.13  ? 23   ARG C CD    1 
ATOM   776  N NE    . ARG C 3 23  ? 4.738   -14.892 -0.337  1.00 2.28  ? 23   ARG C NE    1 
ATOM   777  C CZ    . ARG C 3 23  ? 5.281   -13.769 -0.796  1.00 0.07  ? 23   ARG C CZ    1 
ATOM   778  N NH1   . ARG C 3 23  ? 5.716   -13.693 -2.045  1.00 3.30  ? 23   ARG C NH1   1 
ATOM   779  N NH2   . ARG C 3 23  ? 5.398   -12.718 -0.003  1.00 1.77  ? 23   ARG C NH2   1 
ATOM   780  N N     . LEU C 3 24  ? 6.088   -20.561 1.558   1.00 4.64  ? 24   LEU C N     1 
ATOM   781  C CA    . LEU C 3 24  ? 5.843   -21.457 2.671   1.00 5.63  ? 24   LEU C CA    1 
ATOM   782  C C     . LEU C 3 24  ? 7.123   -22.193 3.051   1.00 5.55  ? 24   LEU C C     1 
ATOM   783  O O     . LEU C 3 24  ? 7.412   -22.369 4.230   1.00 7.47  ? 24   LEU C O     1 
ATOM   784  C CB    . LEU C 3 24  ? 4.763   -22.455 2.268   1.00 5.79  ? 24   LEU C CB    1 
ATOM   785  C CG    . LEU C 3 24  ? 4.257   -23.440 3.313   1.00 8.20  ? 24   LEU C CG    1 
ATOM   786  C CD1   . LEU C 3 24  ? 3.584   -22.679 4.437   1.00 10.90 ? 24   LEU C CD1   1 
ATOM   787  C CD2   . LEU C 3 24  ? 3.273   -24.392 2.659   1.00 6.24  ? 24   LEU C CD2   1 
ATOM   788  N N     . LYS C 3 25  ? 7.895   -22.604 2.048   1.00 3.76  ? 25   LYS C N     1 
ATOM   789  C CA    . LYS C 3 25  ? 9.140   -23.323 2.291   1.00 1.58  ? 25   LYS C CA    1 
ATOM   790  C C     . LYS C 3 25  ? 10.218  -22.470 2.921   1.00 3.17  ? 25   LYS C C     1 
ATOM   791  O O     . LYS C 3 25  ? 10.988  -22.953 3.744   1.00 5.62  ? 25   LYS C O     1 
ATOM   792  C CB    . LYS C 3 25  ? 9.662   -23.957 1.010   1.00 2.69  ? 25   LYS C CB    1 
ATOM   793  C CG    . LYS C 3 25  ? 9.504   -25.458 1.003   1.00 8.00  ? 25   LYS C CG    1 
ATOM   794  C CD    . LYS C 3 25  ? 10.317  -26.069 2.123   1.00 12.38 ? 25   LYS C CD    1 
ATOM   795  C CE    . LYS C 3 25  ? 9.894   -27.499 2.415   1.00 18.65 ? 25   LYS C CE    1 
ATOM   796  N NZ    . LYS C 3 25  ? 10.685  -28.079 3.553   1.00 22.63 ? 25   LYS C NZ    1 
ATOM   797  N N     . ILE C 3 26  ? 10.278  -21.200 2.534   1.00 2.90  ? 26   ILE C N     1 
ATOM   798  C CA    . ILE C 3 26  ? 11.271  -20.298 3.087   1.00 1.05  ? 26   ILE C CA    1 
ATOM   799  C C     . ILE C 3 26  ? 11.071  -20.198 4.589   1.00 3.25  ? 26   ILE C C     1 
ATOM   800  O O     . ILE C 3 26  ? 12.023  -20.304 5.357   1.00 5.31  ? 26   ILE C O     1 
ATOM   801  C CB    . ILE C 3 26  ? 11.153  -18.894 2.480   1.00 6.11  ? 26   ILE C CB    1 
ATOM   802  C CG1   . ILE C 3 26  ? 11.427  -18.948 0.976   1.00 9.95  ? 26   ILE C CG1   1 
ATOM   803  C CG2   . ILE C 3 26  ? 12.128  -17.945 3.164   1.00 6.20  ? 26   ILE C CG2   1 
ATOM   804  C CD1   . ILE C 3 26  ? 11.401  -17.586 0.289   1.00 9.29  ? 26   ILE C CD1   1 
ATOM   805  N N     . VAL C 3 27  ? 9.815   -20.045 4.998   1.00 4.12  ? 27   VAL C N     1 
ATOM   806  C CA    . VAL C 3 27  ? 9.470   -19.922 6.408   1.00 4.00  ? 27   VAL C CA    1 
ATOM   807  C C     . VAL C 3 27  ? 9.662   -21.210 7.211   1.00 4.25  ? 27   VAL C C     1 
ATOM   808  O O     . VAL C 3 27  ? 10.089  -21.159 8.366   1.00 7.88  ? 27   VAL C O     1 
ATOM   809  C CB    . VAL C 3 27  ? 8.045   -19.357 6.574   1.00 3.93  ? 27   VAL C CB    1 
ATOM   810  C CG1   . VAL C 3 27  ? 7.670   -19.255 8.041   1.00 5.52  ? 27   VAL C CG1   1 
ATOM   811  C CG2   . VAL C 3 27  ? 7.982   -17.985 5.944   1.00 5.62  ? 27   VAL C CG2   1 
ATOM   812  N N     . GLU C 3 28  ? 9.365   -22.354 6.603   1.00 2.27  ? 28   GLU C N     1 
ATOM   813  C CA    . GLU C 3 28  ? 9.545   -23.645 7.273   1.00 6.09  ? 28   GLU C CA    1 
ATOM   814  C C     . GLU C 3 28  ? 11.016  -23.830 7.614   1.00 7.99  ? 28   GLU C C     1 
ATOM   815  O O     . GLU C 3 28  ? 11.371  -24.280 8.707   1.00 11.12 ? 28   GLU C O     1 
ATOM   816  C CB    . GLU C 3 28  ? 9.155   -24.793 6.352   1.00 7.36  ? 28   GLU C CB    1 
ATOM   817  C CG    . GLU C 3 28  ? 7.682   -25.016 6.174   1.00 12.67 ? 28   GLU C CG    1 
ATOM   818  C CD    . GLU C 3 28  ? 7.405   -26.269 5.367   1.00 17.95 ? 28   GLU C CD    1 
ATOM   819  O OE1   . GLU C 3 28  ? 8.106   -27.285 5.582   1.00 21.34 ? 28   GLU C OE1   1 
ATOM   820  O OE2   . GLU C 3 28  ? 6.494   -26.244 4.515   1.00 22.32 ? 28   GLU C OE2   1 
ATOM   821  N N     . MET C 3 29  ? 11.862  -23.515 6.640   1.00 4.13  ? 29   MET C N     1 
ATOM   822  C CA    . MET C 3 29  ? 13.297  -23.640 6.791   1.00 3.18  ? 29   MET C CA    1 
ATOM   823  C C     . MET C 3 29  ? 13.824  -22.700 7.864   1.00 6.97  ? 29   MET C C     1 
ATOM   824  O O     . MET C 3 29  ? 14.643  -23.096 8.685   1.00 10.03 ? 29   MET C O     1 
ATOM   825  C CB    . MET C 3 29  ? 13.988  -23.399 5.448   1.00 -2.04 ? 29   MET C CB    1 
ATOM   826  C CG    . MET C 3 29  ? 13.686  -24.485 4.431   1.00 -5.76 ? 29   MET C CG    1 
ATOM   827  S SD    . MET C 3 29  ? 14.480  -24.214 2.850   1.00 5.09  ? 29   MET C SD    1 
ATOM   828  C CE    . MET C 3 29  ? 16.063  -24.865 3.174   1.00 3.02  ? 29   MET C CE    1 
ATOM   829  N N     . ALA C 3 30  ? 13.318  -21.471 7.892   1.00 9.45  ? 30   ALA C N     1 
ATOM   830  C CA    . ALA C 3 30  ? 13.752  -20.506 8.896   1.00 8.71  ? 30   ALA C CA    1 
ATOM   831  C C     . ALA C 3 30  ? 13.396  -21.052 10.277  1.00 10.27 ? 30   ALA C C     1 
ATOM   832  O O     . ALA C 3 30  ? 14.190  -20.978 11.210  1.00 10.80 ? 30   ALA C O     1 
ATOM   833  C CB    . ALA C 3 30  ? 13.085  -19.153 8.661   1.00 6.02  ? 30   ALA C CB    1 
ATOM   834  N N     . ALA C 3 31  ? 12.218  -21.652 10.385  1.00 9.54  ? 31   ALA C N     1 
ATOM   835  C CA    . ALA C 3 31  ? 11.777  -22.214 11.649  1.00 10.89 ? 31   ALA C CA    1 
ATOM   836  C C     . ALA C 3 31  ? 12.665  -23.385 12.064  1.00 14.95 ? 31   ALA C C     1 
ATOM   837  O O     . ALA C 3 31  ? 12.761  -23.706 13.247  1.00 19.04 ? 31   ALA C O     1 
ATOM   838  C CB    . ALA C 3 31  ? 10.341  -22.659 11.540  1.00 10.57 ? 31   ALA C CB    1 
ATOM   839  N N     . ASP C 3 32  ? 13.317  -24.012 11.088  1.00 15.53 ? 32   ASP C N     1 
ATOM   840  C CA    . ASP C 3 32  ? 14.199  -25.152 11.348  1.00 14.65 ? 32   ASP C CA    1 
ATOM   841  C C     . ASP C 3 32  ? 15.606  -24.753 11.766  1.00 13.62 ? 32   ASP C C     1 
ATOM   842  O O     . ASP C 3 32  ? 16.439  -25.611 12.062  1.00 14.32 ? 32   ASP C O     1 
ATOM   843  C CB    . ASP C 3 32  ? 14.276  -26.062 10.122  1.00 13.92 ? 32   ASP C CB    1 
ATOM   844  C CG    . ASP C 3 32  ? 13.042  -26.906 9.952   1.00 16.82 ? 32   ASP C CG    1 
ATOM   845  O OD1   . ASP C 3 32  ? 12.401  -27.206 10.977  1.00 18.91 ? 32   ASP C OD1   1 
ATOM   846  O OD2   . ASP C 3 32  ? 12.715  -27.274 8.805   1.00 16.34 ? 32   ASP C OD2   1 
ATOM   847  N N     . GLY C 3 33  ? 15.865  -23.454 11.802  1.00 12.52 ? 33   GLY C N     1 
ATOM   848  C CA    . GLY C 3 33  ? 17.179  -22.981 12.185  1.00 14.37 ? 33   GLY C CA    1 
ATOM   849  C C     . GLY C 3 33  ? 18.147  -22.880 11.023  1.00 17.56 ? 33   GLY C C     1 
ATOM   850  O O     . GLY C 3 33  ? 19.341  -22.688 11.237  1.00 24.75 ? 33   GLY C O     1 
ATOM   851  N N     . ILE C 3 34  ? 17.646  -23.027 9.798   1.00 14.18 ? 34   ILE C N     1 
ATOM   852  C CA    . ILE C 3 34  ? 18.484  -22.926 8.606   1.00 9.62  ? 34   ILE C CA    1 
ATOM   853  C C     . ILE C 3 34  ? 18.785  -21.448 8.386   1.00 9.22  ? 34   ILE C C     1 
ATOM   854  O O     . ILE C 3 34  ? 17.891  -20.613 8.495   1.00 11.20 ? 34   ILE C O     1 
ATOM   855  C CB    . ILE C 3 34  ? 17.757  -23.485 7.371   1.00 11.12 ? 34   ILE C CB    1 
ATOM   856  C CG1   . ILE C 3 34  ? 17.273  -24.908 7.648   1.00 14.42 ? 34   ILE C CG1   1 
ATOM   857  C CG2   . ILE C 3 34  ? 18.665  -23.471 6.160   1.00 8.65  ? 34   ILE C CG2   1 
ATOM   858  C CD1   . ILE C 3 34  ? 18.374  -25.852 8.039   1.00 19.33 ? 34   ILE C CD1   1 
ATOM   859  N N     . ARG C 3 35  ? 20.046  -21.120 8.126   1.00 8.75  ? 35   ARG C N     1 
ATOM   860  C CA    . ARG C 3 35  ? 20.440  -19.731 7.908   1.00 5.68  ? 35   ARG C CA    1 
ATOM   861  C C     . ARG C 3 35  ? 19.872  -19.226 6.581   1.00 5.86  ? 35   ARG C C     1 
ATOM   862  O O     . ARG C 3 35  ? 19.792  -19.981 5.610   1.00 7.63  ? 35   ARG C O     1 
ATOM   863  C CB    . ARG C 3 35  ? 21.967  -19.608 7.932   1.00 7.16  ? 35   ARG C CB    1 
ATOM   864  C CG    . ARG C 3 35  ? 22.445  -18.224 8.326   1.00 15.86 ? 35   ARG C CG    1 
ATOM   865  C CD    . ARG C 3 35  ? 23.940  -18.132 8.538   1.00 18.32 ? 35   ARG C CD    1 
ATOM   866  N NE    . ARG C 3 35  ? 24.281  -16.809 9.046   1.00 24.10 ? 35   ARG C NE    1 
ATOM   867  C CZ    . ARG C 3 35  ? 25.458  -16.465 9.559   1.00 25.53 ? 35   ARG C CZ    1 
ATOM   868  N NH1   . ARG C 3 35  ? 26.453  -17.343 9.639   1.00 22.56 ? 35   ARG C NH1   1 
ATOM   869  N NH2   . ARG C 3 35  ? 25.619  -15.241 10.040  1.00 27.84 ? 35   ARG C NH2   1 
ATOM   870  N N     . PRO C 3 36  ? 19.464  -17.942 6.519   1.00 3.92  ? 36   PRO C N     1 
ATOM   871  C CA    . PRO C 3 36  ? 18.898  -17.349 5.303   1.00 0.75  ? 36   PRO C CA    1 
ATOM   872  C C     . PRO C 3 36  ? 19.703  -17.560 4.032   1.00 3.17  ? 36   PRO C C     1 
ATOM   873  O O     . PRO C 3 36  ? 19.136  -17.795 2.970   1.00 10.07 ? 36   PRO C O     1 
ATOM   874  C CB    . PRO C 3 36  ? 18.798  -15.870 5.664   1.00 0.91  ? 36   PRO C CB    1 
ATOM   875  C CG    . PRO C 3 36  ? 18.469  -15.924 7.109   1.00 1.03  ? 36   PRO C CG    1 
ATOM   876  C CD    . PRO C 3 36  ? 19.445  -16.962 7.619   1.00 1.44  ? 36   PRO C CD    1 
ATOM   877  N N     . CYS C 3 37  ? 21.023  -17.483 4.131   1.00 3.16  ? 37   CYS C N     1 
ATOM   878  C CA    . CYS C 3 37  ? 21.868  -17.671 2.959   1.00 3.63  ? 37   CYS C CA    1 
ATOM   879  C C     . CYS C 3 37  ? 21.732  -19.083 2.403   1.00 6.52  ? 37   CYS C C     1 
ATOM   880  O O     . CYS C 3 37  ? 21.850  -19.299 1.195   1.00 10.63 ? 37   CYS C O     1 
ATOM   881  C CB    . CYS C 3 37  ? 23.324  -17.386 3.308   1.00 7.49  ? 37   CYS C CB    1 
ATOM   882  S SG    . CYS C 3 37  ? 23.958  -18.355 4.692   1.00 13.50 ? 37   CYS C SG    1 
ATOM   883  N N     . VAL C 3 38  ? 21.480  -20.043 3.288   1.00 7.31  ? 38   VAL C N     1 
ATOM   884  C CA    . VAL C 3 38  ? 21.329  -21.434 2.877   1.00 4.35  ? 38   VAL C CA    1 
ATOM   885  C C     . VAL C 3 38  ? 19.986  -21.618 2.206   1.00 1.18  ? 38   VAL C C     1 
ATOM   886  O O     . VAL C 3 38  ? 19.878  -22.331 1.215   1.00 2.65  ? 38   VAL C O     1 
ATOM   887  C CB    . VAL C 3 38  ? 21.474  -22.406 4.069   1.00 5.17  ? 38   VAL C CB    1 
ATOM   888  C CG1   . VAL C 3 38  ? 21.270  -23.847 3.620   1.00 -0.03 ? 38   VAL C CG1   1 
ATOM   889  C CG2   . VAL C 3 38  ? 22.854  -22.254 4.683   1.00 6.04  ? 38   VAL C CG2   1 
ATOM   890  N N     . ILE C 3 39  ? 18.971  -20.942 2.729   1.00 0.42  ? 39   ILE C N     1 
ATOM   891  C CA    . ILE C 3 39  ? 17.632  -21.017 2.156   1.00 0.98  ? 39   ILE C CA    1 
ATOM   892  C C     . ILE C 3 39  ? 17.708  -20.467 0.739   1.00 0.29  ? 39   ILE C C     1 
ATOM   893  O O     . ILE C 3 39  ? 17.125  -21.018 -0.192  1.00 5.10  ? 39   ILE C O     1 
ATOM   894  C CB    . ILE C 3 39  ? 16.631  -20.179 2.976   1.00 1.56  ? 39   ILE C CB    1 
ATOM   895  C CG1   . ILE C 3 39  ? 16.628  -20.655 4.430   1.00 1.59  ? 39   ILE C CG1   1 
ATOM   896  C CG2   . ILE C 3 39  ? 15.238  -20.302 2.390   1.00 0.32  ? 39   ILE C CG2   1 
ATOM   897  C CD1   . ILE C 3 39  ? 15.788  -19.815 5.356   1.00 0.65  ? 39   ILE C CD1   1 
ATOM   898  N N     . SER C 3 40  ? 18.495  -19.414 0.576   1.00 -0.88 ? 40   SER C N     1 
ATOM   899  C CA    . SER C 3 40  ? 18.663  -18.791 -0.718  1.00 0.79  ? 40   SER C CA    1 
ATOM   900  C C     . SER C 3 40  ? 19.246  -19.750 -1.752  1.00 5.68  ? 40   SER C C     1 
ATOM   901  O O     . SER C 3 40  ? 18.662  -19.930 -2.815  1.00 7.41  ? 40   SER C O     1 
ATOM   902  C CB    . SER C 3 40  ? 19.545  -17.554 -0.589  1.00 0.81  ? 40   SER C CB    1 
ATOM   903  O OG    . SER C 3 40  ? 19.777  -16.977 -1.859  1.00 7.18  ? 40   SER C OG    1 
ATOM   904  N N     . ARG C 3 41  ? 20.374  -20.383 -1.432  1.00 10.20 ? 41   ARG C N     1 
ATOM   905  C CA    . ARG C 3 41  ? 21.022  -21.312 -2.363  1.00 11.80 ? 41   ARG C CA    1 
ATOM   906  C C     . ARG C 3 41  ? 20.273  -22.623 -2.544  1.00 11.34 ? 41   ARG C C     1 
ATOM   907  O O     . ARG C 3 41  ? 20.320  -23.227 -3.608  1.00 17.08 ? 41   ARG C O     1 
ATOM   908  C CB    . ARG C 3 41  ? 22.444  -21.624 -1.916  1.00 13.79 ? 41   ARG C CB    1 
ATOM   909  C CG    . ARG C 3 41  ? 23.351  -20.423 -1.791  1.00 18.09 ? 41   ARG C CG    1 
ATOM   910  C CD    . ARG C 3 41  ? 24.752  -20.875 -1.405  1.00 22.41 ? 41   ARG C CD    1 
ATOM   911  N NE    . ARG C 3 41  ? 25.346  -20.001 -0.399  1.00 24.37 ? 41   ARG C NE    1 
ATOM   912  C CZ    . ARG C 3 41  ? 25.569  -20.352 0.863   1.00 22.28 ? 41   ARG C CZ    1 
ATOM   913  N NH1   . ARG C 3 41  ? 25.254  -21.566 1.295   1.00 22.46 ? 41   ARG C NH1   1 
ATOM   914  N NH2   . ARG C 3 41  ? 26.092  -19.477 1.704   1.00 22.38 ? 41   ARG C NH2   1 
ATOM   915  N N     . GLN C 3 42  ? 19.622  -23.081 -1.485  1.00 11.77 ? 42   GLN C N     1 
ATOM   916  C CA    . GLN C 3 42  ? 18.863  -24.324 -1.520  1.00 15.13 ? 42   GLN C CA    1 
ATOM   917  C C     . GLN C 3 42  ? 17.630  -24.167 -2.416  1.00 17.43 ? 42   GLN C C     1 
ATOM   918  O O     . GLN C 3 42  ? 17.462  -24.909 -3.387  1.00 19.74 ? 42   GLN C O     1 
ATOM   919  C CB    . GLN C 3 42  ? 18.435  -24.702 -0.102  1.00 22.10 ? 42   GLN C CB    1 
ATOM   920  C CG    . GLN C 3 42  ? 17.830  -26.089 0.035   1.00 32.18 ? 42   GLN C CG    1 
ATOM   921  C CD    . GLN C 3 42  ? 18.807  -27.112 0.594   1.00 38.98 ? 42   GLN C CD    1 
ATOM   922  O OE1   . GLN C 3 42  ? 19.992  -26.823 0.794   1.00 41.54 ? 42   GLN C OE1   1 
ATOM   923  N NE2   . GLN C 3 42  ? 18.309  -28.317 0.857   1.00 42.26 ? 42   GLN C NE2   1 
ATOM   924  N N     . LEU C 3 43  ? 16.782  -23.189 -2.095  1.00 14.85 ? 43   LEU C N     1 
ATOM   925  C CA    . LEU C 3 43  ? 15.571  -22.933 -2.871  1.00 9.97  ? 43   LEU C CA    1 
ATOM   926  C C     . LEU C 3 43  ? 15.824  -22.160 -4.167  1.00 9.81  ? 43   LEU C C     1 
ATOM   927  O O     . LEU C 3 43  ? 15.009  -22.197 -5.086  1.00 11.60 ? 43   LEU C O     1 
ATOM   928  C CB    . LEU C 3 43  ? 14.532  -22.207 -2.014  1.00 5.22  ? 43   LEU C CB    1 
ATOM   929  C CG    . LEU C 3 43  ? 14.005  -22.986 -0.811  1.00 0.56  ? 43   LEU C CG    1 
ATOM   930  C CD1   . LEU C 3 43  ? 12.800  -22.283 -0.222  1.00 -2.54 ? 43   LEU C CD1   1 
ATOM   931  C CD2   . LEU C 3 43  ? 13.623  -24.374 -1.242  1.00 -2.76 ? 43   LEU C CD2   1 
ATOM   932  N N     . ARG C 3 44  ? 16.955  -21.463 -4.229  1.00 11.27 ? 44   ARG C N     1 
ATOM   933  C CA    . ARG C 3 44  ? 17.351  -20.683 -5.401  1.00 10.47 ? 44   ARG C CA    1 
ATOM   934  C C     . ARG C 3 44  ? 16.563  -19.403 -5.640  1.00 9.14  ? 44   ARG C C     1 
ATOM   935  O O     . ARG C 3 44  ? 16.280  -19.017 -6.775  1.00 8.82  ? 44   ARG C O     1 
ATOM   936  C CB    . ARG C 3 44  ? 17.392  -21.576 -6.636  1.00 14.98 ? 44   ARG C CB    1 
ATOM   937  C CG    . ARG C 3 44  ? 18.584  -22.487 -6.581  1.00 22.66 ? 44   ARG C CG    1 
ATOM   938  C CD    . ARG C 3 44  ? 18.425  -23.741 -7.393  1.00 33.44 ? 44   ARG C CD    1 
ATOM   939  N NE    . ARG C 3 44  ? 19.633  -24.552 -7.255  1.00 43.67 ? 44   ARG C NE    1 
ATOM   940  C CZ    . ARG C 3 44  ? 20.338  -25.037 -8.271  1.00 46.63 ? 44   ARG C CZ    1 
ATOM   941  N NH1   . ARG C 3 44  ? 19.953  -24.808 -9.521  1.00 48.18 ? 44   ARG C NH1   1 
ATOM   942  N NH2   . ARG C 3 44  ? 21.468  -25.691 -8.040  1.00 47.38 ? 44   ARG C NH2   1 
ATOM   943  N N     . VAL C 3 45  ? 16.257  -18.734 -4.535  1.00 5.00  ? 45   VAL C N     1 
ATOM   944  C CA    . VAL C 3 45  ? 15.536  -17.473 -4.525  1.00 0.54  ? 45   VAL C CA    1 
ATOM   945  C C     . VAL C 3 45  ? 16.595  -16.432 -4.179  1.00 0.17  ? 45   VAL C C     1 
ATOM   946  O O     . VAL C 3 45  ? 17.499  -16.720 -3.399  1.00 3.91  ? 45   VAL C O     1 
ATOM   947  C CB    . VAL C 3 45  ? 14.484  -17.470 -3.390  1.00 0.37  ? 45   VAL C CB    1 
ATOM   948  C CG1   . VAL C 3 45  ? 13.748  -16.154 -3.343  1.00 0.00  ? 45   VAL C CG1   1 
ATOM   949  C CG2   . VAL C 3 45  ? 13.515  -18.607 -3.570  1.00 0.14  ? 45   VAL C CG2   1 
ATOM   950  N N     . SER C 3 46  ? 16.503  -15.233 -4.741  1.00 -3.60 ? 46   SER C N     1 
ATOM   951  C CA    . SER C 3 46  ? 17.481  -14.197 -4.424  1.00 -3.04 ? 46   SER C CA    1 
ATOM   952  C C     . SER C 3 46  ? 17.408  -13.917 -2.920  1.00 0.11  ? 46   SER C C     1 
ATOM   953  O O     . SER C 3 46  ? 16.318  -13.890 -2.354  1.00 5.17  ? 46   SER C O     1 
ATOM   954  C CB    . SER C 3 46  ? 17.182  -12.925 -5.217  1.00 -1.53 ? 46   SER C CB    1 
ATOM   955  O OG    . SER C 3 46  ? 15.951  -12.353 -4.809  1.00 1.80  ? 46   SER C OG    1 
ATOM   956  N N     . HIS C 3 47  ? 18.560  -13.717 -2.279  1.00 1.10  ? 47   HIS C N     1 
ATOM   957  C CA    . HIS C 3 47  ? 18.606  -13.464 -0.836  1.00 1.17  ? 47   HIS C CA    1 
ATOM   958  C C     . HIS C 3 47  ? 17.847  -12.214 -0.424  1.00 2.62  ? 47   HIS C C     1 
ATOM   959  O O     . HIS C 3 47  ? 17.381  -12.108 0.714   1.00 4.68  ? 47   HIS C O     1 
ATOM   960  C CB    . HIS C 3 47  ? 20.058  -13.425 -0.312  1.00 4.30  ? 47   HIS C CB    1 
ATOM   961  C CG    . HIS C 3 47  ? 20.787  -12.142 -0.590  1.00 4.88  ? 47   HIS C CG    1 
ATOM   962  N ND1   . HIS C 3 47  ? 21.691  -12.007 -1.631  1.00 7.59  ? 47   HIS C ND1   1 
ATOM   963  C CD2   . HIS C 3 47  ? 20.774  -10.954 0.051   1.00 1.70  ? 47   HIS C CD2   1 
ATOM   964  C CE1   . HIS C 3 47  ? 22.195  -10.792 -1.609  1.00 4.13  ? 47   HIS C CE1   1 
ATOM   965  N NE2   . HIS C 3 47  ? 21.664  -10.125 -0.606  1.00 0.48  ? 47   HIS C NE2   1 
ATOM   966  N N     . GLY C 3 48  ? 17.729  -11.272 -1.354  1.00 3.68  ? 48   GLY C N     1 
ATOM   967  C CA    . GLY C 3 48  ? 17.007  -10.044 -1.083  1.00 2.19  ? 48   GLY C CA    1 
ATOM   968  C C     . GLY C 3 48  ? 15.543  -10.373 -0.873  1.00 3.41  ? 48   GLY C C     1 
ATOM   969  O O     . GLY C 3 48  ? 14.872  -9.767  -0.039  1.00 5.23  ? 48   GLY C O     1 
ATOM   970  N N     . CYS C 3 49  ? 15.066  -11.369 -1.612  1.00 1.60  ? 49   CYS C N     1 
ATOM   971  C CA    . CYS C 3 49  ? 13.686  -11.811 -1.519  1.00 0.26  ? 49   CYS C CA    1 
ATOM   972  C C     . CYS C 3 49  ? 13.480  -12.598 -0.234  1.00 1.73  ? 49   CYS C C     1 
ATOM   973  O O     . CYS C 3 49  ? 12.475  -12.422 0.449   1.00 6.25  ? 49   CYS C O     1 
ATOM   974  C CB    . CYS C 3 49  ? 13.330  -12.668 -2.725  1.00 -0.29 ? 49   CYS C CB    1 
ATOM   975  S SG    . CYS C 3 49  ? 11.627  -13.189 -2.748  1.00 4.08  ? 49   CYS C SG    1 
ATOM   976  N N     . VAL C 3 50  ? 14.414  -13.488 0.084   1.00 2.69  ? 50   VAL C N     1 
ATOM   977  C CA    . VAL C 3 50  ? 14.323  -14.271 1.320   1.00 4.27  ? 50   VAL C CA    1 
ATOM   978  C C     . VAL C 3 50  ? 14.240  -13.336 2.526   1.00 1.35  ? 50   VAL C C     1 
ATOM   979  O O     . VAL C 3 50  ? 13.450  -13.543 3.444   1.00 -1.47 ? 50   VAL C O     1 
ATOM   980  C CB    . VAL C 3 50  ? 15.558  -15.175 1.504   1.00 3.40  ? 50   VAL C CB    1 
ATOM   981  C CG1   . VAL C 3 50  ? 15.557  -15.801 2.890   1.00 3.03  ? 50   VAL C CG1   1 
ATOM   982  C CG2   . VAL C 3 50  ? 15.565  -16.257 0.449   1.00 3.90  ? 50   VAL C CG2   1 
ATOM   983  N N     . SER C 3 51  ? 15.074  -12.307 2.508   1.00 0.80  ? 51   SER C N     1 
ATOM   984  C CA    . SER C 3 51  ? 15.116  -11.335 3.575   1.00 4.76  ? 51   SER C CA    1 
ATOM   985  C C     . SER C 3 51  ? 13.761  -10.644 3.735   1.00 6.66  ? 51   SER C C     1 
ATOM   986  O O     . SER C 3 51  ? 13.211  -10.569 4.838   1.00 4.45  ? 51   SER C O     1 
ATOM   987  C CB    . SER C 3 51  ? 16.211  -10.313 3.272   1.00 8.97  ? 51   SER C CB    1 
ATOM   988  O OG    . SER C 3 51  ? 16.165  -9.210  4.159   1.00 15.66 ? 51   SER C OG    1 
ATOM   989  N N     . LYS C 3 52  ? 13.205  -10.203 2.611   1.00 6.80  ? 52   LYS C N     1 
ATOM   990  C CA    . LYS C 3 52  ? 11.926  -9.506  2.588   1.00 5.86  ? 52   LYS C CA    1 
ATOM   991  C C     . LYS C 3 52  ? 10.805  -10.341 3.164   1.00 5.21  ? 52   LYS C C     1 
ATOM   992  O O     . LYS C 3 52  ? 10.068  -9.888  4.032   1.00 11.43 ? 52   LYS C O     1 
ATOM   993  C CB    . LYS C 3 52  ? 11.580  -9.119  1.157   1.00 6.94  ? 52   LYS C CB    1 
ATOM   994  C CG    . LYS C 3 52  ? 10.310  -8.319  0.985   1.00 11.21 ? 52   LYS C CG    1 
ATOM   995  C CD    . LYS C 3 52  ? 10.109  -8.043  -0.494  1.00 18.25 ? 52   LYS C CD    1 
ATOM   996  C CE    . LYS C 3 52  ? 8.918   -7.148  -0.777  1.00 23.63 ? 52   LYS C CE    1 
ATOM   997  N NZ    . LYS C 3 52  ? 8.854   -6.814  -2.240  1.00 26.38 ? 52   LYS C NZ    1 
ATOM   998  N N     . ILE C 3 53  ? 10.666  -11.556 2.658   1.00 2.39  ? 53   ILE C N     1 
ATOM   999  C CA    . ILE C 3 53  ? 9.624   -12.464 3.115   1.00 1.86  ? 53   ILE C CA    1 
ATOM   1000 C C     . ILE C 3 53  ? 9.777   -12.804 4.589   1.00 3.26  ? 53   ILE C C     1 
ATOM   1001 O O     . ILE C 3 53  ? 8.786   -12.976 5.300   1.00 6.14  ? 53   ILE C O     1 
ATOM   1002 C CB    . ILE C 3 53  ? 9.623   -13.763 2.276   1.00 0.42  ? 53   ILE C CB    1 
ATOM   1003 C CG1   . ILE C 3 53  ? 9.183   -13.455 0.842   1.00 1.19  ? 53   ILE C CG1   1 
ATOM   1004 C CG2   . ILE C 3 53  ? 8.705   -14.809 2.896   1.00 -1.58 ? 53   ILE C CG2   1 
ATOM   1005 C CD1   . ILE C 3 53  ? 9.229   -14.659 -0.079  1.00 0.99  ? 53   ILE C CD1   1 
ATOM   1006 N N     . LEU C 3 54  ? 11.023  -12.898 5.040   1.00 6.80  ? 54   LEU C N     1 
ATOM   1007 C CA    . LEU C 3 54  ? 11.317  -13.228 6.430   1.00 5.66  ? 54   LEU C CA    1 
ATOM   1008 C C     . LEU C 3 54  ? 10.988  -12.068 7.355   1.00 7.25  ? 54   LEU C C     1 
ATOM   1009 O O     . LEU C 3 54  ? 10.405  -12.263 8.421   1.00 11.79 ? 54   LEU C O     1 
ATOM   1010 C CB    . LEU C 3 54  ? 12.782  -13.633 6.568   1.00 1.11  ? 54   LEU C CB    1 
ATOM   1011 C CG    . LEU C 3 54  ? 13.100  -15.052 7.043   1.00 -0.78 ? 54   LEU C CG    1 
ATOM   1012 C CD1   . LEU C 3 54  ? 12.019  -16.040 6.639   1.00 -2.80 ? 54   LEU C CD1   1 
ATOM   1013 C CD2   . LEU C 3 54  ? 14.446  -15.473 6.481   1.00 -3.04 ? 54   LEU C CD2   1 
ATOM   1014 N N     . ASN C 3 55  ? 11.342  -10.858 6.932   1.00 7.62  ? 55   ASN C N     1 
ATOM   1015 C CA    . ASN C 3 55  ? 11.069  -9.666  7.722   1.00 12.34 ? 55   ASN C CA    1 
ATOM   1016 C C     . ASN C 3 55  ? 9.563   -9.414  7.791   1.00 11.17 ? 55   ASN C C     1 
ATOM   1017 O O     . ASN C 3 55  ? 9.039   -8.987  8.818   1.00 13.32 ? 55   ASN C O     1 
ATOM   1018 C CB    . ASN C 3 55  ? 11.783  -8.452  7.121   1.00 18.24 ? 55   ASN C CB    1 
ATOM   1019 C CG    . ASN C 3 55  ? 11.652  -7.206  7.987   1.00 26.37 ? 55   ASN C CG    1 
ATOM   1020 O OD1   . ASN C 3 55  ? 11.426  -7.293  9.198   1.00 29.75 ? 55   ASN C OD1   1 
ATOM   1021 N ND2   . ASN C 3 55  ? 11.803  -6.037  7.371   1.00 29.06 ? 55   ASN C ND2   1 
ATOM   1022 N N     . ARG C 3 56  ? 8.868   -9.731  6.708   1.00 11.94 ? 56   ARG C N     1 
ATOM   1023 C CA    . ARG C 3 56  ? 7.428   -9.531  6.638   1.00 13.90 ? 56   ARG C CA    1 
ATOM   1024 C C     . ARG C 3 56  ? 6.683   -10.536 7.504   1.00 11.84 ? 56   ARG C C     1 
ATOM   1025 O O     . ARG C 3 56  ? 5.637   -10.222 8.070   1.00 11.93 ? 56   ARG C O     1 
ATOM   1026 C CB    . ARG C 3 56  ? 6.947   -9.627  5.189   1.00 20.71 ? 56   ARG C CB    1 
ATOM   1027 C CG    . ARG C 3 56  ? 5.920   -8.574  4.816   1.00 27.54 ? 56   ARG C CG    1 
ATOM   1028 C CD    . ARG C 3 56  ? 5.458   -8.705  3.368   1.00 33.95 ? 56   ARG C CD    1 
ATOM   1029 N NE    . ARG C 3 56  ? 4.639   -7.564  2.964   1.00 37.60 ? 56   ARG C NE    1 
ATOM   1030 C CZ    . ARG C 3 56  ? 5.136   -6.400  2.554   1.00 40.23 ? 56   ARG C CZ    1 
ATOM   1031 N NH1   . ARG C 3 56  ? 6.449   -6.226  2.485   1.00 42.30 ? 56   ARG C NH1   1 
ATOM   1032 N NH2   . ARG C 3 56  ? 4.320   -5.398  2.247   1.00 41.66 ? 56   ARG C NH2   1 
ATOM   1033 N N     . TYR C 3 57  ? 7.218   -11.747 7.614   1.00 8.16  ? 57   TYR C N     1 
ATOM   1034 C CA    . TYR C 3 57  ? 6.570   -12.762 8.426   1.00 2.84  ? 57   TYR C CA    1 
ATOM   1035 C C     . TYR C 3 57  ? 6.669   -12.355 9.881   1.00 4.33  ? 57   TYR C C     1 
ATOM   1036 O O     . TYR C 3 57  ? 5.802   -12.690 10.683  1.00 7.65  ? 57   TYR C O     1 
ATOM   1037 C CB    . TYR C 3 57  ? 7.224   -14.127 8.224   1.00 -0.93 ? 57   TYR C CB    1 
ATOM   1038 C CG    . TYR C 3 57  ? 6.551   -15.244 8.992   1.00 -1.78 ? 57   TYR C CG    1 
ATOM   1039 C CD1   . TYR C 3 57  ? 5.226   -15.579 8.752   1.00 2.60  ? 57   TYR C CD1   1 
ATOM   1040 C CD2   . TYR C 3 57  ? 7.248   -15.983 9.928   1.00 -0.09 ? 57   TYR C CD2   1 
ATOM   1041 C CE1   . TYR C 3 57  ? 4.617   -16.625 9.423   1.00 3.16  ? 57   TYR C CE1   1 
ATOM   1042 C CE2   . TYR C 3 57  ? 6.651   -17.025 10.605  1.00 3.73  ? 57   TYR C CE2   1 
ATOM   1043 C CZ    . TYR C 3 57  ? 5.339   -17.345 10.348  1.00 4.01  ? 57   TYR C CZ    1 
ATOM   1044 O OH    . TYR C 3 57  ? 4.759   -18.398 11.019  1.00 3.93  ? 57   TYR C OH    1 
ATOM   1045 N N     . GLN C 3 58  ? 7.738   -11.639 10.218  1.00 4.16  ? 58   GLN C N     1 
ATOM   1046 C CA    . GLN C 3 58  ? 7.952   -11.180 11.586  1.00 9.29  ? 58   GLN C CA    1 
ATOM   1047 C C     . GLN C 3 58  ? 7.021   -10.029 11.931  1.00 11.58 ? 58   GLN C C     1 
ATOM   1048 O O     . GLN C 3 58  ? 6.434   -9.997  13.008  1.00 12.46 ? 58   GLN C O     1 
ATOM   1049 C CB    . GLN C 3 58  ? 9.405   -10.747 11.786  1.00 10.65 ? 58   GLN C CB    1 
ATOM   1050 C CG    . GLN C 3 58  ? 10.398  -11.899 11.856  1.00 12.58 ? 58   GLN C CG    1 
ATOM   1051 C CD    . GLN C 3 58  ? 10.277  -12.697 13.138  1.00 13.50 ? 58   GLN C CD    1 
ATOM   1052 O OE1   . GLN C 3 58  ? 10.276  -13.928 13.115  1.00 16.31 ? 58   GLN C OE1   1 
ATOM   1053 N NE2   . GLN C 3 58  ? 10.179  -11.999 14.268  1.00 10.60 ? 58   GLN C NE2   1 
ATOM   1054 N N     . GLU C 3 59  ? 6.878   -9.090  11.005  1.00 13.55 ? 59   GLU C N     1 
ATOM   1055 C CA    . GLU C 3 59  ? 6.018   -7.944  11.229  1.00 16.92 ? 59   GLU C CA    1 
ATOM   1056 C C     . GLU C 3 59  ? 4.537   -8.295  11.174  1.00 14.99 ? 59   GLU C C     1 
ATOM   1057 O O     . GLU C 3 59  ? 3.808   -8.081  12.142  1.00 19.49 ? 59   GLU C O     1 
ATOM   1058 C CB    . GLU C 3 59  ? 6.326   -6.845  10.212  1.00 24.48 ? 59   GLU C CB    1 
ATOM   1059 C CG    . GLU C 3 59  ? 7.714   -6.226  10.341  1.00 32.37 ? 59   GLU C CG    1 
ATOM   1060 C CD    . GLU C 3 59  ? 7.992   -5.163  9.280   1.00 37.93 ? 59   GLU C CD    1 
ATOM   1061 O OE1   . GLU C 3 59  ? 7.063   -4.803  8.519   1.00 38.66 ? 59   GLU C OE1   1 
ATOM   1062 O OE2   . GLU C 3 59  ? 9.146   -4.686  9.207   1.00 41.81 ? 59   GLU C OE2   1 
ATOM   1063 N N     . THR C 3 60  ? 4.103   -8.842  10.044  1.00 10.44 ? 60   THR C N     1 
ATOM   1064 C CA    . THR C 3 60  ? 2.704   -9.193  9.835   1.00 7.74  ? 60   THR C CA    1 
ATOM   1065 C C     . THR C 3 60  ? 2.281   -10.574 10.333  1.00 7.07  ? 60   THR C C     1 
ATOM   1066 O O     . THR C 3 60  ? 1.091   -10.827 10.520  1.00 7.86  ? 60   THR C O     1 
ATOM   1067 C CB    . THR C 3 60  ? 2.338   -9.115  8.341   1.00 10.17 ? 60   THR C CB    1 
ATOM   1068 O OG1   . THR C 3 60  ? 2.959   -10.196 7.640   1.00 10.01 ? 60   THR C OG1   1 
ATOM   1069 C CG2   . THR C 3 60  ? 2.805   -7.807  7.735   1.00 9.54  ? 60   THR C CG2   1 
ATOM   1070 N N     . GLY C 3 61  ? 3.241   -11.481 10.488  1.00 6.31  ? 61   GLY C N     1 
ATOM   1071 C CA    . GLY C 3 61  ? 2.919   -12.828 10.933  1.00 3.28  ? 61   GLY C CA    1 
ATOM   1072 C C     . GLY C 3 61  ? 2.261   -13.633 9.823   1.00 4.87  ? 61   GLY C C     1 
ATOM   1073 O O     . GLY C 3 61  ? 1.608   -14.642 10.077  1.00 5.55  ? 61   GLY C O     1 
ATOM   1074 N N     . SER C 3 62  ? 2.476   -13.218 8.581   1.00 4.70  ? 62   SER C N     1 
ATOM   1075 C CA    . SER C 3 62  ? 1.869   -13.895 7.451   1.00 5.96  ? 62   SER C CA    1 
ATOM   1076 C C     . SER C 3 62  ? 2.830   -14.183 6.306   1.00 6.16  ? 62   SER C C     1 
ATOM   1077 O O     . SER C 3 62  ? 3.793   -13.446 6.064   1.00 1.27  ? 62   SER C O     1 
ATOM   1078 C CB    . SER C 3 62  ? 0.678   -13.085 6.938   1.00 9.64  ? 62   SER C CB    1 
ATOM   1079 O OG    . SER C 3 62  ? -0.004  -13.771 5.903   1.00 16.29 ? 62   SER C OG    1 
ATOM   1080 N N     . ILE C 3 63  ? 2.549   -15.288 5.627   1.00 8.37  ? 63   ILE C N     1 
ATOM   1081 C CA    . ILE C 3 63  ? 3.314   -15.762 4.482   1.00 15.09 ? 63   ILE C CA    1 
ATOM   1082 C C     . ILE C 3 63  ? 2.851   -14.996 3.241   1.00 18.54 ? 63   ILE C C     1 
ATOM   1083 O O     . ILE C 3 63  ? 3.650   -14.653 2.373   1.00 23.29 ? 63   ILE C O     1 
ATOM   1084 C CB    . ILE C 3 63  ? 3.032   -17.267 4.234   1.00 18.82 ? 63   ILE C CB    1 
ATOM   1085 C CG1   . ILE C 3 63  ? 3.236   -18.077 5.516   1.00 22.71 ? 63   ILE C CG1   1 
ATOM   1086 C CG2   . ILE C 3 63  ? 3.899   -17.801 3.119   1.00 20.22 ? 63   ILE C CG2   1 
ATOM   1087 C CD1   . ILE C 3 63  ? 4.634   -18.048 6.042   1.00 22.57 ? 63   ILE C CD1   1 
ATOM   1088 N N     . ARG C 3 64  ? 1.546   -14.736 3.182   1.00 19.43 ? 64   ARG C N     1 
ATOM   1089 C CA    . ARG C 3 64  ? 0.910   -14.034 2.066   1.00 18.33 ? 64   ARG C CA    1 
ATOM   1090 C C     . ARG C 3 64  ? 1.545   -12.682 1.742   1.00 11.46 ? 64   ARG C C     1 
ATOM   1091 O O     . ARG C 3 64  ? 1.978   -11.960 2.634   1.00 13.63 ? 64   ARG C O     1 
ATOM   1092 C CB    . ARG C 3 64  ? -0.577  -13.821 2.374   1.00 24.07 ? 64   ARG C CB    1 
ATOM   1093 C CG    . ARG C 3 64  ? -1.524  -14.217 1.250   1.00 32.18 ? 64   ARG C CG    1 
ATOM   1094 C CD    . ARG C 3 64  ? -2.695  -13.242 1.134   1.00 36.21 ? 64   ARG C CD    1 
ATOM   1095 N NE    . ARG C 3 64  ? -2.581  -12.397 -0.055  1.00 38.39 ? 64   ARG C NE    1 
ATOM   1096 C CZ    . ARG C 3 64  ? -2.872  -11.099 -0.095  1.00 40.89 ? 64   ARG C CZ    1 
ATOM   1097 N NH1   . ARG C 3 64  ? -3.294  -10.467 0.995   1.00 42.77 ? 64   ARG C NH1   1 
ATOM   1098 N NH2   . ARG C 3 64  ? -2.783  -10.441 -1.245  1.00 41.79 ? 64   ARG C NH2   1 
ATOM   1099 N N     . PRO C 3 65  ? 1.632   -12.340 0.449   1.00 7.91  ? 65   PRO C N     1 
ATOM   1100 C CA    . PRO C 3 65  ? 2.212   -11.071 0.006   1.00 6.38  ? 65   PRO C CA    1 
ATOM   1101 C C     . PRO C 3 65  ? 1.260   -9.897  0.221   1.00 7.47  ? 65   PRO C C     1 
ATOM   1102 O O     . PRO C 3 65  ? 0.086   -10.089 0.535   1.00 9.83  ? 65   PRO C O     1 
ATOM   1103 C CB    . PRO C 3 65  ? 2.449   -11.318 -1.481  1.00 6.56  ? 65   PRO C CB    1 
ATOM   1104 C CG    . PRO C 3 65  ? 1.332   -12.222 -1.845  1.00 4.31  ? 65   PRO C CG    1 
ATOM   1105 C CD    . PRO C 3 65  ? 1.349   -13.205 -0.710  1.00 5.98  ? 65   PRO C CD    1 
ATOM   1106 N N     . GLY C 3 66  ? 1.776   -8.682  0.055   1.00 10.88 ? 66   GLY C N     1 
ATOM   1107 C CA    . GLY C 3 66  ? 0.955   -7.494  0.215   1.00 14.05 ? 66   GLY C CA    1 
ATOM   1108 C C     . GLY C 3 66  ? -0.184  -7.442  -0.793  1.00 17.61 ? 66   GLY C C     1 
ATOM   1109 O O     . GLY C 3 66  ? -0.209  -8.222  -1.746  1.00 18.35 ? 66   GLY C O     1 
ATOM   1110 N N     . VAL C 3 67  ? -1.142  -6.550  -0.568  1.00 20.38 ? 67   VAL C N     1 
ATOM   1111 C CA    . VAL C 3 67  ? -2.278  -6.410  -1.471  1.00 23.45 ? 67   VAL C CA    1 
ATOM   1112 C C     . VAL C 3 67  ? -1.866  -5.575  -2.675  1.00 22.28 ? 67   VAL C C     1 
ATOM   1113 O O     . VAL C 3 67  ? -1.443  -4.429  -2.532  1.00 21.09 ? 67   VAL C O     1 
ATOM   1114 C CB    . VAL C 3 67  ? -3.494  -5.778  -0.762  1.00 27.03 ? 67   VAL C CB    1 
ATOM   1115 C CG1   . VAL C 3 67  ? -4.562  -5.392  -1.779  1.00 28.87 ? 67   VAL C CG1   1 
ATOM   1116 C CG2   . VAL C 3 67  ? -4.071  -6.767  0.252   1.00 27.64 ? 67   VAL C CG2   1 
ATOM   1117 N N     . ILE C 3 68  ? -1.967  -6.180  -3.855  1.00 24.83 ? 68   ILE C N     1 
ATOM   1118 C CA    . ILE C 3 68  ? -1.597  -5.532  -5.107  1.00 28.87 ? 68   ILE C CA    1 
ATOM   1119 C C     . ILE C 3 68  ? -2.808  -5.007  -5.870  1.00 31.14 ? 68   ILE C C     1 
ATOM   1120 O O     . ILE C 3 68  ? -3.891  -5.597  -5.825  1.00 30.69 ? 68   ILE C O     1 
ATOM   1121 C CB    . ILE C 3 68  ? -0.828  -6.510  -6.033  1.00 29.45 ? 68   ILE C CB    1 
ATOM   1122 C CG1   . ILE C 3 68  ? 0.411   -7.054  -5.316  1.00 31.58 ? 68   ILE C CG1   1 
ATOM   1123 C CG2   . ILE C 3 68  ? -0.409  -5.809  -7.324  1.00 29.49 ? 68   ILE C CG2   1 
ATOM   1124 C CD1   . ILE C 3 68  ? 1.222   -8.038  -6.136  1.00 31.16 ? 68   ILE C CD1   1 
ATOM   1125 N N     . GLY C 3 69  ? -2.614  -3.883  -6.553  1.00 34.07 ? 69   GLY C N     1 
ATOM   1126 C CA    . GLY C 3 69  ? -3.669  -3.291  -7.355  1.00 36.63 ? 69   GLY C CA    1 
ATOM   1127 C C     . GLY C 3 69  ? -4.870  -2.726  -6.631  1.00 37.94 ? 69   GLY C C     1 
ATOM   1128 O O     . GLY C 3 69  ? -5.106  -3.004  -5.452  1.00 40.03 ? 69   GLY C O     1 
ATOM   1129 N N     . GLY C 3 70  ? -5.646  -1.938  -7.368  1.00 38.77 ? 70   GLY C N     1 
ATOM   1130 C CA    . GLY C 3 70  ? -6.834  -1.328  -6.809  1.00 39.91 ? 70   GLY C CA    1 
ATOM   1131 C C     . GLY C 3 70  ? -6.669  0.147   -6.526  1.00 39.84 ? 70   GLY C C     1 
ATOM   1132 O O     . GLY C 3 70  ? -5.551  0.663   -6.473  1.00 38.46 ? 70   GLY C O     1 
ATOM   1133 N N     . SER C 3 71  ? -7.796  0.827   -6.338  1.00 43.28 ? 71   SER C N     1 
ATOM   1134 C CA    . SER C 3 71  ? -7.806  2.254   -6.060  1.00 45.14 ? 71   SER C CA    1 
ATOM   1135 C C     . SER C 3 71  ? -8.264  2.523   -4.632  1.00 46.01 ? 71   SER C C     1 
ATOM   1136 O O     . SER C 3 71  ? -9.235  1.925   -4.156  1.00 44.11 ? 71   SER C O     1 
ATOM   1137 C CB    . SER C 3 71  ? -8.718  2.974   -7.051  1.00 43.74 ? 71   SER C CB    1 
ATOM   1138 N N     . LYS C 3 72  ? -7.544  3.418   -3.957  1.00 49.10 ? 72   LYS C N     1 
ATOM   1139 C CA    . LYS C 3 72  ? -7.862  3.797   -2.585  1.00 51.56 ? 72   LYS C CA    1 
ATOM   1140 C C     . LYS C 3 72  ? -9.284  4.341   -2.569  1.00 53.33 ? 72   LYS C C     1 
ATOM   1141 O O     . LYS C 3 72  ? -9.671  5.111   -3.449  1.00 53.06 ? 72   LYS C O     1 
ATOM   1142 C CB    . LYS C 3 72  ? -6.880  4.850   -2.085  1.00 51.29 ? 72   LYS C CB    1 
ATOM   1143 N N     . PRO C 3 73  ? -10.067 3.899   -1.593  1.00 56.72 ? 73   PRO C N     1 
ATOM   1144 C CA    . PRO C 3 73  ? -11.455 4.323   -1.470  1.00 60.45 ? 73   PRO C CA    1 
ATOM   1145 C C     . PRO C 3 73  ? -11.587 5.837   -1.408  1.00 63.08 ? 73   PRO C C     1 
ATOM   1146 O O     . PRO C 3 73  ? -10.980 6.487   -0.556  1.00 62.24 ? 73   PRO C O     1 
ATOM   1147 C CB    . PRO C 3 73  ? -12.088 3.689   -0.240  1.00 60.27 ? 73   PRO C CB    1 
ATOM   1148 N N     . ARG C 3 74  ? -12.321 6.399   -2.365  1.00 67.08 ? 74   ARG C N     1 
ATOM   1149 C CA    . ARG C 3 74  ? -12.546 7.837   -2.402  1.00 71.47 ? 74   ARG C CA    1 
ATOM   1150 C C     . ARG C 3 74  ? -13.938 8.160   -1.876  1.00 73.85 ? 74   ARG C C     1 
ATOM   1151 O O     . ARG C 3 74  ? -14.914 8.191   -2.632  1.00 75.00 ? 74   ARG C O     1 
ATOM   1152 C CB    . ARG C 3 74  ? -12.346 8.406   -3.816  1.00 73.04 ? 74   ARG C CB    1 
ATOM   1153 C CG    . ARG C 3 74  ? -10.894 8.760   -4.134  1.00 74.44 ? 74   ARG C CG    1 
ATOM   1154 C CD    . ARG C 3 74  ? -10.725 9.459   -5.483  1.00 74.73 ? 74   ARG C CD    1 
ATOM   1155 N NE    . ARG C 3 74  ? -9.338  9.888   -5.673  1.00 76.09 ? 74   ARG C NE    1 
ATOM   1156 C CZ    . ARG C 3 74  ? -8.918  11.148  -5.574  1.00 77.45 ? 74   ARG C CZ    1 
ATOM   1157 N NH1   . ARG C 3 74  ? -9.774  12.123  -5.302  1.00 78.17 ? 74   ARG C NH1   1 
ATOM   1158 N NH2   . ARG C 3 74  ? -7.623  11.424  -5.670  1.00 78.26 ? 74   ARG C NH2   1 
ATOM   1159 N N     . ILE C 3 75  ? -14.024 8.327   -0.559  1.00 75.92 ? 75   ILE C N     1 
ATOM   1160 C CA    . ILE C 3 75  ? -15.278 8.662   0.109   1.00 77.92 ? 75   ILE C CA    1 
ATOM   1161 C C     . ILE C 3 75  ? -15.517 10.148  -0.136  1.00 79.78 ? 75   ILE C C     1 
ATOM   1162 O O     . ILE C 3 75  ? -16.650 10.590  -0.327  1.00 82.00 ? 75   ILE C O     1 
ATOM   1163 C CB    . ILE C 3 75  ? -15.181 8.372   1.602   1.00 77.83 ? 75   ILE C CB    1 
ATOM   1164 N N     . ALA C 3 76  ? -14.427 10.910  -0.114  1.00 79.05 ? 76   ALA C N     1 
ATOM   1165 C CA    . ALA C 3 76  ? -14.463 12.342  -0.375  1.00 78.72 ? 76   ALA C CA    1 
ATOM   1166 C C     . ALA C 3 76  ? -13.967 12.464  -1.817  1.00 78.80 ? 76   ALA C C     1 
ATOM   1167 O O     . ALA C 3 76  ? -12.887 13.001  -2.083  1.00 78.25 ? 76   ALA C O     1 
ATOM   1168 C CB    . ALA C 3 76  ? -13.536 13.072  0.582   1.00 78.57 ? 76   ALA C CB    1 
ATOM   1169 N N     . THR C 3 77  ? -14.770 11.932  -2.735  1.00 78.85 ? 77   THR C N     1 
ATOM   1170 C CA    . THR C 3 77  ? -14.444 11.904  -4.158  1.00 78.22 ? 77   THR C CA    1 
ATOM   1171 C C     . THR C 3 77  ? -14.736 13.168  -4.960  1.00 76.05 ? 77   THR C C     1 
ATOM   1172 O O     . THR C 3 77  ? -15.599 13.965  -4.592  1.00 74.24 ? 77   THR C O     1 
ATOM   1173 C CB    . THR C 3 77  ? -15.118 10.699  -4.820  1.00 78.79 ? 77   THR C CB    1 
ATOM   1174 N N     . PRO C 3 78  ? -13.983 13.299  -6.059  1.00 75.46 ? 78   PRO C N     1 
ATOM   1175 C CA    . PRO C 3 78  ? -14.031 14.387  -7.049  1.00 74.59 ? 78   PRO C CA    1 
ATOM   1176 C C     . PRO C 3 78  ? -12.793 15.285  -7.021  1.00 73.67 ? 78   PRO C C     1 
ATOM   1177 O O     . PRO C 3 78  ? -11.804 14.982  -6.346  1.00 72.90 ? 78   PRO C O     1 
ATOM   1178 C CB    . PRO C 3 78  ? -15.314 15.228  -6.929  1.00 74.45 ? 78   PRO C CB    1 
ATOM   1179 N N     . GLU C 3 79  ? -12.837 16.360  -7.808  1.00 72.81 ? 79   GLU C N     1 
ATOM   1180 C CA    . GLU C 3 79  ? -11.744 17.331  -7.882  1.00 69.33 ? 79   GLU C CA    1 
ATOM   1181 C C     . GLU C 3 79  ? -11.846 18.252  -6.674  1.00 64.82 ? 79   GLU C C     1 
ATOM   1182 O O     . GLU C 3 79  ? -11.035 19.163  -6.489  1.00 63.26 ? 79   GLU C O     1 
ATOM   1183 C CB    . GLU C 3 79  ? -11.849 18.158  -9.165  1.00 71.92 ? 79   GLU C CB    1 
ATOM   1184 C CG    . GLU C 3 79  ? -13.142 18.968  -9.273  1.00 74.17 ? 79   GLU C CG    1 
ATOM   1185 C CD    . GLU C 3 79  ? -13.101 20.033  -10.358 1.00 76.44 ? 79   GLU C CD    1 
ATOM   1186 O OE1   . GLU C 3 79  ? -12.006 20.573  -10.643 1.00 77.79 ? 79   GLU C OE1   1 
ATOM   1187 O OE2   . GLU C 3 79  ? -14.171 20.347  -10.925 1.00 77.21 ? 79   GLU C OE2   1 
ATOM   1188 N N     . ILE C 3 80  ? -12.901 18.032  -5.892  1.00 60.09 ? 80   ILE C N     1 
ATOM   1189 C CA    . ILE C 3 80  ? -13.176 18.779  -4.676  1.00 56.58 ? 80   ILE C CA    1 
ATOM   1190 C C     . ILE C 3 80  ? -11.975 18.636  -3.751  1.00 56.37 ? 80   ILE C C     1 
ATOM   1191 O O     . ILE C 3 80  ? -11.517 19.612  -3.157  1.00 56.06 ? 80   ILE C O     1 
ATOM   1192 C CB    . ILE C 3 80  ? -14.430 18.208  -3.973  1.00 55.58 ? 80   ILE C CB    1 
ATOM   1193 C CG1   . ILE C 3 80  ? -15.655 18.339  -4.882  1.00 54.38 ? 80   ILE C CG1   1 
ATOM   1194 C CG2   . ILE C 3 80  ? -14.663 18.911  -2.649  1.00 56.04 ? 80   ILE C CG2   1 
ATOM   1195 C CD1   . ILE C 3 80  ? -16.898 17.641  -4.354  1.00 52.71 ? 80   ILE C CD1   1 
ATOM   1196 N N     . GLU C 3 81  ? -11.461 17.410  -3.652  1.00 56.33 ? 81   GLU C N     1 
ATOM   1197 C CA    . GLU C 3 81  ? -10.302 17.116  -2.811  1.00 56.62 ? 81   GLU C CA    1 
ATOM   1198 C C     . GLU C 3 81  ? -9.152  18.031  -3.211  1.00 58.39 ? 81   GLU C C     1 
ATOM   1199 O O     . GLU C 3 81  ? -8.455  18.586  -2.360  1.00 57.98 ? 81   GLU C O     1 
ATOM   1200 C CB    . GLU C 3 81  ? -9.895  15.653  -2.968  1.00 55.53 ? 81   GLU C CB    1 
ATOM   1201 N N     . ASN C 3 82  ? -8.998  18.221  -4.517  1.00 62.17 ? 82   ASN C N     1 
ATOM   1202 C CA    . ASN C 3 82  ? -7.947  19.068  -5.052  1.00 65.80 ? 82   ASN C CA    1 
ATOM   1203 C C     . ASN C 3 82  ? -8.173  20.515  -4.636  1.00 66.44 ? 82   ASN C C     1 
ATOM   1204 O O     . ASN C 3 82  ? -7.222  21.247  -4.376  1.00 66.43 ? 82   ASN C O     1 
ATOM   1205 C CB    . ASN C 3 82  ? -7.918  18.961  -6.576  1.00 70.08 ? 82   ASN C CB    1 
ATOM   1206 C CG    . ASN C 3 82  ? -6.509  18.857  -7.124  1.00 74.60 ? 82   ASN C CG    1 
ATOM   1207 O OD1   . ASN C 3 82  ? -5.654  19.696  -6.839  1.00 76.60 ? 82   ASN C OD1   1 
ATOM   1208 N ND2   . ASN C 3 82  ? -6.252  17.816  -7.904  1.00 76.03 ? 82   ASN C ND2   1 
ATOM   1209 N N     . ARG C 3 83  ? -9.438  20.916  -4.559  1.00 67.86 ? 83   ARG C N     1 
ATOM   1210 C CA    . ARG C 3 83  ? -9.792  22.277  -4.175  1.00 68.14 ? 83   ARG C CA    1 
ATOM   1211 C C     . ARG C 3 83  ? -9.513  22.505  -2.693  1.00 66.05 ? 83   ARG C C     1 
ATOM   1212 O O     . ARG C 3 83  ? -9.137  23.607  -2.285  1.00 64.64 ? 83   ARG C O     1 
ATOM   1213 C CB    . ARG C 3 83  ? -11.270 22.534  -4.463  1.00 70.63 ? 83   ARG C CB    1 
ATOM   1214 C CG    . ARG C 3 83  ? -11.616 23.993  -4.698  1.00 73.19 ? 83   ARG C CG    1 
ATOM   1215 C CD    . ARG C 3 83  ? -11.260 24.439  -6.124  1.00 76.22 ? 83   ARG C CD    1 
ATOM   1216 N NE    . ARG C 3 83  ? -10.094 25.323  -6.215  1.00 79.06 ? 83   ARG C NE    1 
ATOM   1217 C CZ    . ARG C 3 83  ? -9.807  26.313  -5.368  1.00 80.47 ? 83   ARG C CZ    1 
ATOM   1218 N NH1   . ARG C 3 83  ? -10.593 26.571  -4.328  1.00 80.93 ? 83   ARG C NH1   1 
ATOM   1219 N NH2   . ARG C 3 83  ? -8.750  27.084  -5.584  1.00 80.42 ? 83   ARG C NH2   1 
ATOM   1220 N N     . ILE C 3 84  ? -9.719  21.463  -1.892  1.00 64.80 ? 84   ILE C N     1 
ATOM   1221 C CA    . ILE C 3 84  ? -9.477  21.540  -0.459  1.00 65.04 ? 84   ILE C CA    1 
ATOM   1222 C C     . ILE C 3 84  ? -7.987  21.725  -0.207  1.00 68.90 ? 84   ILE C C     1 
ATOM   1223 O O     . ILE C 3 84  ? -7.595  22.457  0.702   1.00 69.91 ? 84   ILE C O     1 
ATOM   1224 C CB    . ILE C 3 84  ? -9.951  20.274  0.272   1.00 62.77 ? 84   ILE C CB    1 
ATOM   1225 C CG1   . ILE C 3 84  ? -11.446 20.054  0.047   1.00 61.60 ? 84   ILE C CG1   1 
ATOM   1226 C CG2   . ILE C 3 84  ? -9.690  20.403  1.763   1.00 62.71 ? 84   ILE C CG2   1 
ATOM   1227 C CD1   . ILE C 3 84  ? -11.978 18.785  0.682   1.00 59.03 ? 84   ILE C CD1   1 
ATOM   1228 N N     . GLU C 3 85  ? -7.156  21.074  -1.018  1.00 71.68 ? 85   GLU C N     1 
ATOM   1229 C CA    . GLU C 3 85  ? -5.715  21.211  -0.847  1.00 75.26 ? 85   GLU C CA    1 
ATOM   1230 C C     . GLU C 3 85  ? -5.287  22.602  -1.320  1.00 77.05 ? 85   GLU C C     1 
ATOM   1231 O O     . GLU C 3 85  ? -4.401  23.223  -0.731  1.00 77.90 ? 85   GLU C O     1 
ATOM   1232 C CB    . GLU C 3 85  ? -4.960  20.110  -1.604  1.00 77.65 ? 85   GLU C CB    1 
ATOM   1233 C CG    . GLU C 3 85  ? -4.795  20.346  -3.100  1.00 80.33 ? 85   GLU C CG    1 
ATOM   1234 C CD    . GLU C 3 85  ? -3.349  20.603  -3.504  1.00 81.72 ? 85   GLU C CD    1 
ATOM   1235 O OE1   . GLU C 3 85  ? -2.459  19.838  -3.069  1.00 82.96 ? 85   GLU C OE1   1 
ATOM   1236 O OE2   . GLU C 3 85  ? -3.096  21.566  -4.262  1.00 81.95 ? 85   GLU C OE2   1 
ATOM   1237 N N     . GLU C 3 86  ? -5.965  23.096  -2.357  1.00 78.13 ? 86   GLU C N     1 
ATOM   1238 C CA    . GLU C 3 86  ? -5.689  24.412  -2.938  1.00 77.79 ? 86   GLU C CA    1 
ATOM   1239 C C     . GLU C 3 86  ? -5.944  25.524  -1.923  1.00 74.97 ? 86   GLU C C     1 
ATOM   1240 O O     . GLU C 3 86  ? -5.435  26.641  -2.064  1.00 75.93 ? 86   GLU C O     1 
ATOM   1241 C CB    . GLU C 3 86  ? -6.563  24.622  -4.182  1.00 81.03 ? 86   GLU C CB    1 
ATOM   1242 C CG    . GLU C 3 86  ? -5.832  25.219  -5.386  1.00 84.18 ? 86   GLU C CG    1 
ATOM   1243 C CD    . GLU C 3 86  ? -6.615  25.068  -6.689  1.00 86.68 ? 86   GLU C CD    1 
ATOM   1244 O OE1   . GLU C 3 86  ? -7.175  23.973  -6.938  1.00 87.64 ? 86   GLU C OE1   1 
ATOM   1245 O OE2   . GLU C 3 86  ? -6.668  26.044  -7.473  1.00 87.60 ? 86   GLU C OE2   1 
ATOM   1246 N N     . TYR C 3 87  ? -6.731  25.206  -0.900  1.00 71.55 ? 87   TYR C N     1 
ATOM   1247 C CA    . TYR C 3 87  ? -7.051  26.166  0.152   1.00 69.58 ? 87   TYR C CA    1 
ATOM   1248 C C     . TYR C 3 87  ? -5.902  26.201  1.161   1.00 69.22 ? 87   TYR C C     1 
ATOM   1249 O O     . TYR C 3 87  ? -6.114  26.362  2.368   1.00 68.69 ? 87   TYR C O     1 
ATOM   1250 C CB    . TYR C 3 87  ? -8.350  25.785  0.832   1.00 68.38 ? 87   TYR C CB    1 
ATOM   1251 N N     . LYS C 3 88  ? -4.690  26.048  0.638   1.00 70.44 ? 88   LYS C N     1 
ATOM   1252 C CA    . LYS C 3 88  ? -3.465  26.050  1.431   1.00 73.33 ? 88   LYS C CA    1 
ATOM   1253 C C     . LYS C 3 88  ? -3.030  27.489  1.737   1.00 72.74 ? 88   LYS C C     1 
ATOM   1254 O O     . LYS C 3 88  ? -2.037  27.715  2.439   1.00 73.63 ? 88   LYS C O     1 
ATOM   1255 C CB    . LYS C 3 88  ? -2.342  25.354  0.646   1.00 72.56 ? 88   LYS C CB    1 
ATOM   1256 C CG    . LYS C 3 88  ? -1.854  26.171  -0.572  1.00 73.18 ? 88   LYS C CG    1 
ATOM   1257 C CD    . LYS C 3 88  ? -0.985  25.363  -1.551  1.00 74.28 ? 88   LYS C CD    1 
ATOM   1258 C CE    . LYS C 3 88  ? -1.807  24.337  -2.343  1.00 77.23 ? 88   LYS C CE    1 
ATOM   1259 N NZ    . LYS C 3 88  ? -1.068  23.743  -3.496  1.00 79.02 ? 88   LYS C NZ    1 
ATOM   1260 N N     . ARG C 3 89  ? -3.748  28.453  1.168   1.00 72.59 ? 89   ARG C N     1 
ATOM   1261 C CA    . ARG C 3 89  ? -3.436  29.866  1.397   1.00 73.11 ? 89   ARG C CA    1 
ATOM   1262 C C     . ARG C 3 89  ? -4.132  30.368  2.656   1.00 73.92 ? 89   ARG C C     1 
ATOM   1263 O O     . ARG C 3 89  ? -3.587  31.185  3.395   1.00 74.53 ? 89   ARG C O     1 
ATOM   1264 C CB    . ARG C 3 89  ? -3.840  30.702  0.191   1.00 71.48 ? 89   ARG C CB    1 
ATOM   1265 N N     . SER C 3 90  ? -5.323  29.837  2.923   1.00 73.74 ? 90   SER C N     1 
ATOM   1266 C CA    . SER C 3 90  ? -6.069  30.243  4.119   1.00 74.43 ? 90   SER C CA    1 
ATOM   1267 C C     . SER C 3 90  ? -5.543  29.400  5.283   1.00 75.72 ? 90   SER C C     1 
ATOM   1268 O O     . SER C 3 90  ? -5.395  29.905  6.392   1.00 75.62 ? 90   SER C O     1 
ATOM   1269 C CB    . SER C 3 90  ? -7.555  29.984  3.908   1.00 75.39 ? 90   SER C CB    1 
ATOM   1270 N N     . SER C 3 91  ? -5.170  28.150  4.950   1.00 77.00 ? 91   SER C N     1 
ATOM   1271 C CA    . SER C 3 91  ? -4.620  27.121  5.867   1.00 77.15 ? 91   SER C CA    1 
ATOM   1272 C C     . SER C 3 91  ? -4.801  27.224  7.389   1.00 77.02 ? 91   SER C C     1 
ATOM   1273 O O     . SER C 3 91  ? -5.746  26.651  7.946   1.00 76.57 ? 91   SER C O     1 
ATOM   1274 C CB    . SER C 3 91  ? -3.150  26.837  5.532   1.00 76.30 ? 91   SER C CB    1 
ATOM   1275 N N     . PRO C 3 92  ? -3.875  27.900  8.062   1.00 77.78 ? 92   PRO C N     1 
ATOM   1276 C CA    . PRO C 3 92  ? -3.958  28.064  9.509   1.00 78.78 ? 92   PRO C CA    1 
ATOM   1277 C C     . PRO C 3 92  ? -5.157  28.920  9.871   1.00 78.92 ? 92   PRO C C     1 
ATOM   1278 O O     . PRO C 3 92  ? -5.309  30.043  9.356   1.00 80.30 ? 92   PRO C O     1 
ATOM   1279 C CB    . PRO C 3 92  ? -2.658  28.710  10.042  1.00 79.14 ? 92   PRO C CB    1 
ATOM   1280 N N     . GLY C 3 93  ? -6.009  28.394  10.748  1.00 77.10 ? 93   GLY C N     1 
ATOM   1281 C CA    . GLY C 3 93  ? -7.196  29.142  11.145  1.00 73.65 ? 93   GLY C CA    1 
ATOM   1282 C C     . GLY C 3 93  ? -8.410  28.831  10.305  1.00 69.90 ? 93   GLY C C     1 
ATOM   1283 O O     . GLY C 3 93  ? -9.543  29.110  10.691  1.00 73.28 ? 93   GLY C O     1 
ATOM   1284 N N     . MET C 3 94  ? -8.149  28.323  9.102   1.00 61.25 ? 94   MET C N     1 
ATOM   1285 C CA    . MET C 3 94  ? -9.219  27.985  8.191   1.00 53.21 ? 94   MET C CA    1 
ATOM   1286 C C     . MET C 3 94  ? -9.933  26.764  8.755   1.00 45.66 ? 94   MET C C     1 
ATOM   1287 O O     . MET C 3 94  ? -9.445  25.638  8.674   1.00 41.42 ? 94   MET C O     1 
ATOM   1288 C CB    . MET C 3 94  ? -8.672  27.713  6.784   1.00 53.37 ? 94   MET C CB    1 
ATOM   1289 C CG    . MET C 3 94  ? -9.744  27.431  5.734   1.00 54.06 ? 94   MET C CG    1 
ATOM   1290 S SD    . MET C 3 94  ? -10.770 28.891  5.357   1.00 54.25 ? 94   MET C SD    1 
ATOM   1291 C CE    . MET C 3 94  ? -10.865 28.773  3.646   1.00 52.48 ? 94   MET C CE    1 
ATOM   1292 N N     . PHE C 3 95  ? -11.063 27.015  9.398   1.00 42.17 ? 95   PHE C N     1 
ATOM   1293 C CA    . PHE C 3 95  ? -11.857 25.962  10.009  1.00 39.30 ? 95   PHE C CA    1 
ATOM   1294 C C     . PHE C 3 95  ? -12.395 24.977  9.002   1.00 36.86 ? 95   PHE C C     1 
ATOM   1295 O O     . PHE C 3 95  ? -12.508 25.252  7.808   1.00 35.31 ? 95   PHE C O     1 
ATOM   1296 C CB    . PHE C 3 95  ? -13.027 26.549  10.798  1.00 42.22 ? 95   PHE C CB    1 
ATOM   1297 C CG    . PHE C 3 95  ? -12.640 27.106  12.126  1.00 44.27 ? 95   PHE C CG    1 
ATOM   1298 C CD1   . PHE C 3 95  ? -11.930 28.284  12.215  1.00 46.65 ? 95   PHE C CD1   1 
ATOM   1299 C CD2   . PHE C 3 95  ? -13.025 26.473  13.292  1.00 46.26 ? 95   PHE C CD2   1 
ATOM   1300 C CE1   . PHE C 3 95  ? -11.594 28.815  13.441  1.00 47.99 ? 95   PHE C CE1   1 
ATOM   1301 C CE2   . PHE C 3 95  ? -12.692 26.998  14.521  1.00 48.31 ? 95   PHE C CE2   1 
ATOM   1302 C CZ    . PHE C 3 95  ? -11.984 28.176  14.596  1.00 48.47 ? 95   PHE C CZ    1 
ATOM   1303 N N     . SER C 3 96  ? -12.750 23.821  9.528   1.00 35.87 ? 96   SER C N     1 
ATOM   1304 C CA    . SER C 3 96  ? -13.301 22.748  8.738   1.00 33.51 ? 96   SER C CA    1 
ATOM   1305 C C     . SER C 3 96  ? -14.634 23.207  8.136   1.00 31.90 ? 96   SER C C     1 
ATOM   1306 O O     . SER C 3 96  ? -14.856 23.085  6.930   1.00 32.02 ? 96   SER C O     1 
ATOM   1307 C CB    . SER C 3 96  ? -13.510 21.528  9.631   1.00 36.93 ? 96   SER C CB    1 
ATOM   1308 O OG    . SER C 3 96  ? -13.677 20.352  8.872   1.00 41.88 ? 96   SER C OG    1 
ATOM   1309 N N     . TRP C 3 97  ? -15.494 23.791  8.967   1.00 29.65 ? 97   TRP C N     1 
ATOM   1310 C CA    . TRP C 3 97  ? -16.789 24.268  8.495   1.00 26.54 ? 97   TRP C CA    1 
ATOM   1311 C C     . TRP C 3 97  ? -16.635 25.422  7.504   1.00 27.64 ? 97   TRP C C     1 
ATOM   1312 O O     . TRP C 3 97  ? -17.438 25.563  6.583   1.00 30.18 ? 97   TRP C O     1 
ATOM   1313 C CB    . TRP C 3 97  ? -17.709 24.659  9.667   1.00 23.32 ? 97   TRP C CB    1 
ATOM   1314 C CG    . TRP C 3 97  ? -17.337 25.927  10.386  1.00 19.53 ? 97   TRP C CG    1 
ATOM   1315 C CD1   . TRP C 3 97  ? -16.587 26.038  11.520  1.00 18.99 ? 97   TRP C CD1   1 
ATOM   1316 C CD2   . TRP C 3 97  ? -17.676 27.261  9.995   1.00 16.16 ? 97   TRP C CD2   1 
ATOM   1317 N NE1   . TRP C 3 97  ? -16.431 27.363  11.853  1.00 16.81 ? 97   TRP C NE1   1 
ATOM   1318 C CE2   . TRP C 3 97  ? -17.094 28.134  10.937  1.00 14.50 ? 97   TRP C CE2   1 
ATOM   1319 C CE3   . TRP C 3 97  ? -18.423 27.806  8.947   1.00 14.50 ? 97   TRP C CE3   1 
ATOM   1320 C CZ2   . TRP C 3 97  ? -17.216 29.515  10.847  1.00 13.54 ? 97   TRP C CZ2   1 
ATOM   1321 C CZ3   . TRP C 3 97  ? -18.545 29.176  8.860   1.00 12.74 ? 97   TRP C CZ3   1 
ATOM   1322 C CH2   . TRP C 3 97  ? -17.952 30.014  9.807   1.00 12.14 ? 97   TRP C CH2   1 
ATOM   1323 N N     . GLU C 3 98  ? -15.599 26.237  7.687   1.00 26.20 ? 98   GLU C N     1 
ATOM   1324 C CA    . GLU C 3 98  ? -15.355 27.363  6.791   1.00 25.63 ? 98   GLU C CA    1 
ATOM   1325 C C     . GLU C 3 98  ? -15.065 26.875  5.382   1.00 24.48 ? 98   GLU C C     1 
ATOM   1326 O O     . GLU C 3 98  ? -15.526 27.468  4.406   1.00 23.23 ? 98   GLU C O     1 
ATOM   1327 C CB    . GLU C 3 98  ? -14.183 28.203  7.283   1.00 29.90 ? 98   GLU C CB    1 
ATOM   1328 C CG    . GLU C 3 98  ? -14.453 28.970  8.563   1.00 34.74 ? 98   GLU C CG    1 
ATOM   1329 C CD    . GLU C 3 98  ? -13.280 29.840  8.983   1.00 39.71 ? 98   GLU C CD    1 
ATOM   1330 O OE1   . GLU C 3 98  ? -12.166 29.652  8.452   1.00 42.42 ? 98   GLU C OE1   1 
ATOM   1331 O OE2   . GLU C 3 98  ? -13.472 30.718  9.851   1.00 42.83 ? 98   GLU C OE2   1 
ATOM   1332 N N     . ILE C 3 99  ? -14.292 25.797  5.286   1.00 23.38 ? 99   ILE C N     1 
ATOM   1333 C CA    . ILE C 3 99  ? -13.939 25.206  3.999   1.00 23.28 ? 99   ILE C CA    1 
ATOM   1334 C C     . ILE C 3 99  ? -15.204 24.793  3.256   1.00 25.84 ? 99   ILE C C     1 
ATOM   1335 O O     . ILE C 3 99  ? -15.364 25.087  2.071   1.00 27.05 ? 99   ILE C O     1 
ATOM   1336 C CB    . ILE C 3 99  ? -13.048 23.956  4.178   1.00 20.17 ? 99   ILE C CB    1 
ATOM   1337 C CG1   . ILE C 3 99  ? -11.723 24.341  4.832   1.00 20.21 ? 99   ILE C CG1   1 
ATOM   1338 C CG2   . ILE C 3 99  ? -12.803 23.279  2.836   1.00 17.59 ? 99   ILE C CG2   1 
ATOM   1339 C CD1   . ILE C 3 99  ? -10.811 23.161  5.087   1.00 19.93 ? 99   ILE C CD1   1 
ATOM   1340 N N     . ARG C 3 100 ? -16.112 24.136  3.971   1.00 26.21 ? 100  ARG C N     1 
ATOM   1341 C CA    . ARG C 3 100 ? -17.366 23.673  3.390   1.00 28.83 ? 100  ARG C CA    1 
ATOM   1342 C C     . ARG C 3 100 ? -18.174 24.809  2.772   1.00 30.80 ? 100  ARG C C     1 
ATOM   1343 O O     . ARG C 3 100 ? -18.782 24.639  1.716   1.00 31.44 ? 100  ARG C O     1 
ATOM   1344 C CB    . ARG C 3 100 ? -18.210 22.973  4.451   1.00 29.78 ? 100  ARG C CB    1 
ATOM   1345 C CG    . ARG C 3 100 ? -19.409 22.242  3.892   1.00 32.75 ? 100  ARG C CG    1 
ATOM   1346 C CD    . ARG C 3 100 ? -20.227 21.629  4.999   1.00 35.92 ? 100  ARG C CD    1 
ATOM   1347 N NE    . ARG C 3 100 ? -21.191 20.666  4.482   1.00 40.63 ? 100  ARG C NE    1 
ATOM   1348 C CZ    . ARG C 3 100 ? -22.157 20.118  5.207   1.00 45.82 ? 100  ARG C CZ    1 
ATOM   1349 N NH1   . ARG C 3 100 ? -22.299 20.441  6.486   1.00 49.30 ? 100  ARG C NH1   1 
ATOM   1350 N NH2   . ARG C 3 100 ? -22.966 19.222  4.658   1.00 48.55 ? 100  ARG C NH2   1 
ATOM   1351 N N     . GLU C 3 101 ? -18.182 25.962  3.438   1.00 31.69 ? 101  GLU C N     1 
ATOM   1352 C CA    . GLU C 3 101 ? -18.919 27.119  2.947   1.00 32.71 ? 101  GLU C CA    1 
ATOM   1353 C C     . GLU C 3 101 ? -18.276 27.718  1.699   1.00 32.01 ? 101  GLU C C     1 
ATOM   1354 O O     . GLU C 3 101 ? -18.979 28.100  0.765   1.00 33.73 ? 101  GLU C O     1 
ATOM   1355 C CB    . GLU C 3 101 ? -19.057 28.180  4.041   1.00 34.55 ? 101  GLU C CB    1 
ATOM   1356 C CG    . GLU C 3 101 ? -19.901 27.744  5.242   1.00 36.68 ? 101  GLU C CG    1 
ATOM   1357 C CD    . GLU C 3 101 ? -21.343 27.400  4.878   1.00 37.44 ? 101  GLU C CD    1 
ATOM   1358 O OE1   . GLU C 3 101 ? -22.064 28.293  4.387   1.00 39.87 ? 101  GLU C OE1   1 
ATOM   1359 O OE2   . GLU C 3 101 ? -21.758 26.239  5.098   1.00 36.12 ? 101  GLU C OE2   1 
ATOM   1360 N N     . LYS C 3 102 ? -16.947 27.790  1.683   1.00 29.60 ? 102  LYS C N     1 
ATOM   1361 C CA    . LYS C 3 102 ? -16.214 28.332  0.537   1.00 30.36 ? 102  LYS C CA    1 
ATOM   1362 C C     . LYS C 3 102 ? -16.360 27.433  -0.700  1.00 30.58 ? 102  LYS C C     1 
ATOM   1363 O O     . LYS C 3 102 ? -16.293 27.901  -1.836  1.00 29.79 ? 102  LYS C O     1 
ATOM   1364 C CB    . LYS C 3 102 ? -14.732 28.492  0.887   1.00 31.87 ? 102  LYS C CB    1 
ATOM   1365 C CG    . LYS C 3 102 ? -13.842 28.858  -0.295  1.00 34.01 ? 102  LYS C CG    1 
ATOM   1366 C CD    . LYS C 3 102 ? -12.405 28.435  -0.047  1.00 35.45 ? 102  LYS C CD    1 
ATOM   1367 C CE    . LYS C 3 102 ? -11.780 27.821  -1.294  1.00 36.03 ? 102  LYS C CE    1 
ATOM   1368 N NZ    . LYS C 3 102 ? -12.488 26.589  -1.755  1.00 32.65 ? 102  LYS C NZ    1 
ATOM   1369 N N     . LEU C 3 103 ? -16.567 26.142  -0.461  1.00 30.04 ? 103  LEU C N     1 
ATOM   1370 C CA    . LEU C 3 103 ? -16.730 25.156  -1.524  1.00 26.77 ? 103  LEU C CA    1 
ATOM   1371 C C     . LEU C 3 103 ? -18.062 25.350  -2.243  1.00 26.98 ? 103  LEU C C     1 
ATOM   1372 O O     . LEU C 3 103 ? -18.201 25.032  -3.424  1.00 25.56 ? 103  LEU C O     1 
ATOM   1373 C CB    . LEU C 3 103 ? -16.692 23.757  -0.915  1.00 27.56 ? 103  LEU C CB    1 
ATOM   1374 C CG    . LEU C 3 103 ? -15.712 22.719  -1.452  1.00 27.92 ? 103  LEU C CG    1 
ATOM   1375 C CD1   . LEU C 3 103 ? -14.292 23.276  -1.497  1.00 26.73 ? 103  LEU C CD1   1 
ATOM   1376 C CD2   . LEU C 3 103 ? -15.791 21.496  -0.553  1.00 26.70 ? 103  LEU C CD2   1 
ATOM   1377 N N     . ILE C 3 104 ? -19.042 25.866  -1.510  1.00 27.12 ? 104  ILE C N     1 
ATOM   1378 C CA    . ILE C 3 104 ? -20.370 26.101  -2.052  1.00 26.81 ? 104  ILE C CA    1 
ATOM   1379 C C     . ILE C 3 104 ? -20.459 27.374  -2.902  1.00 32.14 ? 104  ILE C C     1 
ATOM   1380 O O     . ILE C 3 104 ? -20.861 27.315  -4.068  1.00 34.76 ? 104  ILE C O     1 
ATOM   1381 C CB    . ILE C 3 104 ? -21.416 26.119  -0.916  1.00 21.42 ? 104  ILE C CB    1 
ATOM   1382 C CG1   . ILE C 3 104 ? -21.479 24.737  -0.266  1.00 17.76 ? 104  ILE C CG1   1 
ATOM   1383 C CG2   . ILE C 3 104 ? -22.781 26.521  -1.445  1.00 18.58 ? 104  ILE C CG2   1 
ATOM   1384 C CD1   . ILE C 3 104 ? -22.368 24.669  0.940   1.00 18.72 ? 104  ILE C CD1   1 
ATOM   1385 N N     . ARG C 3 105 ? -20.041 28.510  -2.346  1.00 35.33 ? 105  ARG C N     1 
ATOM   1386 C CA    . ARG C 3 105 ? -20.110 29.775  -3.079  1.00 41.15 ? 105  ARG C CA    1 
ATOM   1387 C C     . ARG C 3 105 ? -19.119 29.933  -4.234  1.00 39.55 ? 105  ARG C C     1 
ATOM   1388 O O     . ARG C 3 105 ? -19.237 30.870  -5.025  1.00 36.25 ? 105  ARG C O     1 
ATOM   1389 C CB    . ARG C 3 105 ? -20.034 30.974  -2.123  1.00 46.82 ? 105  ARG C CB    1 
ATOM   1390 C CG    . ARG C 3 105 ? -18.681 31.231  -1.479  1.00 52.93 ? 105  ARG C CG    1 
ATOM   1391 C CD    . ARG C 3 105 ? -18.809 32.275  -0.381  1.00 58.90 ? 105  ARG C CD    1 
ATOM   1392 N NE    . ARG C 3 105 ? -19.760 31.842  0.643   1.00 65.09 ? 105  ARG C NE    1 
ATOM   1393 C CZ    . ARG C 3 105 ? -19.829 32.343  1.874   1.00 66.92 ? 105  ARG C CZ    1 
ATOM   1394 N NH1   . ARG C 3 105 ? -19.003 33.310  2.254   1.00 67.72 ? 105  ARG C NH1   1 
ATOM   1395 N NH2   . ARG C 3 105 ? -20.727 31.865  2.728   1.00 66.73 ? 105  ARG C NH2   1 
ATOM   1396 N N     . GLU C 3 106 ? -18.143 29.033  -4.319  1.00 41.74 ? 106  GLU C N     1 
ATOM   1397 C CA    . GLU C 3 106 ? -17.161 29.073  -5.399  1.00 45.02 ? 106  GLU C CA    1 
ATOM   1398 C C     . GLU C 3 106 ? -17.706 28.378  -6.642  1.00 46.31 ? 106  GLU C C     1 
ATOM   1399 O O     . GLU C 3 106 ? -17.277 28.669  -7.760  1.00 49.52 ? 106  GLU C O     1 
ATOM   1400 C CB    . GLU C 3 106 ? -15.836 28.423  -4.987  1.00 46.87 ? 106  GLU C CB    1 
ATOM   1401 C CG    . GLU C 3 106 ? -14.831 29.370  -4.332  1.00 49.00 ? 106  GLU C CG    1 
ATOM   1402 C CD    . GLU C 3 106 ? -13.398 28.857  -4.415  1.00 51.10 ? 106  GLU C CD    1 
ATOM   1403 O OE1   . GLU C 3 106 ? -13.198 27.626  -4.520  1.00 51.45 ? 106  GLU C OE1   1 
ATOM   1404 O OE2   . GLU C 3 106 ? -12.466 29.689  -4.381  1.00 52.17 ? 106  GLU C OE2   1 
ATOM   1405 N N     . GLY C 3 107 ? -18.636 27.446  -6.439  1.00 46.15 ? 107  GLY C N     1 
ATOM   1406 C CA    . GLY C 3 107 ? -19.237 26.733  -7.554  1.00 46.11 ? 107  GLY C CA    1 
ATOM   1407 C C     . GLY C 3 107 ? -18.890 25.262  -7.662  1.00 44.68 ? 107  GLY C C     1 
ATOM   1408 O O     . GLY C 3 107 ? -19.616 24.491  -8.292  1.00 44.61 ? 107  GLY C O     1 
ATOM   1409 N N     . VAL C 3 108 ? -17.788 24.873  -7.033  1.00 43.54 ? 108  VAL C N     1 
ATOM   1410 C CA    . VAL C 3 108 ? -17.325 23.487  -7.060  1.00 43.93 ? 108  VAL C CA    1 
ATOM   1411 C C     . VAL C 3 108 ? -18.295 22.487  -6.428  1.00 45.25 ? 108  VAL C C     1 
ATOM   1412 O O     . VAL C 3 108 ? -18.445 21.368  -6.921  1.00 44.56 ? 108  VAL C O     1 
ATOM   1413 C CB    . VAL C 3 108 ? -15.886 23.347  -6.449  1.00 43.80 ? 108  VAL C CB    1 
ATOM   1414 C CG1   . VAL C 3 108 ? -15.559 24.536  -5.562  1.00 42.90 ? 108  VAL C CG1   1 
ATOM   1415 C CG2   . VAL C 3 108 ? -15.737 22.048  -5.661  1.00 44.37 ? 108  VAL C CG2   1 
ATOM   1416 N N     . CYS C 3 109 ? -19.002 22.907  -5.386  1.00 48.18 ? 109  CYS C N     1 
ATOM   1417 C CA    . CYS C 3 109 ? -19.924 22.000  -4.719  1.00 52.79 ? 109  CYS C CA    1 
ATOM   1418 C C     . CYS C 3 109 ? -21.323 22.573  -4.495  1.00 53.93 ? 109  CYS C C     1 
ATOM   1419 O O     . CYS C 3 109 ? -21.506 23.788  -4.408  1.00 52.89 ? 109  CYS C O     1 
ATOM   1420 C CB    . CYS C 3 109 ? -19.314 21.546  -3.396  1.00 56.81 ? 109  CYS C CB    1 
ATOM   1421 S SG    . CYS C 3 109 ? -19.985 20.006  -2.787  1.00 64.98 ? 109  CYS C SG    1 
ATOM   1422 N N     . ASP C 3 110 ? -22.307 21.681  -4.423  1.00 57.47 ? 110  ASP C N     1 
ATOM   1423 C CA    . ASP C 3 110 ? -23.706 22.055  -4.215  1.00 62.21 ? 110  ASP C CA    1 
ATOM   1424 C C     . ASP C 3 110 ? -24.048 21.884  -2.731  1.00 64.51 ? 110  ASP C C     1 
ATOM   1425 O O     . ASP C 3 110 ? -23.277 21.299  -1.971  1.00 64.53 ? 110  ASP C O     1 
ATOM   1426 C CB    . ASP C 3 110 ? -24.620 21.166  -5.081  1.00 64.08 ? 110  ASP C CB    1 
ATOM   1427 C CG    . ASP C 3 110 ? -25.973 21.809  -5.395  1.00 65.18 ? 110  ASP C CG    1 
ATOM   1428 O OD1   . ASP C 3 110 ? -26.922 21.649  -4.595  1.00 65.06 ? 110  ASP C OD1   1 
ATOM   1429 O OD2   . ASP C 3 110 ? -26.091 22.448  -6.466  1.00 65.54 ? 110  ASP C OD2   1 
ATOM   1430 N N     . ARG C 3 111 ? -25.205 22.407  -2.333  1.00 67.78 ? 111  ARG C N     1 
ATOM   1431 C CA    . ARG C 3 111 ? -25.678 22.327  -0.952  1.00 70.13 ? 111  ARG C CA    1 
ATOM   1432 C C     . ARG C 3 111 ? -26.022 20.878  -0.598  1.00 70.17 ? 111  ARG C C     1 
ATOM   1433 O O     . ARG C 3 111 ? -25.728 20.403  0.502   1.00 69.74 ? 111  ARG C O     1 
ATOM   1434 C CB    . ARG C 3 111 ? -26.921 23.215  -0.780  1.00 71.71 ? 111  ARG C CB    1 
ATOM   1435 C CG    . ARG C 3 111 ? -26.701 24.702  -1.079  1.00 71.64 ? 111  ARG C CG    1 
ATOM   1436 C CD    . ARG C 3 111 ? -25.992 25.437  0.059   1.00 71.36 ? 111  ARG C CD    1 
ATOM   1437 N NE    . ARG C 3 111 ? -26.852 25.659  1.223   1.00 71.32 ? 111  ARG C NE    1 
ATOM   1438 C CZ    . ARG C 3 111 ? -26.774 26.720  2.025   1.00 70.47 ? 111  ARG C CZ    1 
ATOM   1439 N NH1   . ARG C 3 111 ? -25.872 27.668  1.791   1.00 69.45 ? 111  ARG C NH1   1 
ATOM   1440 N NH2   . ARG C 3 111 ? -27.594 26.835  3.063   1.00 69.56 ? 111  ARG C NH2   1 
ATOM   1441 N N     . SER C 3 112 ? -26.612 20.177  -1.563  1.00 70.84 ? 112  SER C N     1 
ATOM   1442 C CA    . SER C 3 112 ? -27.022 18.785  -1.399  1.00 70.74 ? 112  SER C CA    1 
ATOM   1443 C C     . SER C 3 112 ? -25.836 17.816  -1.435  1.00 67.73 ? 112  SER C C     1 
ATOM   1444 O O     . SER C 3 112 ? -25.819 16.820  -0.714  1.00 67.85 ? 112  SER C O     1 
ATOM   1445 C CB    . SER C 3 112 ? -28.035 18.418  -2.491  1.00 72.77 ? 112  SER C CB    1 
ATOM   1446 O OG    . SER C 3 112 ? -28.579 17.122  -2.301  1.00 74.63 ? 112  SER C OG    1 
ATOM   1447 N N     . THR C 3 113 ? -24.839 18.130  -2.259  1.00 64.02 ? 113  THR C N     1 
ATOM   1448 C CA    . THR C 3 113 ? -23.670 17.267  -2.414  1.00 62.01 ? 113  THR C CA    1 
ATOM   1449 C C     . THR C 3 113 ? -22.413 17.752  -1.678  1.00 59.88 ? 113  THR C C     1 
ATOM   1450 O O     . THR C 3 113 ? -21.294 17.499  -2.127  1.00 59.81 ? 113  THR C O     1 
ATOM   1451 C CB    . THR C 3 113 ? -23.333 17.086  -3.907  1.00 63.14 ? 113  THR C CB    1 
ATOM   1452 O OG1   . THR C 3 113 ? -22.887 18.335  -4.450  1.00 63.80 ? 113  THR C OG1   1 
ATOM   1453 C CG2   . THR C 3 113 ? -24.565 16.623  -4.682  1.00 64.52 ? 113  THR C CG2   1 
ATOM   1454 N N     . ALA C 3 114 ? -22.593 18.402  -0.533  1.00 57.03 ? 114  ALA C N     1 
ATOM   1455 C CA    . ALA C 3 114 ? -21.461 18.922  0.234   1.00 53.11 ? 114  ALA C CA    1 
ATOM   1456 C C     . ALA C 3 114 ? -20.972 17.951  1.296   1.00 49.84 ? 114  ALA C C     1 
ATOM   1457 O O     . ALA C 3 114 ? -21.772 17.355  2.020   1.00 53.15 ? 114  ALA C O     1 
ATOM   1458 C CB    . ALA C 3 114 ? -21.825 20.253  0.874   1.00 54.99 ? 114  ALA C CB    1 
ATOM   1459 N N     . PRO C 3 115 ? -19.641 17.778  1.403   1.00 44.83 ? 115  PRO C N     1 
ATOM   1460 C CA    . PRO C 3 115 ? -19.018 16.878  2.380   1.00 41.51 ? 115  PRO C CA    1 
ATOM   1461 C C     . PRO C 3 115 ? -19.219 17.414  3.789   1.00 40.01 ? 115  PRO C C     1 
ATOM   1462 O O     . PRO C 3 115 ? -19.253 18.624  3.990   1.00 43.09 ? 115  PRO C O     1 
ATOM   1463 C CB    . PRO C 3 115 ? -17.538 16.927  1.990   1.00 41.05 ? 115  PRO C CB    1 
ATOM   1464 C CG    . PRO C 3 115 ? -17.559 17.310  0.543   1.00 41.79 ? 115  PRO C CG    1 
ATOM   1465 C CD    . PRO C 3 115 ? -18.619 18.369  0.525   1.00 43.50 ? 115  PRO C CD    1 
ATOM   1466 N N     . SER C 3 116 ? -19.368 16.518  4.760   1.00 37.98 ? 116  SER C N     1 
ATOM   1467 C CA    . SER C 3 116 ? -19.554 16.932  6.147   1.00 39.22 ? 116  SER C CA    1 
ATOM   1468 C C     . SER C 3 116 ? -18.257 17.545  6.652   1.00 39.37 ? 116  SER C C     1 
ATOM   1469 O O     . SER C 3 116 ? -17.176 17.184  6.182   1.00 41.23 ? 116  SER C O     1 
ATOM   1470 C CB    . SER C 3 116 ? -19.919 15.730  7.017   1.00 41.34 ? 116  SER C CB    1 
ATOM   1471 O OG    . SER C 3 116 ? -18.828 14.833  7.123   1.00 42.82 ? 116  SER C OG    1 
ATOM   1472 N N     . VAL C 3 117 ? -18.356 18.452  7.619   1.00 37.79 ? 117  VAL C N     1 
ATOM   1473 C CA    . VAL C 3 117 ? -17.163 19.092  8.163   1.00 36.01 ? 117  VAL C CA    1 
ATOM   1474 C C     . VAL C 3 117 ? -16.255 18.039  8.789   1.00 34.91 ? 117  VAL C C     1 
ATOM   1475 O O     . VAL C 3 117 ? -15.040 18.195  8.814   1.00 35.73 ? 117  VAL C O     1 
ATOM   1476 C CB    . VAL C 3 117 ? -17.502 20.194  9.204   1.00 36.56 ? 117  VAL C CB    1 
ATOM   1477 C CG1   . VAL C 3 117 ? -18.752 20.962  8.786   1.00 35.68 ? 117  VAL C CG1   1 
ATOM   1478 C CG2   . VAL C 3 117 ? -17.651 19.609  10.582  1.00 37.05 ? 117  VAL C CG2   1 
ATOM   1479 N N     . SER C 3 118 ? -16.851 16.953  9.272   1.00 35.31 ? 118  SER C N     1 
ATOM   1480 C CA    . SER C 3 118 ? -16.086 15.876  9.879   1.00 36.04 ? 118  SER C CA    1 
ATOM   1481 C C     . SER C 3 118 ? -15.234 15.206  8.814   1.00 35.02 ? 118  SER C C     1 
ATOM   1482 O O     . SER C 3 118 ? -14.047 14.962  9.016   1.00 35.76 ? 118  SER C O     1 
ATOM   1483 C CB    . SER C 3 118 ? -17.022 14.848  10.508  1.00 38.07 ? 118  SER C CB    1 
ATOM   1484 O OG    . SER C 3 118 ? -16.284 13.821  11.148  1.00 44.51 ? 118  SER C OG    1 
ATOM   1485 N N     . ALA C 3 119 ? -15.848 14.930  7.671   1.00 35.10 ? 119  ALA C N     1 
ATOM   1486 C CA    . ALA C 3 119 ? -15.150 14.297  6.564   1.00 35.90 ? 119  ALA C CA    1 
ATOM   1487 C C     . ALA C 3 119 ? -14.014 15.193  6.085   1.00 38.55 ? 119  ALA C C     1 
ATOM   1488 O O     . ALA C 3 119 ? -12.922 14.709  5.784   1.00 41.24 ? 119  ALA C O     1 
ATOM   1489 C CB    . ALA C 3 119 ? -16.117 14.007  5.430   1.00 34.08 ? 119  ALA C CB    1 
ATOM   1490 N N     . ILE C 3 120 ? -14.263 16.500  6.044   1.00 40.06 ? 120  ILE C N     1 
ATOM   1491 C CA    . ILE C 3 120 ? -13.247 17.457  5.609   1.00 40.87 ? 120  ILE C CA    1 
ATOM   1492 C C     . ILE C 3 120 ? -12.098 17.469  6.610   1.00 43.22 ? 120  ILE C C     1 
ATOM   1493 O O     . ILE C 3 120 ? -10.944 17.654  6.228   1.00 44.65 ? 120  ILE C O     1 
ATOM   1494 C CB    . ILE C 3 120 ? -13.813 18.893  5.475   1.00 40.71 ? 120  ILE C CB    1 
ATOM   1495 C CG1   . ILE C 3 120 ? -14.956 18.916  4.463   1.00 40.39 ? 120  ILE C CG1   1 
ATOM   1496 C CG2   . ILE C 3 120 ? -12.713 19.866  5.037   1.00 39.09 ? 120  ILE C CG2   1 
ATOM   1497 C CD1   . ILE C 3 120 ? -15.552 20.289  4.258   1.00 40.32 ? 120  ILE C CD1   1 
ATOM   1498 N N     . SER C 3 121 ? -12.421 17.282  7.889   1.00 44.34 ? 121  SER C N     1 
ATOM   1499 C CA    . SER C 3 121 ? -11.403 17.251  8.932   1.00 45.33 ? 121  SER C CA    1 
ATOM   1500 C C     . SER C 3 121 ? -10.496 16.049  8.678   1.00 46.16 ? 121  SER C C     1 
ATOM   1501 O O     . SER C 3 121 ? -9.271  16.149  8.775   1.00 46.72 ? 121  SER C O     1 
ATOM   1502 C CB    . SER C 3 121 ? -12.047 17.148  10.319  1.00 43.97 ? 121  SER C CB    1 
ATOM   1503 O OG    . SER C 3 121 ? -12.698 18.356  10.670  1.00 43.86 ? 121  SER C OG    1 
ATOM   1504 N N     . ARG C 3 122 ? -11.114 14.939  8.281   1.00 45.83 ? 122  ARG C N     1 
ATOM   1505 C CA    . ARG C 3 122 ? -10.404 13.699  7.992   1.00 47.80 ? 122  ARG C CA    1 
ATOM   1506 C C     . ARG C 3 122 ? -9.505  13.867  6.773   1.00 50.67 ? 122  ARG C C     1 
ATOM   1507 O O     . ARG C 3 122 ? -8.387  13.359  6.739   1.00 53.69 ? 122  ARG C O     1 
ATOM   1508 C CB    . ARG C 3 122 ? -11.401 12.574  7.753   1.00 46.78 ? 122  ARG C CB    1 
ATOM   1509 N N     . LEU C 3 123 ? -9.997  14.601  5.781   1.00 52.25 ? 123  LEU C N     1 
ATOM   1510 C CA    . LEU C 3 123 ? -9.254  14.840  4.550   1.00 52.41 ? 123  LEU C CA    1 
ATOM   1511 C C     . LEU C 3 123 ? -8.154  15.884  4.735   1.00 51.59 ? 123  LEU C C     1 
ATOM   1512 O O     . LEU C 3 123 ? -7.118  15.825  4.073   1.00 52.05 ? 123  LEU C O     1 
ATOM   1513 C CB    . LEU C 3 123 ? -10.221 15.262  3.438   1.00 52.63 ? 123  LEU C CB    1 
ATOM   1514 C CG    . LEU C 3 123 ? -10.384 14.337  2.222   1.00 52.55 ? 123  LEU C CG    1 
ATOM   1515 C CD1   . LEU C 3 123 ? -9.321  14.638  1.180   1.00 52.84 ? 123  LEU C CD1   1 
ATOM   1516 C CD2   . LEU C 3 123 ? -10.353 12.864  2.633   1.00 52.32 ? 123  LEU C CD2   1 
ATOM   1517 N N     . VAL C 3 124 ? -8.381  16.816  5.659   1.00 51.33 ? 124  VAL C N     1 
ATOM   1518 C CA    . VAL C 3 124 ? -7.436  17.892  5.952   1.00 51.59 ? 124  VAL C CA    1 
ATOM   1519 C C     . VAL C 3 124 ? -6.498  17.509  7.095   1.00 52.92 ? 124  VAL C C     1 
ATOM   1520 O O     . VAL C 3 124 ? -5.395  17.014  6.868   1.00 54.45 ? 124  VAL C O     1 
ATOM   1521 C CB    . VAL C 3 124 ? -8.190  19.174  6.301   1.00 49.74 ? 124  VAL C CB    1 
HETATM 1522 O O     . HOH D 4 .   ? 20.226  -12.491 -8.031  1.00 28.94 ? 1004 HOH B O     1 
HETATM 1523 O O     . HOH D 4 .   ? 30.434  -6.100  -3.407  1.00 46.37 ? 1005 HOH B O     1 
HETATM 1524 O O     . HOH D 4 .   ? 29.358  2.137   6.446   1.00 45.17 ? 1006 HOH B O     1 
HETATM 1525 O O     . HOH D 4 .   ? 12.844  -17.601 -7.956  1.00 18.09 ? 1007 HOH B O     1 
HETATM 1526 O O     . HOH D 4 .   ? 6.043   -10.213 -1.086  1.00 46.59 ? 1010 HOH B O     1 
HETATM 1527 O O     . HOH D 4 .   ? 12.425  -6.212  -2.770  1.00 42.48 ? 1012 HOH B O     1 
HETATM 1528 O O     . HOH D 4 .   ? 10.087  -3.857  -3.271  1.00 36.73 ? 1013 HOH B O     1 
HETATM 1529 O O     . HOH E 4 .   ? 23.430  -14.447 0.729   1.00 25.29 ? 1001 HOH C O     1 
HETATM 1530 O O     . HOH E 4 .   ? 21.073  -13.750 -4.479  1.00 15.03 ? 1002 HOH C O     1 
HETATM 1531 O O     . HOH E 4 .   ? 18.714  -13.443 3.233   1.00 33.57 ? 1003 HOH C O     1 
HETATM 1532 O O     . HOH E 4 .   ? 0.134   -16.954 6.587   1.00 34.03 ? 1008 HOH C O     1 
HETATM 1533 O O     . HOH E 4 .   ? 1.914   -23.052 -4.305  1.00 26.87 ? 1009 HOH C O     1 
HETATM 1534 O O     . HOH E 4 .   ? 5.913   -12.873 4.366   1.00 23.21 ? 1011 HOH C O     1 
# 
